data_6V9B
# 
_entry.id   6V9B 
# 
_audit_conform.dict_name       mmcif_pdbx.dic 
_audit_conform.dict_version    5.387 
_audit_conform.dict_location   http://mmcif.pdb.org/dictionaries/ascii/mmcif_pdbx.dic 
# 
loop_
_database_2.database_id 
_database_2.database_code 
_database_2.pdbx_database_accession 
_database_2.pdbx_DOI 
PDB   6V9B         pdb_00006v9b 10.2210/pdb6v9b/pdb 
WWPDB D_1000246020 ?            ?                   
# 
loop_
_pdbx_audit_revision_history.ordinal 
_pdbx_audit_revision_history.data_content_type 
_pdbx_audit_revision_history.major_revision 
_pdbx_audit_revision_history.minor_revision 
_pdbx_audit_revision_history.revision_date 
1 'Structure model' 1 0 2020-05-20 
2 'Structure model' 1 1 2020-07-22 
3 'Structure model' 1 2 2024-03-06 
# 
_pdbx_audit_revision_details.ordinal             1 
_pdbx_audit_revision_details.revision_ordinal    1 
_pdbx_audit_revision_details.data_content_type   'Structure model' 
_pdbx_audit_revision_details.provider            repository 
_pdbx_audit_revision_details.type                'Initial release' 
_pdbx_audit_revision_details.description         ? 
_pdbx_audit_revision_details.details             ? 
# 
loop_
_pdbx_audit_revision_group.ordinal 
_pdbx_audit_revision_group.revision_ordinal 
_pdbx_audit_revision_group.data_content_type 
_pdbx_audit_revision_group.group 
1 2 'Structure model' 'Database references' 
2 3 'Structure model' 'Data collection'     
3 3 'Structure model' 'Database references' 
# 
loop_
_pdbx_audit_revision_category.ordinal 
_pdbx_audit_revision_category.revision_ordinal 
_pdbx_audit_revision_category.data_content_type 
_pdbx_audit_revision_category.category 
1 2 'Structure model' citation       
2 3 'Structure model' chem_comp_atom 
3 3 'Structure model' chem_comp_bond 
4 3 'Structure model' database_2     
# 
loop_
_pdbx_audit_revision_item.ordinal 
_pdbx_audit_revision_item.revision_ordinal 
_pdbx_audit_revision_item.data_content_type 
_pdbx_audit_revision_item.item 
1 2 'Structure model' '_citation.journal_volume'            
2 2 'Structure model' '_citation.page_first'                
3 2 'Structure model' '_citation.page_last'                 
4 3 'Structure model' '_database_2.pdbx_DOI'                
5 3 'Structure model' '_database_2.pdbx_database_accession' 
# 
_pdbx_database_status.status_code                     REL 
_pdbx_database_status.status_code_sf                  REL 
_pdbx_database_status.status_code_mr                  ? 
_pdbx_database_status.entry_id                        6V9B 
_pdbx_database_status.recvd_initial_deposition_date   2019-12-13 
_pdbx_database_status.SG_entry                        N 
_pdbx_database_status.deposit_site                    RCSB 
_pdbx_database_status.process_site                    RCSB 
_pdbx_database_status.status_code_cs                  ? 
_pdbx_database_status.status_code_nmr_data            ? 
_pdbx_database_status.methods_development_category    ? 
_pdbx_database_status.pdb_format_compatible           Y 
# 
loop_
_audit_author.name 
_audit_author.pdbx_ordinal 
_audit_author.identifier_ORCID 
'Trachman, R.J.'      1 ? 
;Ferre-D'Amare, A.R.
;
2 ? 
# 
_citation.abstract                  ? 
_citation.abstract_id_CAS           ? 
_citation.book_id_ISBN              ? 
_citation.book_publisher            ? 
_citation.book_publisher_city       ? 
_citation.book_title                ? 
_citation.coordinate_linkage        ? 
_citation.country                   UK 
_citation.database_id_Medline       ? 
_citation.details                   ? 
_citation.id                        primary 
_citation.journal_abbrev            Structure 
_citation.journal_id_ASTM           STRUE6 
_citation.journal_id_CSD            2005 
_citation.journal_id_ISSN           0969-2126 
_citation.journal_full              ? 
_citation.journal_issue             ? 
_citation.journal_volume            28 
_citation.language                  ? 
_citation.page_first                776 
_citation.page_last                 785.e3 
_citation.title                     
'Structure-Guided Engineering of the Homodimeric Mango-IV Fluorescence Turn-on Aptamer Yields an RNA FRET Pair.' 
_citation.year                      2020 
_citation.database_id_CSD           ? 
_citation.pdbx_database_id_DOI      10.1016/j.str.2020.04.007 
_citation.pdbx_database_id_PubMed   32386573 
_citation.unpublished_flag          ? 
# 
loop_
_citation_author.citation_id 
_citation_author.name 
_citation_author.ordinal 
_citation_author.identifier_ORCID 
primary 'Trachman 3rd, R.J.'  1 ? 
primary 'Cojocaru, R.'        2 ? 
primary 'Wu, D.'              3 ? 
primary 'Piszczek, G.'        4 ? 
primary 'Ryckelynck, M.'      5 ? 
primary 'Unrau, P.J.'         6 ? 
primary 
;Ferre-D'Amare, A.R.
;
7 ? 
# 
loop_
_entity.id 
_entity.type 
_entity.src_method 
_entity.pdbx_description 
_entity.formula_weight 
_entity.pdbx_number_of_molecules 
_entity.pdbx_ec 
_entity.pdbx_mutation 
_entity.pdbx_fragment 
_entity.details 
1 polymer     syn 'RNA (28-MER)'                                                                                  9233.559 2 ? ? ? 
? 
2 non-polymer syn '~{N}-methyl-2-[2-[(~{E})-(1-methylquinolin-4-ylidene)methyl]-1,3-benzothiazol-3-yl]ethanamide' 362.468  3 ? ? ? 
? 
3 non-polymer syn 'POTASSIUM ION'                                                                                 39.098   4 ? ? ? 
? 
# 
_entity_poly.entity_id                      1 
_entity_poly.type                           polyribonucleotide 
_entity_poly.nstd_linkage                   no 
_entity_poly.nstd_monomer                   no 
_entity_poly.pdbx_seq_one_letter_code       AUCGAGGGAGUGGUGAGGAUGAGGCGAU 
_entity_poly.pdbx_seq_one_letter_code_can   AUCGAGGGAGUGGUGAGGAUGAGGCGAU 
_entity_poly.pdbx_strand_id                 B,D 
_entity_poly.pdbx_target_identifier         ? 
# 
loop_
_pdbx_entity_nonpoly.entity_id 
_pdbx_entity_nonpoly.name 
_pdbx_entity_nonpoly.comp_id 
2 '~{N}-methyl-2-[2-[(~{E})-(1-methylquinolin-4-ylidene)methyl]-1,3-benzothiazol-3-yl]ethanamide' QSA 
3 'POTASSIUM ION'                                                                                 K   
# 
loop_
_entity_poly_seq.entity_id 
_entity_poly_seq.num 
_entity_poly_seq.mon_id 
_entity_poly_seq.hetero 
1 1  A n 
1 2  U n 
1 3  C n 
1 4  G n 
1 5  A n 
1 6  G n 
1 7  G n 
1 8  G n 
1 9  A n 
1 10 G n 
1 11 U n 
1 12 G n 
1 13 G n 
1 14 U n 
1 15 G n 
1 16 A n 
1 17 G n 
1 18 G n 
1 19 A n 
1 20 U n 
1 21 G n 
1 22 A n 
1 23 G n 
1 24 G n 
1 25 C n 
1 26 G n 
1 27 A n 
1 28 U n 
# 
_pdbx_entity_src_syn.entity_id              1 
_pdbx_entity_src_syn.pdbx_src_id            1 
_pdbx_entity_src_syn.pdbx_alt_source_flag   sample 
_pdbx_entity_src_syn.pdbx_beg_seq_num       1 
_pdbx_entity_src_syn.pdbx_end_seq_num       28 
_pdbx_entity_src_syn.organism_scientific    'synthetic construct' 
_pdbx_entity_src_syn.organism_common_name   ? 
_pdbx_entity_src_syn.ncbi_taxonomy_id       32630 
_pdbx_entity_src_syn.details                ? 
# 
loop_
_chem_comp.id 
_chem_comp.type 
_chem_comp.mon_nstd_flag 
_chem_comp.name 
_chem_comp.pdbx_synonyms 
_chem_comp.formula 
_chem_comp.formula_weight 
A   'RNA linking' y "ADENOSINE-5'-MONOPHOSPHATE"                                                                    ? 
'C10 H14 N5 O7 P'  347.221 
C   'RNA linking' y "CYTIDINE-5'-MONOPHOSPHATE"                                                                     ? 
'C9 H14 N3 O8 P'   323.197 
G   'RNA linking' y "GUANOSINE-5'-MONOPHOSPHATE"                                                                    ? 
'C10 H14 N5 O8 P'  363.221 
K   non-polymer   . 'POTASSIUM ION'                                                                                 ? 'K 1' 39.098 
QSA non-polymer   . '~{N}-methyl-2-[2-[(~{E})-(1-methylquinolin-4-ylidene)methyl]-1,3-benzothiazol-3-yl]ethanamide' ? 
'C21 H20 N3 O S 1' 362.468 
U   'RNA linking' y "URIDINE-5'-MONOPHOSPHATE"                                                                      ? 
'C9 H13 N2 O9 P'   324.181 
# 
loop_
_pdbx_poly_seq_scheme.asym_id 
_pdbx_poly_seq_scheme.entity_id 
_pdbx_poly_seq_scheme.seq_id 
_pdbx_poly_seq_scheme.mon_id 
_pdbx_poly_seq_scheme.ndb_seq_num 
_pdbx_poly_seq_scheme.pdb_seq_num 
_pdbx_poly_seq_scheme.auth_seq_num 
_pdbx_poly_seq_scheme.pdb_mon_id 
_pdbx_poly_seq_scheme.auth_mon_id 
_pdbx_poly_seq_scheme.pdb_strand_id 
_pdbx_poly_seq_scheme.pdb_ins_code 
_pdbx_poly_seq_scheme.hetero 
A 1 1  A 1  1  1  A A B . n 
A 1 2  U 2  2  2  U U B . n 
A 1 3  C 3  3  3  C C B . n 
A 1 4  G 4  4  4  G G B . n 
A 1 5  A 5  5  5  A A B . n 
A 1 6  G 6  6  6  G G B . n 
A 1 7  G 7  7  7  G G B . n 
A 1 8  G 8  8  8  G G B . n 
A 1 9  A 9  9  9  A A B . n 
A 1 10 G 10 10 10 G G B . n 
A 1 11 U 11 11 11 U U B . n 
A 1 12 G 12 12 12 G G B . n 
A 1 13 G 13 13 13 G G B . n 
A 1 14 U 14 14 14 U U B . n 
A 1 15 G 15 15 15 G G B . n 
A 1 16 A 16 16 16 A A B . n 
A 1 17 G 17 17 17 G G B . n 
A 1 18 G 18 18 18 G G B . n 
A 1 19 A 19 19 19 A A B . n 
A 1 20 U 20 20 20 U U B . n 
A 1 21 G 21 21 21 G G B . n 
A 1 22 A 22 22 22 A A B . n 
A 1 23 G 23 23 23 G G B . n 
A 1 24 G 24 24 24 G G B . n 
A 1 25 C 25 25 25 C C B . n 
A 1 26 G 26 26 26 G G B . n 
A 1 27 A 27 27 27 A A B . n 
A 1 28 U 28 28 28 U U B . n 
B 1 1  A 1  1  1  A A D . n 
B 1 2  U 2  2  2  U U D . n 
B 1 3  C 3  3  3  C C D . n 
B 1 4  G 4  4  4  G G D . n 
B 1 5  A 5  5  5  A A D . n 
B 1 6  G 6  6  6  G G D . n 
B 1 7  G 7  7  7  G G D . n 
B 1 8  G 8  8  8  G G D . n 
B 1 9  A 9  9  9  A A D . n 
B 1 10 G 10 10 10 G G D . n 
B 1 11 U 11 11 11 U U D . n 
B 1 12 G 12 12 12 G G D . n 
B 1 13 G 13 13 13 G G D . n 
B 1 14 U 14 14 14 U U D . n 
B 1 15 G 15 15 15 G G D . n 
B 1 16 A 16 16 16 A A D . n 
B 1 17 G 17 17 17 G G D . n 
B 1 18 G 18 18 18 G G D . n 
B 1 19 A 19 19 19 A A D . n 
B 1 20 U 20 20 20 U U D . n 
B 1 21 G 21 21 21 G G D . n 
B 1 22 A 22 22 22 A A D . n 
B 1 23 G 23 23 23 G G D . n 
B 1 24 G 24 24 24 G G D . n 
B 1 25 C 25 25 25 C C D . n 
B 1 26 G 26 26 26 G G D . n 
B 1 27 A 27 27 27 A A D . n 
B 1 28 U 28 28 ?  ? ? D . n 
# 
loop_
_pdbx_nonpoly_scheme.asym_id 
_pdbx_nonpoly_scheme.entity_id 
_pdbx_nonpoly_scheme.mon_id 
_pdbx_nonpoly_scheme.ndb_seq_num 
_pdbx_nonpoly_scheme.pdb_seq_num 
_pdbx_nonpoly_scheme.auth_seq_num 
_pdbx_nonpoly_scheme.pdb_mon_id 
_pdbx_nonpoly_scheme.auth_mon_id 
_pdbx_nonpoly_scheme.pdb_strand_id 
_pdbx_nonpoly_scheme.pdb_ins_code 
C 2 QSA 1 101 101 QSA TO1 B . 
D 2 QSA 1 102 201 QSA TO1 B . 
E 3 K   1 103 1   K   K   B . 
F 3 K   1 104 2   K   K   B . 
G 2 QSA 1 101 101 QSA TO1 D . 
H 3 K   1 102 3   K   K   D . 
I 3 K   1 103 4   K   K   D . 
# 
loop_
_pdbx_unobs_or_zero_occ_atoms.id 
_pdbx_unobs_or_zero_occ_atoms.PDB_model_num 
_pdbx_unobs_or_zero_occ_atoms.polymer_flag 
_pdbx_unobs_or_zero_occ_atoms.occupancy_flag 
_pdbx_unobs_or_zero_occ_atoms.auth_asym_id 
_pdbx_unobs_or_zero_occ_atoms.auth_comp_id 
_pdbx_unobs_or_zero_occ_atoms.auth_seq_id 
_pdbx_unobs_or_zero_occ_atoms.PDB_ins_code 
_pdbx_unobs_or_zero_occ_atoms.auth_atom_id 
_pdbx_unobs_or_zero_occ_atoms.label_alt_id 
_pdbx_unobs_or_zero_occ_atoms.label_asym_id 
_pdbx_unobs_or_zero_occ_atoms.label_comp_id 
_pdbx_unobs_or_zero_occ_atoms.label_seq_id 
_pdbx_unobs_or_zero_occ_atoms.label_atom_id 
1  1 Y 1 B U 20 ? "O2'" ? A U 20 "O2'" 
2  1 Y 1 B U 20 ? N1    ? A U 20 N1    
3  1 Y 1 B U 20 ? C2    ? A U 20 C2    
4  1 Y 1 B U 20 ? O2    ? A U 20 O2    
5  1 Y 1 B U 20 ? N3    ? A U 20 N3    
6  1 Y 1 B U 20 ? C4    ? A U 20 C4    
7  1 Y 1 B U 20 ? O4    ? A U 20 O4    
8  1 Y 1 B U 20 ? C5    ? A U 20 C5    
9  1 Y 1 B U 20 ? C6    ? A U 20 C6    
10 1 Y 1 D U 20 ? "O4'" ? B U 20 "O4'" 
11 1 Y 1 D U 20 ? "C2'" ? B U 20 "C2'" 
12 1 Y 1 D U 20 ? "O2'" ? B U 20 "O2'" 
13 1 Y 1 D U 20 ? "C1'" ? B U 20 "C1'" 
14 1 Y 1 D U 20 ? N1    ? B U 20 N1    
15 1 Y 1 D U 20 ? C2    ? B U 20 C2    
16 1 Y 1 D U 20 ? O2    ? B U 20 O2    
17 1 Y 1 D U 20 ? N3    ? B U 20 N3    
18 1 Y 1 D U 20 ? C4    ? B U 20 C4    
19 1 Y 1 D U 20 ? O4    ? B U 20 O4    
20 1 Y 1 D U 20 ? C5    ? B U 20 C5    
21 1 Y 1 D U 20 ? C6    ? B U 20 C6    
22 1 Y 1 D A 27 ? "C4'" ? B A 27 "C4'" 
23 1 Y 1 D A 27 ? "O4'" ? B A 27 "O4'" 
24 1 Y 1 D A 27 ? "C3'" ? B A 27 "C3'" 
25 1 Y 1 D A 27 ? "O3'" ? B A 27 "O3'" 
26 1 Y 1 D A 27 ? "C2'" ? B A 27 "C2'" 
27 1 Y 1 D A 27 ? "O2'" ? B A 27 "O2'" 
28 1 Y 1 D A 27 ? "C1'" ? B A 27 "C1'" 
29 1 Y 1 D A 27 ? N9    ? B A 27 N9    
30 1 Y 1 D A 27 ? C8    ? B A 27 C8    
31 1 Y 1 D A 27 ? N7    ? B A 27 N7    
32 1 Y 1 D A 27 ? C5    ? B A 27 C5    
33 1 Y 1 D A 27 ? C6    ? B A 27 C6    
34 1 Y 1 D A 27 ? N6    ? B A 27 N6    
35 1 Y 1 D A 27 ? N1    ? B A 27 N1    
36 1 Y 1 D A 27 ? C2    ? B A 27 C2    
37 1 Y 1 D A 27 ? N3    ? B A 27 N3    
38 1 Y 1 D A 27 ? C4    ? B A 27 C4    
# 
loop_
_software.citation_id 
_software.classification 
_software.compiler_name 
_software.compiler_version 
_software.contact_author 
_software.contact_author_email 
_software.date 
_software.description 
_software.dependencies 
_software.hardware 
_software.language 
_software.location 
_software.mods 
_software.name 
_software.os 
_software.os_version 
_software.type 
_software.version 
_software.pdbx_ordinal 
? refinement       ? ? ? ? ? ? ? ? ? ? ? PHENIX  ? ? ? 1.17.1_3660 1 
? 'data reduction' ? ? ? ? ? ? ? ? ? ? ? XDS     ? ? ? .           2 
? 'data scaling'   ? ? ? ? ? ? ? ? ? ? ? XDS     ? ? ? .           3 
? phasing          ? ? ? ? ? ? ? ? ? ? ? AutoSol ? ? ? .           4 
# 
_cell.angle_alpha                  90.000 
_cell.angle_alpha_esd              ? 
_cell.angle_beta                   90.000 
_cell.angle_beta_esd               ? 
_cell.angle_gamma                  120.000 
_cell.angle_gamma_esd              ? 
_cell.entry_id                     6V9B 
_cell.details                      ? 
_cell.formula_units_Z              ? 
_cell.length_a                     48.953 
_cell.length_a_esd                 ? 
_cell.length_b                     48.953 
_cell.length_b_esd                 ? 
_cell.length_c                     123.349 
_cell.length_c_esd                 ? 
_cell.volume                       255991.113 
_cell.volume_esd                   ? 
_cell.Z_PDB                        12 
_cell.reciprocal_angle_alpha       ? 
_cell.reciprocal_angle_beta        ? 
_cell.reciprocal_angle_gamma       ? 
_cell.reciprocal_angle_alpha_esd   ? 
_cell.reciprocal_angle_beta_esd    ? 
_cell.reciprocal_angle_gamma_esd   ? 
_cell.reciprocal_length_a          ? 
_cell.reciprocal_length_b          ? 
_cell.reciprocal_length_c          ? 
_cell.reciprocal_length_a_esd      ? 
_cell.reciprocal_length_b_esd      ? 
_cell.reciprocal_length_c_esd      ? 
_cell.pdbx_unique_axis             ? 
# 
_symmetry.entry_id                         6V9B 
_symmetry.cell_setting                     ? 
_symmetry.Int_Tables_number                152 
_symmetry.space_group_name_Hall            
;P 31 2"
;
_symmetry.space_group_name_H-M             'P 31 2 1' 
_symmetry.pdbx_full_space_group_name_H-M   ? 
# 
_exptl.absorpt_coefficient_mu     ? 
_exptl.absorpt_correction_T_max   ? 
_exptl.absorpt_correction_T_min   ? 
_exptl.absorpt_correction_type    ? 
_exptl.absorpt_process_details    ? 
_exptl.entry_id                   6V9B 
_exptl.crystals_number            1 
_exptl.details                    ? 
_exptl.method                     'X-RAY DIFFRACTION' 
_exptl.method_details             ? 
# 
_exptl_crystal.colour                      ? 
_exptl_crystal.density_diffrn              ? 
_exptl_crystal.density_Matthews            2.28 
_exptl_crystal.density_method              ? 
_exptl_crystal.density_percent_sol         45.97 
_exptl_crystal.description                 ? 
_exptl_crystal.F_000                       ? 
_exptl_crystal.id                          1 
_exptl_crystal.preparation                 ? 
_exptl_crystal.size_max                    ? 
_exptl_crystal.size_mid                    ? 
_exptl_crystal.size_min                    ? 
_exptl_crystal.size_rad                    ? 
_exptl_crystal.colour_lustre               ? 
_exptl_crystal.colour_modifier             ? 
_exptl_crystal.colour_primary              ? 
_exptl_crystal.density_meas                ? 
_exptl_crystal.density_meas_esd            ? 
_exptl_crystal.density_meas_gt             ? 
_exptl_crystal.density_meas_lt             ? 
_exptl_crystal.density_meas_temp           ? 
_exptl_crystal.density_meas_temp_esd       ? 
_exptl_crystal.density_meas_temp_gt        ? 
_exptl_crystal.density_meas_temp_lt        ? 
_exptl_crystal.pdbx_crystal_image_url      ? 
_exptl_crystal.pdbx_crystal_image_format   ? 
_exptl_crystal.pdbx_mosaicity              ? 
_exptl_crystal.pdbx_mosaicity_esd          ? 
# 
_exptl_crystal_grow.apparatus       ? 
_exptl_crystal_grow.atmosphere      ? 
_exptl_crystal_grow.crystal_id      1 
_exptl_crystal_grow.details         ? 
_exptl_crystal_grow.method          'VAPOR DIFFUSION, HANGING DROP' 
_exptl_crystal_grow.method_ref      ? 
_exptl_crystal_grow.pH              8.5 
_exptl_crystal_grow.pressure        ? 
_exptl_crystal_grow.pressure_esd    ? 
_exptl_crystal_grow.seeding         ? 
_exptl_crystal_grow.seeding_ref     ? 
_exptl_crystal_grow.temp            294 
_exptl_crystal_grow.temp_details    ? 
_exptl_crystal_grow.temp_esd        ? 
_exptl_crystal_grow.time            ? 
_exptl_crystal_grow.pdbx_details    '0.1 M Tris-HCl pH 8.5, 0.01 M CoCl2, 1.65-1.75 M NH4SO4, 0.01-0.015 M Phenol' 
_exptl_crystal_grow.pdbx_pH_range   ? 
# 
_diffrn.ambient_environment              ? 
_diffrn.ambient_temp                     100 
_diffrn.ambient_temp_details             ? 
_diffrn.ambient_temp_esd                 ? 
_diffrn.crystal_id                       1 
_diffrn.crystal_support                  ? 
_diffrn.crystal_treatment                ? 
_diffrn.details                          ? 
_diffrn.id                               1 
_diffrn.ambient_pressure                 ? 
_diffrn.ambient_pressure_esd             ? 
_diffrn.ambient_pressure_gt              ? 
_diffrn.ambient_pressure_lt              ? 
_diffrn.ambient_temp_gt                  ? 
_diffrn.ambient_temp_lt                  ? 
_diffrn.pdbx_serial_crystal_experiment   N 
# 
_diffrn_detector.details                      ? 
_diffrn_detector.detector                     PIXEL 
_diffrn_detector.diffrn_id                    1 
_diffrn_detector.type                         'DECTRIS PILATUS 6M-F' 
_diffrn_detector.area_resol_mean              ? 
_diffrn_detector.dtime                        ? 
_diffrn_detector.pdbx_frames_total            ? 
_diffrn_detector.pdbx_collection_time_total   ? 
_diffrn_detector.pdbx_collection_date         2017-12-20 
_diffrn_detector.pdbx_frequency               ? 
# 
_diffrn_radiation.collimation                      ? 
_diffrn_radiation.diffrn_id                        1 
_diffrn_radiation.filter_edge                      ? 
_diffrn_radiation.inhomogeneity                    ? 
_diffrn_radiation.monochromator                    ? 
_diffrn_radiation.polarisn_norm                    ? 
_diffrn_radiation.polarisn_ratio                   ? 
_diffrn_radiation.probe                            ? 
_diffrn_radiation.type                             ? 
_diffrn_radiation.xray_symbol                      ? 
_diffrn_radiation.wavelength_id                    1 
_diffrn_radiation.pdbx_monochromatic_or_laue_m_l   M 
_diffrn_radiation.pdbx_wavelength_list             ? 
_diffrn_radiation.pdbx_wavelength                  ? 
_diffrn_radiation.pdbx_diffrn_protocol             'SINGLE WAVELENGTH' 
_diffrn_radiation.pdbx_analyzer                    ? 
_diffrn_radiation.pdbx_scattering_type             x-ray 
# 
_diffrn_radiation_wavelength.id           1 
_diffrn_radiation_wavelength.wavelength   1.495 
_diffrn_radiation_wavelength.wt           1.0 
# 
_diffrn_source.current                     ? 
_diffrn_source.details                     ? 
_diffrn_source.diffrn_id                   1 
_diffrn_source.power                       ? 
_diffrn_source.size                        ? 
_diffrn_source.source                      SYNCHROTRON 
_diffrn_source.target                      ? 
_diffrn_source.type                        'APS BEAMLINE 24-ID-C' 
_diffrn_source.voltage                     ? 
_diffrn_source.take-off_angle              ? 
_diffrn_source.pdbx_wavelength_list        1.495 
_diffrn_source.pdbx_wavelength             ? 
_diffrn_source.pdbx_synchrotron_beamline   24-ID-C 
_diffrn_source.pdbx_synchrotron_site       APS 
# 
_reflns.B_iso_Wilson_estimate            67.09 
_reflns.entry_id                         6V9B 
_reflns.data_reduction_details           ? 
_reflns.data_reduction_method            ? 
_reflns.d_resolution_high                2.35 
_reflns.d_resolution_low                 42.40 
_reflns.details                          ? 
_reflns.limit_h_max                      ? 
_reflns.limit_h_min                      ? 
_reflns.limit_k_max                      ? 
_reflns.limit_k_min                      ? 
_reflns.limit_l_max                      ? 
_reflns.limit_l_min                      ? 
_reflns.number_all                       ? 
_reflns.number_obs                       12961 
_reflns.observed_criterion               ? 
_reflns.observed_criterion_F_max         ? 
_reflns.observed_criterion_F_min         ? 
_reflns.observed_criterion_I_max         ? 
_reflns.observed_criterion_I_min         ? 
_reflns.observed_criterion_sigma_F       ? 
_reflns.observed_criterion_sigma_I       ? 
_reflns.percent_possible_obs             99.97 
_reflns.R_free_details                   ? 
_reflns.Rmerge_F_all                     ? 
_reflns.Rmerge_F_obs                     ? 
_reflns.Friedel_coverage                 ? 
_reflns.number_gt                        ? 
_reflns.threshold_expression             ? 
_reflns.pdbx_redundancy                  7.2 
_reflns.pdbx_Rmerge_I_obs                0.06 
_reflns.pdbx_Rmerge_I_all                ? 
_reflns.pdbx_Rsym_value                  ? 
_reflns.pdbx_netI_over_av_sigmaI         ? 
_reflns.pdbx_netI_over_sigmaI            50.6 
_reflns.pdbx_res_netI_over_av_sigmaI_2   ? 
_reflns.pdbx_res_netI_over_sigmaI_2      ? 
_reflns.pdbx_chi_squared                 ? 
_reflns.pdbx_scaling_rejects             ? 
_reflns.pdbx_d_res_high_opt              ? 
_reflns.pdbx_d_res_low_opt               ? 
_reflns.pdbx_d_res_opt_method            ? 
_reflns.phase_calculation_details        ? 
_reflns.pdbx_Rrim_I_all                  ? 
_reflns.pdbx_Rpim_I_all                  ? 
_reflns.pdbx_d_opt                       ? 
_reflns.pdbx_number_measured_all         ? 
_reflns.pdbx_diffrn_id                   1 
_reflns.pdbx_ordinal                     1 
_reflns.pdbx_CC_half                     0.97 
_reflns.pdbx_CC_star                     ? 
_reflns.pdbx_R_split                     ? 
# 
_reflns_shell.d_res_high                  2.35 
_reflns_shell.d_res_low                   2.39 
_reflns_shell.meanI_over_sigI_all         ? 
_reflns_shell.meanI_over_sigI_obs         1.2 
_reflns_shell.number_measured_all         ? 
_reflns_shell.number_measured_obs         ? 
_reflns_shell.number_possible             ? 
_reflns_shell.number_unique_all           ? 
_reflns_shell.number_unique_obs           721 
_reflns_shell.percent_possible_all        ? 
_reflns_shell.percent_possible_obs        ? 
_reflns_shell.Rmerge_F_all                ? 
_reflns_shell.Rmerge_F_obs                ? 
_reflns_shell.Rmerge_I_all                ? 
_reflns_shell.Rmerge_I_obs                ? 
_reflns_shell.meanI_over_sigI_gt          ? 
_reflns_shell.meanI_over_uI_all           ? 
_reflns_shell.meanI_over_uI_gt            ? 
_reflns_shell.number_measured_gt          ? 
_reflns_shell.number_unique_gt            ? 
_reflns_shell.percent_possible_gt         ? 
_reflns_shell.Rmerge_F_gt                 ? 
_reflns_shell.Rmerge_I_gt                 ? 
_reflns_shell.pdbx_redundancy             ? 
_reflns_shell.pdbx_Rsym_value             ? 
_reflns_shell.pdbx_chi_squared            ? 
_reflns_shell.pdbx_netI_over_sigmaI_all   ? 
_reflns_shell.pdbx_netI_over_sigmaI_obs   ? 
_reflns_shell.pdbx_Rrim_I_all             ? 
_reflns_shell.pdbx_Rpim_I_all             ? 
_reflns_shell.pdbx_rejects                ? 
_reflns_shell.pdbx_ordinal                1 
_reflns_shell.pdbx_diffrn_id              1 
_reflns_shell.pdbx_CC_half                0.42 
_reflns_shell.pdbx_CC_star                ? 
_reflns_shell.pdbx_R_split                ? 
# 
_refine.aniso_B[1][1]                            ? 
_refine.aniso_B[1][2]                            ? 
_refine.aniso_B[1][3]                            ? 
_refine.aniso_B[2][2]                            ? 
_refine.aniso_B[2][3]                            ? 
_refine.aniso_B[3][3]                            ? 
_refine.B_iso_max                                ? 
_refine.B_iso_mean                               69.55 
_refine.B_iso_min                                ? 
_refine.correlation_coeff_Fo_to_Fc               ? 
_refine.correlation_coeff_Fo_to_Fc_free          ? 
_refine.details                                  ? 
_refine.diff_density_max                         ? 
_refine.diff_density_max_esd                     ? 
_refine.diff_density_min                         ? 
_refine.diff_density_min_esd                     ? 
_refine.diff_density_rms                         ? 
_refine.diff_density_rms_esd                     ? 
_refine.entry_id                                 6V9B 
_refine.pdbx_refine_id                           'X-RAY DIFFRACTION' 
_refine.ls_abs_structure_details                 ? 
_refine.ls_abs_structure_Flack                   ? 
_refine.ls_abs_structure_Flack_esd               ? 
_refine.ls_abs_structure_Rogers                  ? 
_refine.ls_abs_structure_Rogers_esd              ? 
_refine.ls_d_res_high                            2.40 
_refine.ls_d_res_low                             42.39 
_refine.ls_extinction_coef                       ? 
_refine.ls_extinction_coef_esd                   ? 
_refine.ls_extinction_expression                 ? 
_refine.ls_extinction_method                     ? 
_refine.ls_goodness_of_fit_all                   ? 
_refine.ls_goodness_of_fit_all_esd               ? 
_refine.ls_goodness_of_fit_obs                   ? 
_refine.ls_goodness_of_fit_obs_esd               ? 
_refine.ls_hydrogen_treatment                    ? 
_refine.ls_matrix_type                           ? 
_refine.ls_number_constraints                    ? 
_refine.ls_number_parameters                     ? 
_refine.ls_number_reflns_all                     ? 
_refine.ls_number_reflns_obs                     12960 
_refine.ls_number_reflns_R_free                  1300 
_refine.ls_number_reflns_R_work                  ? 
_refine.ls_number_restraints                     ? 
_refine.ls_percent_reflns_obs                    99.97 
_refine.ls_percent_reflns_R_free                 10.03 
_refine.ls_R_factor_all                          ? 
_refine.ls_R_factor_obs                          0.2082 
_refine.ls_R_factor_R_free                       0.2437 
_refine.ls_R_factor_R_free_error                 ? 
_refine.ls_R_factor_R_free_error_details         ? 
_refine.ls_R_factor_R_work                       0.2041 
_refine.ls_R_Fsqd_factor_obs                     ? 
_refine.ls_R_I_factor_obs                        ? 
_refine.ls_redundancy_reflns_all                 ? 
_refine.ls_redundancy_reflns_obs                 ? 
_refine.ls_restrained_S_all                      ? 
_refine.ls_restrained_S_obs                      ? 
_refine.ls_shift_over_esd_max                    ? 
_refine.ls_shift_over_esd_mean                   ? 
_refine.ls_structure_factor_coef                 ? 
_refine.ls_weighting_details                     ? 
_refine.ls_weighting_scheme                      ? 
_refine.ls_wR_factor_all                         ? 
_refine.ls_wR_factor_obs                         ? 
_refine.ls_wR_factor_R_free                      ? 
_refine.ls_wR_factor_R_work                      ? 
_refine.occupancy_max                            ? 
_refine.occupancy_min                            ? 
_refine.solvent_model_details                    ? 
_refine.solvent_model_param_bsol                 ? 
_refine.solvent_model_param_ksol                 ? 
_refine.pdbx_R_complete                          ? 
_refine.ls_R_factor_gt                           ? 
_refine.ls_goodness_of_fit_gt                    ? 
_refine.ls_goodness_of_fit_ref                   ? 
_refine.ls_shift_over_su_max                     ? 
_refine.ls_shift_over_su_max_lt                  ? 
_refine.ls_shift_over_su_mean                    ? 
_refine.ls_shift_over_su_mean_lt                 ? 
_refine.pdbx_ls_sigma_I                          ? 
_refine.pdbx_ls_sigma_F                          1.34 
_refine.pdbx_ls_sigma_Fsqd                       ? 
_refine.pdbx_data_cutoff_high_absF               ? 
_refine.pdbx_data_cutoff_high_rms_absF           ? 
_refine.pdbx_data_cutoff_low_absF                ? 
_refine.pdbx_isotropic_thermal_model             ? 
_refine.pdbx_ls_cross_valid_method               'FREE R-VALUE' 
_refine.pdbx_method_to_determine_struct          SAD 
_refine.pdbx_starting_model                      ? 
_refine.pdbx_stereochemistry_target_values       ? 
_refine.pdbx_R_Free_selection_details            ? 
_refine.pdbx_stereochem_target_val_spec_case     ? 
_refine.pdbx_overall_ESU_R                       ? 
_refine.pdbx_overall_ESU_R_Free                  ? 
_refine.pdbx_solvent_vdw_probe_radii             1.1100 
_refine.pdbx_solvent_ion_probe_radii             ? 
_refine.pdbx_solvent_shrinkage_radii             0.9000 
_refine.pdbx_real_space_R                        ? 
_refine.pdbx_density_correlation                 ? 
_refine.pdbx_pd_number_of_powder_patterns        ? 
_refine.pdbx_pd_number_of_points                 ? 
_refine.pdbx_pd_meas_number_of_points            ? 
_refine.pdbx_pd_proc_ls_prof_R_factor            ? 
_refine.pdbx_pd_proc_ls_prof_wR_factor           ? 
_refine.pdbx_pd_Marquardt_correlation_coeff      ? 
_refine.pdbx_pd_Fsqrd_R_factor                   ? 
_refine.pdbx_pd_ls_matrix_band_width             ? 
_refine.pdbx_overall_phase_error                 29.1240 
_refine.pdbx_overall_SU_R_free_Cruickshank_DPI   ? 
_refine.pdbx_overall_SU_R_free_Blow_DPI          ? 
_refine.pdbx_overall_SU_R_Blow_DPI               ? 
_refine.pdbx_TLS_residual_ADP_flag               ? 
_refine.pdbx_diffrn_id                           1 
_refine.overall_SU_B                             ? 
_refine.overall_SU_ML                            0.4216 
_refine.overall_SU_R_Cruickshank_DPI             ? 
_refine.overall_SU_R_free                        ? 
_refine.overall_FOM_free_R_set                   ? 
_refine.overall_FOM_work_R_set                   ? 
_refine.pdbx_average_fsc_overall                 ? 
_refine.pdbx_average_fsc_work                    ? 
_refine.pdbx_average_fsc_free                    ? 
# 
_refine_hist.pdbx_refine_id                   'X-RAY DIFFRACTION' 
_refine_hist.cycle_id                         LAST 
_refine_hist.details                          ? 
_refine_hist.d_res_high                       2.40 
_refine_hist.d_res_low                        42.39 
_refine_hist.number_atoms_solvent             0 
_refine_hist.number_atoms_total               1250 
_refine_hist.number_reflns_all                ? 
_refine_hist.number_reflns_obs                ? 
_refine_hist.number_reflns_R_free             ? 
_refine_hist.number_reflns_R_work             ? 
_refine_hist.R_factor_all                     ? 
_refine_hist.R_factor_obs                     ? 
_refine_hist.R_factor_R_free                  ? 
_refine_hist.R_factor_R_work                  ? 
_refine_hist.pdbx_number_residues_total       ? 
_refine_hist.pdbx_B_iso_mean_ligand           ? 
_refine_hist.pdbx_B_iso_mean_solvent          ? 
_refine_hist.pdbx_number_atoms_protein        0 
_refine_hist.pdbx_number_atoms_nucleic_acid   1246 
_refine_hist.pdbx_number_atoms_ligand         4 
_refine_hist.pdbx_number_atoms_lipid          ? 
_refine_hist.pdbx_number_atoms_carb           ? 
_refine_hist.pdbx_pseudo_atom_details         ? 
# 
loop_
_refine_ls_restr.pdbx_refine_id 
_refine_ls_restr.criterion 
_refine_ls_restr.dev_ideal 
_refine_ls_restr.dev_ideal_target 
_refine_ls_restr.number 
_refine_ls_restr.rejects 
_refine_ls_restr.type 
_refine_ls_restr.weight 
_refine_ls_restr.pdbx_restraint_function 
'X-RAY DIFFRACTION' ? 0.0115  ? 1428 ? f_bond_d           ? ? 
'X-RAY DIFFRACTION' ? 3.1473  ? 2214 ? f_angle_d          ? ? 
'X-RAY DIFFRACTION' ? 0.0724  ? 263  ? f_chiral_restr     ? ? 
'X-RAY DIFFRACTION' ? 0.0088  ? 64   ? f_plane_restr      ? ? 
'X-RAY DIFFRACTION' ? 21.8313 ? 652  ? f_dihedral_angle_d ? ? 
# 
loop_
_refine_ls_shell.pdbx_refine_id 
_refine_ls_shell.d_res_high 
_refine_ls_shell.d_res_low 
_refine_ls_shell.number_reflns_all 
_refine_ls_shell.number_reflns_obs 
_refine_ls_shell.number_reflns_R_free 
_refine_ls_shell.number_reflns_R_work 
_refine_ls_shell.percent_reflns_obs 
_refine_ls_shell.percent_reflns_R_free 
_refine_ls_shell.R_factor_all 
_refine_ls_shell.R_factor_obs 
_refine_ls_shell.R_factor_R_free 
_refine_ls_shell.R_factor_R_free_error 
_refine_ls_shell.R_factor_R_work 
_refine_ls_shell.redundancy_reflns_all 
_refine_ls_shell.redundancy_reflns_obs 
_refine_ls_shell.wR_factor_all 
_refine_ls_shell.wR_factor_obs 
_refine_ls_shell.wR_factor_R_free 
_refine_ls_shell.wR_factor_R_work 
_refine_ls_shell.pdbx_R_complete 
_refine_ls_shell.pdbx_total_number_of_bins_used 
_refine_ls_shell.pdbx_phase_error 
_refine_ls_shell.pdbx_fsc_work 
_refine_ls_shell.pdbx_fsc_free 
'X-RAY DIFFRACTION' 2.40 2.50  . . 154 1320 100.00 . . . 0.3713 . 0.3137 . . . . . . . . . . . 
'X-RAY DIFFRACTION' 2.50 2.61  . . 140 1277 100.00 . . . 0.3733 . 0.2849 . . . . . . . . . . . 
'X-RAY DIFFRACTION' 2.61 2.75  . . 146 1290 100.00 . . . 0.3912 . 0.2931 . . . . . . . . . . . 
'X-RAY DIFFRACTION' 2.75 2.92  . . 140 1296 99.93  . . . 0.3362 . 0.2832 . . . . . . . . . . . 
'X-RAY DIFFRACTION' 2.92 3.14  . . 148 1290 100.00 . . . 0.2685 . 0.2408 . . . . . . . . . . . 
'X-RAY DIFFRACTION' 3.15 3.46  . . 146 1289 100.00 . . . 0.2412 . 0.1872 . . . . . . . . . . . 
'X-RAY DIFFRACTION' 3.46 3.96  . . 134 1293 100.00 . . . 0.2466 . 0.1971 . . . . . . . . . . . 
'X-RAY DIFFRACTION' 3.96 4.99  . . 154 1305 99.93  . . . 0.2205 . 0.1914 . . . . . . . . . . . 
'X-RAY DIFFRACTION' 4.99 42.39 . . 138 1300 99.86  . . . 0.1952 . 0.1713 . . . . . . . . . . . 
# 
_struct.entry_id                     6V9B 
_struct.title                        'Co-crystal structure of the fluorogenic Mango-IV homodimer bound to TO1-Biotin' 
_struct.pdbx_model_details           ? 
_struct.pdbx_formula_weight          ? 
_struct.pdbx_formula_weight_method   ? 
_struct.pdbx_model_type_details      ? 
_struct.pdbx_CASP_flag               N 
# 
_struct_keywords.entry_id        6V9B 
_struct_keywords.text            'RNA, aptamer, fluorescence' 
_struct_keywords.pdbx_keywords   RNA 
# 
loop_
_struct_asym.id 
_struct_asym.pdbx_blank_PDB_chainid_flag 
_struct_asym.pdbx_modified 
_struct_asym.entity_id 
_struct_asym.details 
A N N 1 ? 
B N N 1 ? 
C N N 2 ? 
D N N 2 ? 
E N N 3 ? 
F N N 3 ? 
G N N 2 ? 
H N N 3 ? 
I N N 3 ? 
# 
_struct_ref.id                         1 
_struct_ref.db_name                    PDB 
_struct_ref.db_code                    6V9B 
_struct_ref.pdbx_db_accession          6V9B 
_struct_ref.pdbx_db_isoform            ? 
_struct_ref.entity_id                  1 
_struct_ref.pdbx_seq_one_letter_code   ? 
_struct_ref.pdbx_align_begin           1 
# 
loop_
_struct_ref_seq.align_id 
_struct_ref_seq.ref_id 
_struct_ref_seq.pdbx_PDB_id_code 
_struct_ref_seq.pdbx_strand_id 
_struct_ref_seq.seq_align_beg 
_struct_ref_seq.pdbx_seq_align_beg_ins_code 
_struct_ref_seq.seq_align_end 
_struct_ref_seq.pdbx_seq_align_end_ins_code 
_struct_ref_seq.pdbx_db_accession 
_struct_ref_seq.db_align_beg 
_struct_ref_seq.pdbx_db_align_beg_ins_code 
_struct_ref_seq.db_align_end 
_struct_ref_seq.pdbx_db_align_end_ins_code 
_struct_ref_seq.pdbx_auth_seq_align_beg 
_struct_ref_seq.pdbx_auth_seq_align_end 
1 1 6V9B B 1 ? 28 ? 6V9B 1 ? 28 ? 1 28 
2 1 6V9B D 1 ? 28 ? 6V9B 1 ? 28 ? 1 28 
# 
_pdbx_struct_assembly.id                   1 
_pdbx_struct_assembly.details              author_defined_assembly 
_pdbx_struct_assembly.method_details       ? 
_pdbx_struct_assembly.oligomeric_details   dimeric 
_pdbx_struct_assembly.oligomeric_count     2 
# 
loop_
_pdbx_struct_assembly_prop.biol_id 
_pdbx_struct_assembly_prop.type 
_pdbx_struct_assembly_prop.value 
_pdbx_struct_assembly_prop.details 
1 'ABSA (A^2)' 1580 ? 
1 MORE         6    ? 
1 'SSA (A^2)'  9460 ? 
# 
_pdbx_struct_assembly_gen.assembly_id       1 
_pdbx_struct_assembly_gen.oper_expression   1 
_pdbx_struct_assembly_gen.asym_id_list      A,B,C,D,E,F,G,H,I 
# 
_pdbx_struct_assembly_auth_evidence.id                     1 
_pdbx_struct_assembly_auth_evidence.assembly_id            1 
_pdbx_struct_assembly_auth_evidence.experimental_support   'assay for oligomerization' 
_pdbx_struct_assembly_auth_evidence.details                
;Constant Velocity AUC 
Size exclusion chromotography
;
# 
_pdbx_struct_oper_list.id                   1 
_pdbx_struct_oper_list.type                 'identity operation' 
_pdbx_struct_oper_list.name                 1_555 
_pdbx_struct_oper_list.symmetry_operation   x,y,z 
_pdbx_struct_oper_list.matrix[1][1]         1.0000000000 
_pdbx_struct_oper_list.matrix[1][2]         0.0000000000 
_pdbx_struct_oper_list.matrix[1][3]         0.0000000000 
_pdbx_struct_oper_list.vector[1]            0.0000000000 
_pdbx_struct_oper_list.matrix[2][1]         0.0000000000 
_pdbx_struct_oper_list.matrix[2][2]         1.0000000000 
_pdbx_struct_oper_list.matrix[2][3]         0.0000000000 
_pdbx_struct_oper_list.vector[2]            0.0000000000 
_pdbx_struct_oper_list.matrix[3][1]         0.0000000000 
_pdbx_struct_oper_list.matrix[3][2]         0.0000000000 
_pdbx_struct_oper_list.matrix[3][3]         1.0000000000 
_pdbx_struct_oper_list.vector[3]            0.0000000000 
# 
loop_
_struct_conn.id 
_struct_conn.conn_type_id 
_struct_conn.pdbx_leaving_atom_flag 
_struct_conn.pdbx_PDB_id 
_struct_conn.ptnr1_label_asym_id 
_struct_conn.ptnr1_label_comp_id 
_struct_conn.ptnr1_label_seq_id 
_struct_conn.ptnr1_label_atom_id 
_struct_conn.pdbx_ptnr1_label_alt_id 
_struct_conn.pdbx_ptnr1_PDB_ins_code 
_struct_conn.pdbx_ptnr1_standard_comp_id 
_struct_conn.ptnr1_symmetry 
_struct_conn.ptnr2_label_asym_id 
_struct_conn.ptnr2_label_comp_id 
_struct_conn.ptnr2_label_seq_id 
_struct_conn.ptnr2_label_atom_id 
_struct_conn.pdbx_ptnr2_label_alt_id 
_struct_conn.pdbx_ptnr2_PDB_ins_code 
_struct_conn.ptnr1_auth_asym_id 
_struct_conn.ptnr1_auth_comp_id 
_struct_conn.ptnr1_auth_seq_id 
_struct_conn.ptnr2_auth_asym_id 
_struct_conn.ptnr2_auth_comp_id 
_struct_conn.ptnr2_auth_seq_id 
_struct_conn.ptnr2_symmetry 
_struct_conn.pdbx_ptnr3_label_atom_id 
_struct_conn.pdbx_ptnr3_label_seq_id 
_struct_conn.pdbx_ptnr3_label_comp_id 
_struct_conn.pdbx_ptnr3_label_asym_id 
_struct_conn.pdbx_ptnr3_label_alt_id 
_struct_conn.pdbx_ptnr3_PDB_ins_code 
_struct_conn.details 
_struct_conn.pdbx_dist_value 
_struct_conn.pdbx_value_order 
_struct_conn.pdbx_role 
metalc1  metalc ? ? A G 7  O6 ? ? ? 1_555 F K .  K  ? ? B G 7  B K 104 1_555 ? ? ? ? ? ? ?            2.612 ? ? 
metalc2  metalc ? ? A G 8  O6 ? ? ? 1_555 E K .  K  ? ? B G 8  B K 103 1_555 ? ? ? ? ? ? ?            2.899 ? ? 
metalc3  metalc ? ? A G 8  O6 ? ? ? 1_555 F K .  K  ? ? B G 8  B K 104 1_555 ? ? ? ? ? ? ?            3.031 ? ? 
metalc4  metalc ? ? A G 10 O6 ? ? ? 1_555 E K .  K  ? ? B G 10 B K 103 1_555 ? ? ? ? ? ? ?            2.880 ? ? 
metalc5  metalc ? ? A G 12 O6 ? ? ? 1_555 F K .  K  ? ? B G 12 B K 104 1_555 ? ? ? ? ? ? ?            2.572 ? ? 
metalc6  metalc ? ? A G 13 O6 ? ? ? 1_555 E K .  K  ? ? B G 13 B K 103 1_555 ? ? ? ? ? ? ?            2.779 ? ? 
metalc7  metalc ? ? A G 13 O6 ? ? ? 1_555 F K .  K  ? ? B G 13 B K 104 1_555 ? ? ? ? ? ? ?            2.826 ? ? 
metalc8  metalc ? ? A G 15 O6 ? ? ? 1_555 E K .  K  ? ? B G 15 B K 103 1_555 ? ? ? ? ? ? ?            2.844 ? ? 
metalc9  metalc ? ? A G 17 O6 ? ? ? 1_555 F K .  K  ? ? B G 17 B K 104 1_555 ? ? ? ? ? ? ?            2.904 ? ? 
metalc10 metalc ? ? A G 18 O6 ? ? ? 1_555 E K .  K  ? ? B G 18 B K 103 1_555 ? ? ? ? ? ? ?            2.934 ? ? 
metalc11 metalc ? ? A G 18 O6 ? ? ? 1_555 F K .  K  ? ? B G 18 B K 104 1_555 ? ? ? ? ? ? ?            3.254 ? ? 
metalc12 metalc ? ? A G 21 O6 ? ? ? 1_555 E K .  K  ? ? B G 21 B K 103 1_555 ? ? ? ? ? ? ?            2.624 ? ? 
metalc13 metalc ? ? A G 23 O6 ? ? ? 1_555 F K .  K  ? ? B G 23 B K 104 1_555 ? ? ? ? ? ? ?            2.651 ? ? 
metalc14 metalc ? ? A G 24 O6 ? ? ? 1_555 E K .  K  ? ? B G 24 B K 103 1_555 ? ? ? ? ? ? ?            2.890 ? ? 
metalc15 metalc ? ? A G 24 O6 ? ? ? 1_555 F K .  K  ? ? B G 24 B K 104 1_555 ? ? ? ? ? ? ?            2.884 ? ? 
metalc16 metalc ? ? A G 26 O6 ? ? ? 1_555 E K .  K  ? ? B G 26 B K 103 1_555 ? ? ? ? ? ? ?            2.748 ? ? 
metalc17 metalc ? ? B G 7  O6 ? ? ? 1_555 H K .  K  ? ? D G 7  D K 102 1_555 ? ? ? ? ? ? ?            2.656 ? ? 
metalc18 metalc ? ? B G 8  O6 ? ? ? 1_555 H K .  K  ? ? D G 8  D K 102 1_555 ? ? ? ? ? ? ?            2.924 ? ? 
metalc19 metalc ? ? B G 8  O6 ? ? ? 1_555 I K .  K  ? ? D G 8  D K 103 1_555 ? ? ? ? ? ? ?            2.846 ? ? 
metalc20 metalc ? ? B G 10 O6 ? ? ? 1_555 I K .  K  ? ? D G 10 D K 103 1_555 ? ? ? ? ? ? ?            2.887 ? ? 
metalc21 metalc ? ? B G 12 O6 ? ? ? 1_555 H K .  K  ? ? D G 12 D K 102 1_555 ? ? ? ? ? ? ?            2.649 ? ? 
metalc22 metalc ? ? B G 13 O6 ? ? ? 1_555 H K .  K  ? ? D G 13 D K 102 1_555 ? ? ? ? ? ? ?            2.856 ? ? 
metalc23 metalc ? ? B G 13 O6 ? ? ? 1_555 I K .  K  ? ? D G 13 D K 103 1_555 ? ? ? ? ? ? ?            2.761 ? ? 
metalc24 metalc ? ? B G 15 O6 ? ? ? 1_555 I K .  K  ? ? D G 15 D K 103 1_555 ? ? ? ? ? ? ?            2.852 ? ? 
metalc25 metalc ? ? B G 17 O6 ? ? ? 1_555 H K .  K  ? ? D G 17 D K 102 1_555 ? ? ? ? ? ? ?            2.743 ? ? 
metalc26 metalc ? ? B G 18 O6 ? ? ? 1_555 H K .  K  ? ? D G 18 D K 102 1_555 ? ? ? ? ? ? ?            2.868 ? ? 
metalc27 metalc ? ? B G 18 O6 ? ? ? 1_555 I K .  K  ? ? D G 18 D K 103 1_555 ? ? ? ? ? ? ?            2.952 ? ? 
metalc28 metalc ? ? B G 21 O6 ? ? ? 1_555 I K .  K  ? ? D G 21 D K 103 1_555 ? ? ? ? ? ? ?            2.726 ? ? 
metalc29 metalc ? ? B G 23 O6 ? ? ? 1_555 H K .  K  ? ? D G 23 D K 102 1_555 ? ? ? ? ? ? ?            2.763 ? ? 
metalc30 metalc ? ? B G 24 O6 ? ? ? 1_555 H K .  K  ? ? D G 24 D K 102 1_555 ? ? ? ? ? ? ?            2.780 ? ? 
metalc31 metalc ? ? B G 24 O6 ? ? ? 1_555 I K .  K  ? ? D G 24 D K 103 1_555 ? ? ? ? ? ? ?            2.860 ? ? 
metalc32 metalc ? ? B G 26 O6 ? ? ? 1_555 I K .  K  ? ? D G 26 D K 103 1_555 ? ? ? ? ? ? ?            2.838 ? ? 
hydrog1  hydrog ? ? A A 1  N1 ? ? ? 1_555 B G 6  N1 ? ? B A 1  D G 6   1_555 ? ? ? ? ? ? TYPE_8_PAIR  ?     ? ? 
hydrog2  hydrog ? ? A A 1  N6 ? ? ? 1_555 B G 6  O6 ? ? B A 1  D G 6   1_555 ? ? ? ? ? ? TYPE_8_PAIR  ?     ? ? 
hydrog3  hydrog ? ? A U 2  N3 ? ? ? 1_555 B A 5  N1 ? ? B U 2  D A 5   1_555 ? ? ? ? ? ? WATSON-CRICK ?     ? ? 
hydrog4  hydrog ? ? A U 2  O4 ? ? ? 1_555 B A 5  N6 ? ? B U 2  D A 5   1_555 ? ? ? ? ? ? WATSON-CRICK ?     ? ? 
hydrog5  hydrog ? ? A C 3  N3 ? ? ? 1_555 B G 4  N1 ? ? B C 3  D G 4   1_555 ? ? ? ? ? ? WATSON-CRICK ?     ? ? 
hydrog6  hydrog ? ? A C 3  N4 ? ? ? 1_555 B G 4  O6 ? ? B C 3  D G 4   1_555 ? ? ? ? ? ? WATSON-CRICK ?     ? ? 
hydrog7  hydrog ? ? A C 3  O2 ? ? ? 1_555 B G 4  N2 ? ? B C 3  D G 4   1_555 ? ? ? ? ? ? WATSON-CRICK ?     ? ? 
hydrog8  hydrog ? ? A G 4  N1 ? ? ? 1_555 B C 3  N3 ? ? B G 4  D C 3   1_555 ? ? ? ? ? ? WATSON-CRICK ?     ? ? 
hydrog9  hydrog ? ? A G 4  N2 ? ? ? 1_555 B C 3  O2 ? ? B G 4  D C 3   1_555 ? ? ? ? ? ? WATSON-CRICK ?     ? ? 
hydrog10 hydrog ? ? A G 4  O6 ? ? ? 1_555 B C 3  N4 ? ? B G 4  D C 3   1_555 ? ? ? ? ? ? WATSON-CRICK ?     ? ? 
hydrog11 hydrog ? ? A A 5  N1 ? ? ? 1_555 B U 2  N3 ? ? B A 5  D U 2   1_555 ? ? ? ? ? ? WATSON-CRICK ?     ? ? 
hydrog12 hydrog ? ? A A 5  N6 ? ? ? 1_555 B U 2  O4 ? ? B A 5  D U 2   1_555 ? ? ? ? ? ? WATSON-CRICK ?     ? ? 
hydrog13 hydrog ? ? A G 6  N1 ? ? ? 1_555 B A 1  N1 ? ? B G 6  D A 1   1_555 ? ? ? ? ? ? TYPE_8_PAIR  ?     ? ? 
hydrog14 hydrog ? ? A G 6  O6 ? ? ? 1_555 B A 1  N6 ? ? B G 6  D A 1   1_555 ? ? ? ? ? ? TYPE_8_PAIR  ?     ? ? 
hydrog15 hydrog ? ? A G 7  N1 ? ? ? 1_555 A G 12 O6 ? ? B G 7  B G 12  1_555 ? ? ? ? ? ? TYPE_6_PAIR  ?     ? ? 
hydrog16 hydrog ? ? A G 7  N2 ? ? ? 1_555 A G 12 N7 ? ? B G 7  B G 12  1_555 ? ? ? ? ? ? TYPE_6_PAIR  ?     ? ? 
hydrog17 hydrog ? ? A G 7  N7 ? ? ? 1_555 A G 23 N2 ? ? B G 7  B G 23  1_555 ? ? ? ? ? ? TYPE_6_PAIR  ?     ? ? 
hydrog18 hydrog ? ? A G 7  O6 ? ? ? 1_555 A G 23 N1 ? ? B G 7  B G 23  1_555 ? ? ? ? ? ? TYPE_6_PAIR  ?     ? ? 
hydrog19 hydrog ? ? A G 8  N1 ? ? ? 1_555 A G 13 O6 ? ? B G 8  B G 13  1_555 ? ? ? ? ? ? TYPE_6_PAIR  ?     ? ? 
hydrog20 hydrog ? ? A G 8  N2 ? ? ? 1_555 A G 13 N7 ? ? B G 8  B G 13  1_555 ? ? ? ? ? ? TYPE_6_PAIR  ?     ? ? 
hydrog21 hydrog ? ? A G 8  N7 ? ? ? 1_555 A G 24 N2 ? ? B G 8  B G 24  1_555 ? ? ? ? ? ? TYPE_6_PAIR  ?     ? ? 
hydrog22 hydrog ? ? A G 8  O6 ? ? ? 1_555 A G 24 N1 ? ? B G 8  B G 24  1_555 ? ? ? ? ? ? TYPE_6_PAIR  ?     ? ? 
hydrog23 hydrog ? ? A G 10 N7 ? ? ? 1_555 A G 15 N2 ? ? B G 10 B G 15  1_555 ? ? ? ? ? ? TYPE_6_PAIR  ?     ? ? 
hydrog24 hydrog ? ? A G 10 O6 ? ? ? 1_555 A G 15 N1 ? ? B G 10 B G 15  1_555 ? ? ? ? ? ? TYPE_6_PAIR  ?     ? ? 
hydrog25 hydrog ? ? A G 10 N1 ? ? ? 1_555 A G 26 O6 ? ? B G 10 B G 26  1_555 ? ? ? ? ? ? TYPE_6_PAIR  ?     ? ? 
hydrog26 hydrog ? ? A G 10 N2 ? ? ? 1_555 A G 26 N7 ? ? B G 10 B G 26  1_555 ? ? ? ? ? ? TYPE_6_PAIR  ?     ? ? 
hydrog27 hydrog ? ? A G 12 N1 ? ? ? 1_555 A G 17 O6 ? ? B G 12 B G 17  1_555 ? ? ? ? ? ? TYPE_6_PAIR  ?     ? ? 
hydrog28 hydrog ? ? A G 12 N2 ? ? ? 1_555 A G 17 N7 ? ? B G 12 B G 17  1_555 ? ? ? ? ? ? TYPE_6_PAIR  ?     ? ? 
hydrog29 hydrog ? ? A G 13 N1 ? ? ? 1_555 A G 18 O6 ? ? B G 13 B G 18  1_555 ? ? ? ? ? ? TYPE_6_PAIR  ?     ? ? 
hydrog30 hydrog ? ? A G 13 N2 ? ? ? 1_555 A G 18 N7 ? ? B G 13 B G 18  1_555 ? ? ? ? ? ? TYPE_6_PAIR  ?     ? ? 
hydrog31 hydrog ? ? A G 15 N7 ? ? ? 1_555 A G 21 N2 ? ? B G 15 B G 21  1_555 ? ? ? ? ? ? TYPE_6_PAIR  ?     ? ? 
hydrog32 hydrog ? ? A G 15 O6 ? ? ? 1_555 A G 21 N1 ? ? B G 15 B G 21  1_555 ? ? ? ? ? ? TYPE_6_PAIR  ?     ? ? 
hydrog33 hydrog ? ? A G 17 N1 ? ? ? 1_555 A G 23 O6 ? ? B G 17 B G 23  1_555 ? ? ? ? ? ? TYPE_6_PAIR  ?     ? ? 
hydrog34 hydrog ? ? A G 17 N2 ? ? ? 1_555 A G 23 N7 ? ? B G 17 B G 23  1_555 ? ? ? ? ? ? TYPE_6_PAIR  ?     ? ? 
hydrog35 hydrog ? ? A G 18 N1 ? ? ? 1_555 A G 24 O6 ? ? B G 18 B G 24  1_555 ? ? ? ? ? ? TYPE_6_PAIR  ?     ? ? 
hydrog36 hydrog ? ? A G 18 N2 ? ? ? 1_555 A G 24 N7 ? ? B G 18 B G 24  1_555 ? ? ? ? ? ? TYPE_6_PAIR  ?     ? ? 
hydrog37 hydrog ? ? A G 21 N7 ? ? ? 1_555 A G 26 N2 ? ? B G 21 B G 26  1_555 ? ? ? ? ? ? TYPE_6_PAIR  ?     ? ? 
hydrog38 hydrog ? ? A G 21 O6 ? ? ? 1_555 A G 26 N1 ? ? B G 21 B G 26  1_555 ? ? ? ? ? ? TYPE_6_PAIR  ?     ? ? 
hydrog39 hydrog ? ? B G 7  N1 ? ? ? 1_555 B G 12 O6 ? ? D G 7  D G 12  1_555 ? ? ? ? ? ? TYPE_6_PAIR  ?     ? ? 
hydrog40 hydrog ? ? B G 7  N2 ? ? ? 1_555 B G 12 N7 ? ? D G 7  D G 12  1_555 ? ? ? ? ? ? TYPE_6_PAIR  ?     ? ? 
hydrog41 hydrog ? ? B G 7  N7 ? ? ? 1_555 B G 23 N2 ? ? D G 7  D G 23  1_555 ? ? ? ? ? ? TYPE_6_PAIR  ?     ? ? 
hydrog42 hydrog ? ? B G 7  O6 ? ? ? 1_555 B G 23 N1 ? ? D G 7  D G 23  1_555 ? ? ? ? ? ? TYPE_6_PAIR  ?     ? ? 
hydrog43 hydrog ? ? B G 8  N1 ? ? ? 1_555 B G 13 O6 ? ? D G 8  D G 13  1_555 ? ? ? ? ? ? TYPE_6_PAIR  ?     ? ? 
hydrog44 hydrog ? ? B G 8  N2 ? ? ? 1_555 B G 13 N7 ? ? D G 8  D G 13  1_555 ? ? ? ? ? ? TYPE_6_PAIR  ?     ? ? 
hydrog45 hydrog ? ? B G 8  N7 ? ? ? 1_555 B G 24 N2 ? ? D G 8  D G 24  1_555 ? ? ? ? ? ? TYPE_6_PAIR  ?     ? ? 
hydrog46 hydrog ? ? B G 8  O6 ? ? ? 1_555 B G 24 N1 ? ? D G 8  D G 24  1_555 ? ? ? ? ? ? TYPE_6_PAIR  ?     ? ? 
hydrog47 hydrog ? ? B G 10 N7 ? ? ? 1_555 B G 15 N2 ? ? D G 10 D G 15  1_555 ? ? ? ? ? ? TYPE_6_PAIR  ?     ? ? 
hydrog48 hydrog ? ? B G 10 O6 ? ? ? 1_555 B G 15 N1 ? ? D G 10 D G 15  1_555 ? ? ? ? ? ? TYPE_6_PAIR  ?     ? ? 
hydrog49 hydrog ? ? B G 10 N1 ? ? ? 1_555 B G 26 O6 ? ? D G 10 D G 26  1_555 ? ? ? ? ? ? TYPE_6_PAIR  ?     ? ? 
hydrog50 hydrog ? ? B G 10 N2 ? ? ? 1_555 B G 26 N7 ? ? D G 10 D G 26  1_555 ? ? ? ? ? ? TYPE_6_PAIR  ?     ? ? 
hydrog51 hydrog ? ? B G 12 N1 ? ? ? 1_555 B G 17 O6 ? ? D G 12 D G 17  1_555 ? ? ? ? ? ? TYPE_6_PAIR  ?     ? ? 
hydrog52 hydrog ? ? B G 12 N2 ? ? ? 1_555 B G 17 N7 ? ? D G 12 D G 17  1_555 ? ? ? ? ? ? TYPE_6_PAIR  ?     ? ? 
hydrog53 hydrog ? ? B G 13 N1 ? ? ? 1_555 B G 18 O6 ? ? D G 13 D G 18  1_555 ? ? ? ? ? ? TYPE_6_PAIR  ?     ? ? 
hydrog54 hydrog ? ? B G 13 N2 ? ? ? 1_555 B G 18 N7 ? ? D G 13 D G 18  1_555 ? ? ? ? ? ? TYPE_6_PAIR  ?     ? ? 
hydrog55 hydrog ? ? B G 15 N7 ? ? ? 1_555 B G 21 N2 ? ? D G 15 D G 21  1_555 ? ? ? ? ? ? TYPE_6_PAIR  ?     ? ? 
hydrog56 hydrog ? ? B G 15 O6 ? ? ? 1_555 B G 21 N1 ? ? D G 15 D G 21  1_555 ? ? ? ? ? ? TYPE_6_PAIR  ?     ? ? 
hydrog57 hydrog ? ? B G 17 N1 ? ? ? 1_555 B G 23 O6 ? ? D G 17 D G 23  1_555 ? ? ? ? ? ? TYPE_6_PAIR  ?     ? ? 
hydrog58 hydrog ? ? B G 17 N2 ? ? ? 1_555 B G 23 N7 ? ? D G 17 D G 23  1_555 ? ? ? ? ? ? TYPE_6_PAIR  ?     ? ? 
hydrog59 hydrog ? ? B G 18 N1 ? ? ? 1_555 B G 24 O6 ? ? D G 18 D G 24  1_555 ? ? ? ? ? ? TYPE_6_PAIR  ?     ? ? 
hydrog60 hydrog ? ? B G 18 N2 ? ? ? 1_555 B G 24 N7 ? ? D G 18 D G 24  1_555 ? ? ? ? ? ? TYPE_6_PAIR  ?     ? ? 
hydrog61 hydrog ? ? B G 21 N7 ? ? ? 1_555 B G 26 N2 ? ? D G 21 D G 26  1_555 ? ? ? ? ? ? TYPE_6_PAIR  ?     ? ? 
hydrog62 hydrog ? ? B G 21 O6 ? ? ? 1_555 B G 26 N1 ? ? D G 21 D G 26  1_555 ? ? ? ? ? ? TYPE_6_PAIR  ?     ? ? 
# 
loop_
_struct_conn_type.id 
_struct_conn_type.criteria 
_struct_conn_type.reference 
metalc ? ? 
hydrog ? ? 
# 
loop_
_pdbx_struct_conn_angle.id 
_pdbx_struct_conn_angle.ptnr1_label_atom_id 
_pdbx_struct_conn_angle.ptnr1_label_alt_id 
_pdbx_struct_conn_angle.ptnr1_label_asym_id 
_pdbx_struct_conn_angle.ptnr1_label_comp_id 
_pdbx_struct_conn_angle.ptnr1_label_seq_id 
_pdbx_struct_conn_angle.ptnr1_auth_atom_id 
_pdbx_struct_conn_angle.ptnr1_auth_asym_id 
_pdbx_struct_conn_angle.ptnr1_auth_comp_id 
_pdbx_struct_conn_angle.ptnr1_auth_seq_id 
_pdbx_struct_conn_angle.ptnr1_PDB_ins_code 
_pdbx_struct_conn_angle.ptnr1_symmetry 
_pdbx_struct_conn_angle.ptnr2_label_atom_id 
_pdbx_struct_conn_angle.ptnr2_label_alt_id 
_pdbx_struct_conn_angle.ptnr2_label_asym_id 
_pdbx_struct_conn_angle.ptnr2_label_comp_id 
_pdbx_struct_conn_angle.ptnr2_label_seq_id 
_pdbx_struct_conn_angle.ptnr2_auth_atom_id 
_pdbx_struct_conn_angle.ptnr2_auth_asym_id 
_pdbx_struct_conn_angle.ptnr2_auth_comp_id 
_pdbx_struct_conn_angle.ptnr2_auth_seq_id 
_pdbx_struct_conn_angle.ptnr2_PDB_ins_code 
_pdbx_struct_conn_angle.ptnr2_symmetry 
_pdbx_struct_conn_angle.ptnr3_label_atom_id 
_pdbx_struct_conn_angle.ptnr3_label_alt_id 
_pdbx_struct_conn_angle.ptnr3_label_asym_id 
_pdbx_struct_conn_angle.ptnr3_label_comp_id 
_pdbx_struct_conn_angle.ptnr3_label_seq_id 
_pdbx_struct_conn_angle.ptnr3_auth_atom_id 
_pdbx_struct_conn_angle.ptnr3_auth_asym_id 
_pdbx_struct_conn_angle.ptnr3_auth_comp_id 
_pdbx_struct_conn_angle.ptnr3_auth_seq_id 
_pdbx_struct_conn_angle.ptnr3_PDB_ins_code 
_pdbx_struct_conn_angle.ptnr3_symmetry 
_pdbx_struct_conn_angle.value 
_pdbx_struct_conn_angle.value_esd 
1   O6 ? A G 7  ? B G 7  ? 1_555 K ? F K . ? B K 104 ? 1_555 O6 ? A G 8  ? B G 8  ? 1_555 66.7  ? 
2   O6 ? A G 7  ? B G 7  ? 1_555 K ? F K . ? B K 104 ? 1_555 O6 ? A G 12 ? B G 12 ? 1_555 83.1  ? 
3   O6 ? A G 8  ? B G 8  ? 1_555 K ? F K . ? B K 104 ? 1_555 O6 ? A G 12 ? B G 12 ? 1_555 83.8  ? 
4   O6 ? A G 7  ? B G 7  ? 1_555 K ? F K . ? B K 104 ? 1_555 O6 ? A G 13 ? B G 13 ? 1_555 127.5 ? 
5   O6 ? A G 8  ? B G 8  ? 1_555 K ? F K . ? B K 104 ? 1_555 O6 ? A G 13 ? B G 13 ? 1_555 66.3  ? 
6   O6 ? A G 12 ? B G 12 ? 1_555 K ? F K . ? B K 104 ? 1_555 O6 ? A G 13 ? B G 13 ? 1_555 70.0  ? 
7   O6 ? A G 7  ? B G 7  ? 1_555 K ? F K . ? B K 104 ? 1_555 O6 ? A G 17 ? B G 17 ? 1_555 133.6 ? 
8   O6 ? A G 8  ? B G 8  ? 1_555 K ? F K . ? B K 104 ? 1_555 O6 ? A G 17 ? B G 17 ? 1_555 149.0 ? 
9   O6 ? A G 12 ? B G 12 ? 1_555 K ? F K . ? B K 104 ? 1_555 O6 ? A G 17 ? B G 17 ? 1_555 77.5  ? 
10  O6 ? A G 13 ? B G 13 ? 1_555 K ? F K . ? B K 104 ? 1_555 O6 ? A G 17 ? B G 17 ? 1_555 84.1  ? 
11  O6 ? A G 7  ? B G 7  ? 1_555 K ? F K . ? B K 104 ? 1_555 O6 ? A G 18 ? B G 18 ? 1_555 145.4 ? 
12  O6 ? A G 8  ? B G 8  ? 1_555 K ? F K . ? B K 104 ? 1_555 O6 ? A G 18 ? B G 18 ? 1_555 100.0 ? 
13  O6 ? A G 12 ? B G 12 ? 1_555 K ? F K . ? B K 104 ? 1_555 O6 ? A G 18 ? B G 18 ? 1_555 128.8 ? 
14  O6 ? A G 13 ? B G 13 ? 1_555 K ? F K . ? B K 104 ? 1_555 O6 ? A G 18 ? B G 18 ? 1_555 65.5  ? 
15  O6 ? A G 17 ? B G 17 ? 1_555 K ? F K . ? B K 104 ? 1_555 O6 ? A G 18 ? B G 18 ? 1_555 74.0  ? 
16  O6 ? A G 7  ? B G 7  ? 1_555 K ? F K . ? B K 104 ? 1_555 O6 ? A G 23 ? B G 23 ? 1_555 82.5  ? 
17  O6 ? A G 8  ? B G 8  ? 1_555 K ? F K . ? B K 104 ? 1_555 O6 ? A G 23 ? B G 23 ? 1_555 132.6 ? 
18  O6 ? A G 12 ? B G 12 ? 1_555 K ? F K . ? B K 104 ? 1_555 O6 ? A G 23 ? B G 23 ? 1_555 128.6 ? 
19  O6 ? A G 13 ? B G 13 ? 1_555 K ? F K . ? B K 104 ? 1_555 O6 ? A G 23 ? B G 23 ? 1_555 149.0 ? 
20  O6 ? A G 17 ? B G 17 ? 1_555 K ? F K . ? B K 104 ? 1_555 O6 ? A G 23 ? B G 23 ? 1_555 77.8  ? 
21  O6 ? A G 18 ? B G 18 ? 1_555 K ? F K . ? B K 104 ? 1_555 O6 ? A G 23 ? B G 23 ? 1_555 85.2  ? 
22  O6 ? A G 7  ? B G 7  ? 1_555 K ? F K . ? B K 104 ? 1_555 O6 ? A G 24 ? B G 24 ? 1_555 81.4  ? 
23  O6 ? A G 8  ? B G 8  ? 1_555 K ? F K . ? B K 104 ? 1_555 O6 ? A G 24 ? B G 24 ? 1_555 65.7  ? 
24  O6 ? A G 12 ? B G 12 ? 1_555 K ? F K . ? B K 104 ? 1_555 O6 ? A G 24 ? B G 24 ? 1_555 149.3 ? 
25  O6 ? A G 13 ? B G 13 ? 1_555 K ? F K . ? B K 104 ? 1_555 O6 ? A G 24 ? B G 24 ? 1_555 99.4  ? 
26  O6 ? A G 17 ? B G 17 ? 1_555 K ? F K . ? B K 104 ? 1_555 O6 ? A G 24 ? B G 24 ? 1_555 131.3 ? 
27  O6 ? A G 18 ? B G 18 ? 1_555 K ? F K . ? B K 104 ? 1_555 O6 ? A G 24 ? B G 24 ? 1_555 64.2  ? 
28  O6 ? A G 23 ? B G 23 ? 1_555 K ? F K . ? B K 104 ? 1_555 O6 ? A G 24 ? B G 24 ? 1_555 75.1  ? 
29  O6 ? A G 8  ? B G 8  ? 1_555 K ? E K . ? B K 103 ? 1_555 O6 ? A G 10 ? B G 10 ? 1_555 87.7  ? 
30  O6 ? A G 8  ? B G 8  ? 1_555 K ? E K . ? B K 103 ? 1_555 O6 ? A G 13 ? B G 13 ? 1_555 68.7  ? 
31  O6 ? A G 10 ? B G 10 ? 1_555 K ? E K . ? B K 103 ? 1_555 O6 ? A G 13 ? B G 13 ? 1_555 87.6  ? 
32  O6 ? A G 8  ? B G 8  ? 1_555 K ? E K . ? B K 103 ? 1_555 O6 ? A G 15 ? B G 15 ? 1_555 156.0 ? 
33  O6 ? A G 10 ? B G 10 ? 1_555 K ? E K . ? B K 103 ? 1_555 O6 ? A G 15 ? B G 15 ? 1_555 75.8  ? 
34  O6 ? A G 13 ? B G 13 ? 1_555 K ? E K . ? B K 103 ? 1_555 O6 ? A G 15 ? B G 15 ? 1_555 92.9  ? 
35  O6 ? A G 8  ? B G 8  ? 1_555 K ? E K . ? B K 103 ? 1_555 O6 ? A G 18 ? B G 18 ? 1_555 111.3 ? 
36  O6 ? A G 10 ? B G 10 ? 1_555 K ? E K . ? B K 103 ? 1_555 O6 ? A G 18 ? B G 18 ? 1_555 142.0 ? 
37  O6 ? A G 13 ? B G 13 ? 1_555 K ? E K . ? B K 103 ? 1_555 O6 ? A G 18 ? B G 18 ? 1_555 70.8  ? 
38  O6 ? A G 15 ? B G 15 ? 1_555 K ? E K . ? B K 103 ? 1_555 O6 ? A G 18 ? B G 18 ? 1_555 74.6  ? 
39  O6 ? A G 8  ? B G 8  ? 1_555 K ? E K . ? B K 103 ? 1_555 O6 ? A G 21 ? B G 21 ? 1_555 135.8 ? 
40  O6 ? A G 10 ? B G 10 ? 1_555 K ? E K . ? B K 103 ? 1_555 O6 ? A G 21 ? B G 21 ? 1_555 105.3 ? 
41  O6 ? A G 13 ? B G 13 ? 1_555 K ? E K . ? B K 103 ? 1_555 O6 ? A G 21 ? B G 21 ? 1_555 151.3 ? 
42  O6 ? A G 15 ? B G 15 ? 1_555 K ? E K . ? B K 103 ? 1_555 O6 ? A G 21 ? B G 21 ? 1_555 66.6  ? 
43  O6 ? A G 18 ? B G 18 ? 1_555 K ? E K . ? B K 103 ? 1_555 O6 ? A G 21 ? B G 21 ? 1_555 84.1  ? 
44  O6 ? A G 8  ? B G 8  ? 1_555 K ? E K . ? B K 103 ? 1_555 O6 ? A G 24 ? B G 24 ? 1_555 67.4  ? 
45  O6 ? A G 10 ? B G 10 ? 1_555 K ? E K . ? B K 103 ? 1_555 O6 ? A G 24 ? B G 24 ? 1_555 148.3 ? 
46  O6 ? A G 13 ? B G 13 ? 1_555 K ? E K . ? B K 103 ? 1_555 O6 ? A G 24 ? B G 24 ? 1_555 100.4 ? 
47  O6 ? A G 15 ? B G 15 ? 1_555 K ? E K . ? B K 103 ? 1_555 O6 ? A G 24 ? B G 24 ? 1_555 133.5 ? 
48  O6 ? A G 18 ? B G 18 ? 1_555 K ? E K . ? B K 103 ? 1_555 O6 ? A G 24 ? B G 24 ? 1_555 68.4  ? 
49  O6 ? A G 21 ? B G 21 ? 1_555 K ? E K . ? B K 103 ? 1_555 O6 ? A G 24 ? B G 24 ? 1_555 82.2  ? 
50  O6 ? A G 8  ? B G 8  ? 1_555 K ? E K . ? B K 103 ? 1_555 O6 ? A G 26 ? B G 26 ? 1_555 71.9  ? 
51  O6 ? A G 10 ? B G 10 ? 1_555 K ? E K . ? B K 103 ? 1_555 O6 ? A G 26 ? B G 26 ? 1_555 67.0  ? 
52  O6 ? A G 13 ? B G 13 ? 1_555 K ? E K . ? B K 103 ? 1_555 O6 ? A G 26 ? B G 26 ? 1_555 133.5 ? 
53  O6 ? A G 15 ? B G 15 ? 1_555 K ? E K . ? B K 103 ? 1_555 O6 ? A G 26 ? B G 26 ? 1_555 115.7 ? 
54  O6 ? A G 18 ? B G 18 ? 1_555 K ? E K . ? B K 103 ? 1_555 O6 ? A G 26 ? B G 26 ? 1_555 149.1 ? 
55  O6 ? A G 21 ? B G 21 ? 1_555 K ? E K . ? B K 103 ? 1_555 O6 ? A G 26 ? B G 26 ? 1_555 75.0  ? 
56  O6 ? A G 24 ? B G 24 ? 1_555 K ? E K . ? B K 103 ? 1_555 O6 ? A G 26 ? B G 26 ? 1_555 86.1  ? 
57  O6 ? B G 7  ? D G 7  ? 1_555 K ? H K . ? D K 102 ? 1_555 O6 ? B G 8  ? D G 8  ? 1_555 74.3  ? 
58  O6 ? B G 7  ? D G 7  ? 1_555 K ? H K . ? D K 102 ? 1_555 O6 ? B G 12 ? D G 12 ? 1_555 79.6  ? 
59  O6 ? B G 8  ? D G 8  ? 1_555 K ? H K . ? D K 102 ? 1_555 O6 ? B G 12 ? D G 12 ? 1_555 84.4  ? 
60  O6 ? B G 7  ? D G 7  ? 1_555 K ? H K . ? D K 102 ? 1_555 O6 ? B G 13 ? D G 13 ? 1_555 131.8 ? 
61  O6 ? B G 8  ? D G 8  ? 1_555 K ? H K . ? D K 102 ? 1_555 O6 ? B G 13 ? D G 13 ? 1_555 65.7  ? 
62  O6 ? B G 12 ? D G 12 ? 1_555 K ? H K . ? D K 102 ? 1_555 O6 ? B G 13 ? D G 13 ? 1_555 71.0  ? 
63  O6 ? B G 7  ? D G 7  ? 1_555 K ? H K . ? D K 102 ? 1_555 O6 ? B G 17 ? D G 17 ? 1_555 126.8 ? 
64  O6 ? B G 8  ? D G 8  ? 1_555 K ? H K . ? D K 102 ? 1_555 O6 ? B G 17 ? D G 17 ? 1_555 148.6 ? 
65  O6 ? B G 12 ? D G 12 ? 1_555 K ? H K . ? D K 102 ? 1_555 O6 ? B G 17 ? D G 17 ? 1_555 78.3  ? 
66  O6 ? B G 13 ? D G 13 ? 1_555 K ? H K . ? D K 102 ? 1_555 O6 ? B G 17 ? D G 17 ? 1_555 83.9  ? 
67  O6 ? B G 7  ? D G 7  ? 1_555 K ? H K . ? D K 102 ? 1_555 O6 ? B G 18 ? D G 18 ? 1_555 150.7 ? 
68  O6 ? B G 8  ? D G 8  ? 1_555 K ? H K . ? D K 102 ? 1_555 O6 ? B G 18 ? D G 18 ? 1_555 105.2 ? 
69  O6 ? B G 12 ? D G 12 ? 1_555 K ? H K . ? D K 102 ? 1_555 O6 ? B G 18 ? D G 18 ? 1_555 129.7 ? 
70  O6 ? B G 13 ? D G 13 ? 1_555 K ? H K . ? D K 102 ? 1_555 O6 ? B G 18 ? D G 18 ? 1_555 69.1  ? 
71  O6 ? B G 17 ? D G 17 ? 1_555 K ? H K . ? D K 102 ? 1_555 O6 ? B G 18 ? D G 18 ? 1_555 68.3  ? 
72  O6 ? B G 7  ? D G 7  ? 1_555 K ? H K . ? D K 102 ? 1_555 O6 ? B G 23 ? D G 23 ? 1_555 76.0  ? 
73  O6 ? B G 8  ? D G 8  ? 1_555 K ? H K . ? D K 102 ? 1_555 O6 ? B G 23 ? D G 23 ? 1_555 136.0 ? 
74  O6 ? B G 12 ? D G 12 ? 1_555 K ? H K . ? D K 102 ? 1_555 O6 ? B G 23 ? D G 23 ? 1_555 121.0 ? 
75  O6 ? B G 13 ? D G 13 ? 1_555 K ? H K . ? D K 102 ? 1_555 O6 ? B G 23 ? D G 23 ? 1_555 152.2 ? 
76  O6 ? B G 17 ? D G 17 ? 1_555 K ? H K . ? D K 102 ? 1_555 O6 ? B G 23 ? D G 23 ? 1_555 75.3  ? 
77  O6 ? B G 18 ? D G 18 ? 1_555 K ? H K . ? D K 102 ? 1_555 O6 ? B G 23 ? D G 23 ? 1_555 86.1  ? 
78  O6 ? B G 7  ? D G 7  ? 1_555 K ? H K . ? D K 102 ? 1_555 O6 ? B G 24 ? D G 24 ? 1_555 85.5  ? 
79  O6 ? B G 8  ? D G 8  ? 1_555 K ? H K . ? D K 102 ? 1_555 O6 ? B G 24 ? D G 24 ? 1_555 67.7  ? 
80  O6 ? B G 12 ? D G 12 ? 1_555 K ? H K . ? D K 102 ? 1_555 O6 ? B G 24 ? D G 24 ? 1_555 151.1 ? 
81  O6 ? B G 13 ? D G 13 ? 1_555 K ? H K . ? D K 102 ? 1_555 O6 ? B G 24 ? D G 24 ? 1_555 102.4 ? 
82  O6 ? B G 17 ? D G 17 ? 1_555 K ? H K . ? D K 102 ? 1_555 O6 ? B G 24 ? D G 24 ? 1_555 129.9 ? 
83  O6 ? B G 18 ? D G 18 ? 1_555 K ? H K . ? D K 102 ? 1_555 O6 ? B G 24 ? D G 24 ? 1_555 68.1  ? 
84  O6 ? B G 23 ? D G 23 ? 1_555 K ? H K . ? D K 102 ? 1_555 O6 ? B G 24 ? D G 24 ? 1_555 78.3  ? 
85  O6 ? B G 8  ? D G 8  ? 1_555 K ? I K . ? D K 103 ? 1_555 O6 ? B G 10 ? D G 10 ? 1_555 88.0  ? 
86  O6 ? B G 8  ? D G 8  ? 1_555 K ? I K . ? D K 103 ? 1_555 O6 ? B G 13 ? D G 13 ? 1_555 68.0  ? 
87  O6 ? B G 10 ? D G 10 ? 1_555 K ? I K . ? D K 103 ? 1_555 O6 ? B G 13 ? D G 13 ? 1_555 85.3  ? 
88  O6 ? B G 8  ? D G 8  ? 1_555 K ? I K . ? D K 103 ? 1_555 O6 ? B G 15 ? D G 15 ? 1_555 158.1 ? 
89  O6 ? B G 10 ? D G 10 ? 1_555 K ? I K . ? D K 103 ? 1_555 O6 ? B G 15 ? D G 15 ? 1_555 75.4  ? 
90  O6 ? B G 13 ? D G 13 ? 1_555 K ? I K . ? D K 103 ? 1_555 O6 ? B G 15 ? D G 15 ? 1_555 96.1  ? 
91  O6 ? B G 8  ? D G 8  ? 1_555 K ? I K . ? D K 103 ? 1_555 O6 ? B G 18 ? D G 18 ? 1_555 105.1 ? 
92  O6 ? B G 10 ? D G 10 ? 1_555 K ? I K . ? D K 103 ? 1_555 O6 ? B G 18 ? D G 18 ? 1_555 143.3 ? 
93  O6 ? B G 13 ? D G 13 ? 1_555 K ? I K . ? D K 103 ? 1_555 O6 ? B G 18 ? D G 18 ? 1_555 69.1  ? 
94  O6 ? B G 15 ? D G 15 ? 1_555 K ? I K . ? D K 103 ? 1_555 O6 ? B G 18 ? D G 18 ? 1_555 81.5  ? 
95  O6 ? B G 8  ? D G 8  ? 1_555 K ? I K . ? D K 103 ? 1_555 O6 ? B G 21 ? D G 21 ? 1_555 132.6 ? 
96  O6 ? B G 10 ? D G 10 ? 1_555 K ? I K . ? D K 103 ? 1_555 O6 ? B G 21 ? D G 21 ? 1_555 107.2 ? 
97  O6 ? B G 13 ? D G 13 ? 1_555 K ? I K . ? D K 103 ? 1_555 O6 ? B G 21 ? D G 21 ? 1_555 154.7 ? 
98  O6 ? B G 15 ? D G 15 ? 1_555 K ? I K . ? D K 103 ? 1_555 O6 ? B G 21 ? D G 21 ? 1_555 67.2  ? 
99  O6 ? B G 18 ? D G 18 ? 1_555 K ? I K . ? D K 103 ? 1_555 O6 ? B G 21 ? D G 21 ? 1_555 89.0  ? 
100 O6 ? B G 8  ? D G 8  ? 1_555 K ? I K . ? D K 103 ? 1_555 O6 ? B G 24 ? D G 24 ? 1_555 67.7  ? 
101 O6 ? B G 10 ? D G 10 ? 1_555 K ? I K . ? D K 103 ? 1_555 O6 ? B G 24 ? D G 24 ? 1_555 148.5 ? 
102 O6 ? B G 13 ? D G 13 ? 1_555 K ? I K . ? D K 103 ? 1_555 O6 ? B G 24 ? D G 24 ? 1_555 102.7 ? 
103 O6 ? B G 15 ? D G 15 ? 1_555 K ? I K . ? D K 103 ? 1_555 O6 ? B G 24 ? D G 24 ? 1_555 132.6 ? 
104 O6 ? B G 18 ? D G 18 ? 1_555 K ? I K . ? D K 103 ? 1_555 O6 ? B G 24 ? D G 24 ? 1_555 65.9  ? 
105 O6 ? B G 21 ? D G 21 ? 1_555 K ? I K . ? D K 103 ? 1_555 O6 ? B G 24 ? D G 24 ? 1_555 78.3  ? 
106 O6 ? B G 8  ? D G 8  ? 1_555 K ? I K . ? D K 103 ? 1_555 O6 ? B G 26 ? D G 26 ? 1_555 75.5  ? 
107 O6 ? B G 10 ? D G 10 ? 1_555 K ? I K . ? D K 103 ? 1_555 O6 ? B G 26 ? D G 26 ? 1_555 66.6  ? 
108 O6 ? B G 13 ? D G 13 ? 1_555 K ? I K . ? D K 103 ? 1_555 O6 ? B G 26 ? D G 26 ? 1_555 134.4 ? 
109 O6 ? B G 15 ? D G 15 ? 1_555 K ? I K . ? D K 103 ? 1_555 O6 ? B G 26 ? D G 26 ? 1_555 109.5 ? 
110 O6 ? B G 18 ? D G 18 ? 1_555 K ? I K . ? D K 103 ? 1_555 O6 ? B G 26 ? D G 26 ? 1_555 149.5 ? 
111 O6 ? B G 21 ? D G 21 ? 1_555 K ? I K . ? D K 103 ? 1_555 O6 ? B G 26 ? D G 26 ? 1_555 70.7  ? 
112 O6 ? B G 24 ? D G 24 ? 1_555 K ? I K . ? D K 103 ? 1_555 O6 ? B G 26 ? D G 26 ? 1_555 87.2  ? 
# 
loop_
_struct_site.id 
_struct_site.pdbx_evidence_code 
_struct_site.pdbx_auth_asym_id 
_struct_site.pdbx_auth_comp_id 
_struct_site.pdbx_auth_seq_id 
_struct_site.pdbx_auth_ins_code 
_struct_site.pdbx_num_residues 
_struct_site.details 
AC1 Software B QSA 101 ? 3 'binding site for residue QSA B 101' 
AC2 Software B QSA 102 ? 5 'binding site for residue QSA B 102' 
AC3 Software B K   103 ? 9 'binding site for residue K B 103'   
AC4 Software B K   104 ? 9 'binding site for residue K B 104'   
AC5 Software D QSA 101 ? 6 'binding site for residue QSA D 101' 
AC6 Software D K   102 ? 9 'binding site for residue K D 102'   
AC7 Software D K   103 ? 9 'binding site for residue K D 103'   
# 
loop_
_struct_site_gen.id 
_struct_site_gen.site_id 
_struct_site_gen.pdbx_num_res 
_struct_site_gen.label_comp_id 
_struct_site_gen.label_asym_id 
_struct_site_gen.label_seq_id 
_struct_site_gen.pdbx_auth_ins_code 
_struct_site_gen.auth_comp_id 
_struct_site_gen.auth_asym_id 
_struct_site_gen.auth_seq_id 
_struct_site_gen.label_atom_id 
_struct_site_gen.label_alt_id 
_struct_site_gen.symmetry 
_struct_site_gen.details 
1  AC1 3 A   A 9  ? A   B 9   . ? 1_555 ? 
2  AC1 3 C   A 25 ? C   B 25  . ? 1_555 ? 
3  AC1 3 QSA D .  ? QSA B 102 . ? 1_555 ? 
4  AC2 5 G   A 10 ? G   B 10  . ? 1_555 ? 
5  AC2 5 A   A 19 ? A   B 19  . ? 1_555 ? 
6  AC2 5 G   A 21 ? G   B 21  . ? 1_555 ? 
7  AC2 5 G   A 26 ? G   B 26  . ? 1_555 ? 
8  AC2 5 QSA C .  ? QSA B 101 . ? 1_555 ? 
9  AC3 9 G   A 8  ? G   B 8   . ? 1_555 ? 
10 AC3 9 G   A 10 ? G   B 10  . ? 1_555 ? 
11 AC3 9 G   A 13 ? G   B 13  . ? 1_555 ? 
12 AC3 9 G   A 15 ? G   B 15  . ? 1_555 ? 
13 AC3 9 G   A 18 ? G   B 18  . ? 1_555 ? 
14 AC3 9 G   A 21 ? G   B 21  . ? 1_555 ? 
15 AC3 9 G   A 24 ? G   B 24  . ? 1_555 ? 
16 AC3 9 G   A 26 ? G   B 26  . ? 1_555 ? 
17 AC3 9 K   F .  ? K   B 104 . ? 1_555 ? 
18 AC4 9 G   A 7  ? G   B 7   . ? 1_555 ? 
19 AC4 9 G   A 8  ? G   B 8   . ? 1_555 ? 
20 AC4 9 G   A 12 ? G   B 12  . ? 1_555 ? 
21 AC4 9 G   A 13 ? G   B 13  . ? 1_555 ? 
22 AC4 9 G   A 17 ? G   B 17  . ? 1_555 ? 
23 AC4 9 G   A 18 ? G   B 18  . ? 1_555 ? 
24 AC4 9 G   A 23 ? G   B 23  . ? 1_555 ? 
25 AC4 9 G   A 24 ? G   B 24  . ? 1_555 ? 
26 AC4 9 K   E .  ? K   B 103 . ? 1_555 ? 
27 AC5 6 A   B 9  ? A   D 9   . ? 1_555 ? 
28 AC5 6 G   B 10 ? G   D 10  . ? 1_555 ? 
29 AC5 6 U   B 14 ? U   D 14  . ? 1_555 ? 
30 AC5 6 G   B 15 ? G   D 15  . ? 1_555 ? 
31 AC5 6 G   B 21 ? G   D 21  . ? 1_555 ? 
32 AC5 6 G   B 26 ? G   D 26  . ? 1_555 ? 
33 AC6 9 G   B 7  ? G   D 7   . ? 1_555 ? 
34 AC6 9 G   B 8  ? G   D 8   . ? 1_555 ? 
35 AC6 9 G   B 12 ? G   D 12  . ? 1_555 ? 
36 AC6 9 G   B 13 ? G   D 13  . ? 1_555 ? 
37 AC6 9 G   B 17 ? G   D 17  . ? 1_555 ? 
38 AC6 9 G   B 18 ? G   D 18  . ? 1_555 ? 
39 AC6 9 G   B 23 ? G   D 23  . ? 1_555 ? 
40 AC6 9 G   B 24 ? G   D 24  . ? 1_555 ? 
41 AC6 9 K   I .  ? K   D 103 . ? 1_555 ? 
42 AC7 9 G   B 8  ? G   D 8   . ? 1_555 ? 
43 AC7 9 G   B 10 ? G   D 10  . ? 1_555 ? 
44 AC7 9 G   B 13 ? G   D 13  . ? 1_555 ? 
45 AC7 9 G   B 15 ? G   D 15  . ? 1_555 ? 
46 AC7 9 G   B 18 ? G   D 18  . ? 1_555 ? 
47 AC7 9 G   B 21 ? G   D 21  . ? 1_555 ? 
48 AC7 9 G   B 24 ? G   D 24  . ? 1_555 ? 
49 AC7 9 G   B 26 ? G   D 26  . ? 1_555 ? 
50 AC7 9 K   H .  ? K   D 102 . ? 1_555 ? 
# 
_pdbx_validate_rmsd_angle.id                         1 
_pdbx_validate_rmsd_angle.PDB_model_num              1 
_pdbx_validate_rmsd_angle.auth_atom_id_1             "O4'" 
_pdbx_validate_rmsd_angle.auth_asym_id_1             D 
_pdbx_validate_rmsd_angle.auth_comp_id_1             A 
_pdbx_validate_rmsd_angle.auth_seq_id_1              1 
_pdbx_validate_rmsd_angle.PDB_ins_code_1             ? 
_pdbx_validate_rmsd_angle.label_alt_id_1             ? 
_pdbx_validate_rmsd_angle.auth_atom_id_2             "C1'" 
_pdbx_validate_rmsd_angle.auth_asym_id_2             D 
_pdbx_validate_rmsd_angle.auth_comp_id_2             A 
_pdbx_validate_rmsd_angle.auth_seq_id_2              1 
_pdbx_validate_rmsd_angle.PDB_ins_code_2             ? 
_pdbx_validate_rmsd_angle.label_alt_id_2             ? 
_pdbx_validate_rmsd_angle.auth_atom_id_3             N9 
_pdbx_validate_rmsd_angle.auth_asym_id_3             D 
_pdbx_validate_rmsd_angle.auth_comp_id_3             A 
_pdbx_validate_rmsd_angle.auth_seq_id_3              1 
_pdbx_validate_rmsd_angle.PDB_ins_code_3             ? 
_pdbx_validate_rmsd_angle.label_alt_id_3             ? 
_pdbx_validate_rmsd_angle.angle_value                118.61 
_pdbx_validate_rmsd_angle.angle_target_value         108.50 
_pdbx_validate_rmsd_angle.angle_deviation            10.11 
_pdbx_validate_rmsd_angle.angle_standard_deviation   0.70 
_pdbx_validate_rmsd_angle.linker_flag                N 
# 
loop_
_space_group_symop.id 
_space_group_symop.operation_xyz 
1 x,y,z          
2 -y,x-y,z+1/3   
3 -x+y,-x,z+2/3  
4 x-y,-y,-z+2/3  
5 -x,-x+y,-z+1/3 
6 y,x,-z         
# 
_pdbx_entry_details.entry_id                 6V9B 
_pdbx_entry_details.has_ligand_of_interest   N 
_pdbx_entry_details.compound_details         ? 
_pdbx_entry_details.source_details           ? 
_pdbx_entry_details.nonpolymer_details       ? 
_pdbx_entry_details.sequence_details         ? 
# 
_pdbx_unobs_or_zero_occ_residues.id               1 
_pdbx_unobs_or_zero_occ_residues.PDB_model_num    1 
_pdbx_unobs_or_zero_occ_residues.polymer_flag     Y 
_pdbx_unobs_or_zero_occ_residues.occupancy_flag   1 
_pdbx_unobs_or_zero_occ_residues.auth_asym_id     D 
_pdbx_unobs_or_zero_occ_residues.auth_comp_id     U 
_pdbx_unobs_or_zero_occ_residues.auth_seq_id      28 
_pdbx_unobs_or_zero_occ_residues.PDB_ins_code     ? 
_pdbx_unobs_or_zero_occ_residues.label_asym_id    B 
_pdbx_unobs_or_zero_occ_residues.label_comp_id    U 
_pdbx_unobs_or_zero_occ_residues.label_seq_id     28 
# 
loop_
_chem_comp_atom.comp_id 
_chem_comp_atom.atom_id 
_chem_comp_atom.type_symbol 
_chem_comp_atom.pdbx_aromatic_flag 
_chem_comp_atom.pdbx_stereo_config 
_chem_comp_atom.pdbx_ordinal 
A   OP3    O N N 1   
A   P      P N N 2   
A   OP1    O N N 3   
A   OP2    O N N 4   
A   "O5'"  O N N 5   
A   "C5'"  C N N 6   
A   "C4'"  C N R 7   
A   "O4'"  O N N 8   
A   "C3'"  C N S 9   
A   "O3'"  O N N 10  
A   "C2'"  C N R 11  
A   "O2'"  O N N 12  
A   "C1'"  C N R 13  
A   N9     N Y N 14  
A   C8     C Y N 15  
A   N7     N Y N 16  
A   C5     C Y N 17  
A   C6     C Y N 18  
A   N6     N N N 19  
A   N1     N Y N 20  
A   C2     C Y N 21  
A   N3     N Y N 22  
A   C4     C Y N 23  
A   HOP3   H N N 24  
A   HOP2   H N N 25  
A   "H5'"  H N N 26  
A   "H5''" H N N 27  
A   "H4'"  H N N 28  
A   "H3'"  H N N 29  
A   "HO3'" H N N 30  
A   "H2'"  H N N 31  
A   "HO2'" H N N 32  
A   "H1'"  H N N 33  
A   H8     H N N 34  
A   H61    H N N 35  
A   H62    H N N 36  
A   H2     H N N 37  
C   OP3    O N N 38  
C   P      P N N 39  
C   OP1    O N N 40  
C   OP2    O N N 41  
C   "O5'"  O N N 42  
C   "C5'"  C N N 43  
C   "C4'"  C N R 44  
C   "O4'"  O N N 45  
C   "C3'"  C N S 46  
C   "O3'"  O N N 47  
C   "C2'"  C N R 48  
C   "O2'"  O N N 49  
C   "C1'"  C N R 50  
C   N1     N N N 51  
C   C2     C N N 52  
C   O2     O N N 53  
C   N3     N N N 54  
C   C4     C N N 55  
C   N4     N N N 56  
C   C5     C N N 57  
C   C6     C N N 58  
C   HOP3   H N N 59  
C   HOP2   H N N 60  
C   "H5'"  H N N 61  
C   "H5''" H N N 62  
C   "H4'"  H N N 63  
C   "H3'"  H N N 64  
C   "HO3'" H N N 65  
C   "H2'"  H N N 66  
C   "HO2'" H N N 67  
C   "H1'"  H N N 68  
C   H41    H N N 69  
C   H42    H N N 70  
C   H5     H N N 71  
C   H6     H N N 72  
G   OP3    O N N 73  
G   P      P N N 74  
G   OP1    O N N 75  
G   OP2    O N N 76  
G   "O5'"  O N N 77  
G   "C5'"  C N N 78  
G   "C4'"  C N R 79  
G   "O4'"  O N N 80  
G   "C3'"  C N S 81  
G   "O3'"  O N N 82  
G   "C2'"  C N R 83  
G   "O2'"  O N N 84  
G   "C1'"  C N R 85  
G   N9     N Y N 86  
G   C8     C Y N 87  
G   N7     N Y N 88  
G   C5     C Y N 89  
G   C6     C N N 90  
G   O6     O N N 91  
G   N1     N N N 92  
G   C2     C N N 93  
G   N2     N N N 94  
G   N3     N N N 95  
G   C4     C Y N 96  
G   HOP3   H N N 97  
G   HOP2   H N N 98  
G   "H5'"  H N N 99  
G   "H5''" H N N 100 
G   "H4'"  H N N 101 
G   "H3'"  H N N 102 
G   "HO3'" H N N 103 
G   "H2'"  H N N 104 
G   "HO2'" H N N 105 
G   "H1'"  H N N 106 
G   H8     H N N 107 
G   H1     H N N 108 
G   H21    H N N 109 
G   H22    H N N 110 
K   K      K N N 111 
QSA C10    C N N 112 
QSA C11    C N N 113 
QSA C01    C N N 114 
QSA C03    C N N 115 
QSA C05    C N N 116 
QSA C07    C Y N 117 
QSA C08    C N N 118 
QSA C09    C N N 119 
QSA C13    C N N 120 
QSA C14    C Y N 121 
QSA C15    C Y N 122 
QSA C16    C Y N 123 
QSA C17    C Y N 124 
QSA C18    C Y N 125 
QSA C19    C Y N 126 
QSA C21    C Y N 127 
QSA C22    C Y N 128 
QSA C23    C Y N 129 
QSA C24    C Y N 130 
QSA C25    C Y N 131 
QSA C26    C Y N 132 
QSA N02    N N N 133 
QSA N06    N Y N 134 
QSA N12    N N N 135 
QSA O04    O N N 136 
QSA S20    S Y N 137 
QSA H1     H N N 138 
QSA H2     H N N 139 
QSA H3     H N N 140 
QSA H4     H N N 141 
QSA H5     H N N 142 
QSA H6     H N N 143 
QSA H7     H N N 144 
QSA H8     H N N 145 
QSA H10    H N N 146 
QSA H11    H N N 147 
QSA H12    H N N 148 
QSA H13    H N N 149 
QSA H14    H N N 150 
QSA H15    H N N 151 
QSA H16    H N N 152 
QSA H17    H N N 153 
QSA H18    H N N 154 
QSA H19    H N N 155 
QSA H20    H N N 156 
QSA H21    H N N 157 
U   OP3    O N N 158 
U   P      P N N 159 
U   OP1    O N N 160 
U   OP2    O N N 161 
U   "O5'"  O N N 162 
U   "C5'"  C N N 163 
U   "C4'"  C N R 164 
U   "O4'"  O N N 165 
U   "C3'"  C N S 166 
U   "O3'"  O N N 167 
U   "C2'"  C N R 168 
U   "O2'"  O N N 169 
U   "C1'"  C N R 170 
U   N1     N N N 171 
U   C2     C N N 172 
U   O2     O N N 173 
U   N3     N N N 174 
U   C4     C N N 175 
U   O4     O N N 176 
U   C5     C N N 177 
U   C6     C N N 178 
U   HOP3   H N N 179 
U   HOP2   H N N 180 
U   "H5'"  H N N 181 
U   "H5''" H N N 182 
U   "H4'"  H N N 183 
U   "H3'"  H N N 184 
U   "HO3'" H N N 185 
U   "H2'"  H N N 186 
U   "HO2'" H N N 187 
U   "H1'"  H N N 188 
U   H3     H N N 189 
U   H5     H N N 190 
U   H6     H N N 191 
# 
loop_
_chem_comp_bond.comp_id 
_chem_comp_bond.atom_id_1 
_chem_comp_bond.atom_id_2 
_chem_comp_bond.value_order 
_chem_comp_bond.pdbx_aromatic_flag 
_chem_comp_bond.pdbx_stereo_config 
_chem_comp_bond.pdbx_ordinal 
A   OP3   P      sing N N 1   
A   OP3   HOP3   sing N N 2   
A   P     OP1    doub N N 3   
A   P     OP2    sing N N 4   
A   P     "O5'"  sing N N 5   
A   OP2   HOP2   sing N N 6   
A   "O5'" "C5'"  sing N N 7   
A   "C5'" "C4'"  sing N N 8   
A   "C5'" "H5'"  sing N N 9   
A   "C5'" "H5''" sing N N 10  
A   "C4'" "O4'"  sing N N 11  
A   "C4'" "C3'"  sing N N 12  
A   "C4'" "H4'"  sing N N 13  
A   "O4'" "C1'"  sing N N 14  
A   "C3'" "O3'"  sing N N 15  
A   "C3'" "C2'"  sing N N 16  
A   "C3'" "H3'"  sing N N 17  
A   "O3'" "HO3'" sing N N 18  
A   "C2'" "O2'"  sing N N 19  
A   "C2'" "C1'"  sing N N 20  
A   "C2'" "H2'"  sing N N 21  
A   "O2'" "HO2'" sing N N 22  
A   "C1'" N9     sing N N 23  
A   "C1'" "H1'"  sing N N 24  
A   N9    C8     sing Y N 25  
A   N9    C4     sing Y N 26  
A   C8    N7     doub Y N 27  
A   C8    H8     sing N N 28  
A   N7    C5     sing Y N 29  
A   C5    C6     sing Y N 30  
A   C5    C4     doub Y N 31  
A   C6    N6     sing N N 32  
A   C6    N1     doub Y N 33  
A   N6    H61    sing N N 34  
A   N6    H62    sing N N 35  
A   N1    C2     sing Y N 36  
A   C2    N3     doub Y N 37  
A   C2    H2     sing N N 38  
A   N3    C4     sing Y N 39  
C   OP3   P      sing N N 40  
C   OP3   HOP3   sing N N 41  
C   P     OP1    doub N N 42  
C   P     OP2    sing N N 43  
C   P     "O5'"  sing N N 44  
C   OP2   HOP2   sing N N 45  
C   "O5'" "C5'"  sing N N 46  
C   "C5'" "C4'"  sing N N 47  
C   "C5'" "H5'"  sing N N 48  
C   "C5'" "H5''" sing N N 49  
C   "C4'" "O4'"  sing N N 50  
C   "C4'" "C3'"  sing N N 51  
C   "C4'" "H4'"  sing N N 52  
C   "O4'" "C1'"  sing N N 53  
C   "C3'" "O3'"  sing N N 54  
C   "C3'" "C2'"  sing N N 55  
C   "C3'" "H3'"  sing N N 56  
C   "O3'" "HO3'" sing N N 57  
C   "C2'" "O2'"  sing N N 58  
C   "C2'" "C1'"  sing N N 59  
C   "C2'" "H2'"  sing N N 60  
C   "O2'" "HO2'" sing N N 61  
C   "C1'" N1     sing N N 62  
C   "C1'" "H1'"  sing N N 63  
C   N1    C2     sing N N 64  
C   N1    C6     sing N N 65  
C   C2    O2     doub N N 66  
C   C2    N3     sing N N 67  
C   N3    C4     doub N N 68  
C   C4    N4     sing N N 69  
C   C4    C5     sing N N 70  
C   N4    H41    sing N N 71  
C   N4    H42    sing N N 72  
C   C5    C6     doub N N 73  
C   C5    H5     sing N N 74  
C   C6    H6     sing N N 75  
G   OP3   P      sing N N 76  
G   OP3   HOP3   sing N N 77  
G   P     OP1    doub N N 78  
G   P     OP2    sing N N 79  
G   P     "O5'"  sing N N 80  
G   OP2   HOP2   sing N N 81  
G   "O5'" "C5'"  sing N N 82  
G   "C5'" "C4'"  sing N N 83  
G   "C5'" "H5'"  sing N N 84  
G   "C5'" "H5''" sing N N 85  
G   "C4'" "O4'"  sing N N 86  
G   "C4'" "C3'"  sing N N 87  
G   "C4'" "H4'"  sing N N 88  
G   "O4'" "C1'"  sing N N 89  
G   "C3'" "O3'"  sing N N 90  
G   "C3'" "C2'"  sing N N 91  
G   "C3'" "H3'"  sing N N 92  
G   "O3'" "HO3'" sing N N 93  
G   "C2'" "O2'"  sing N N 94  
G   "C2'" "C1'"  sing N N 95  
G   "C2'" "H2'"  sing N N 96  
G   "O2'" "HO2'" sing N N 97  
G   "C1'" N9     sing N N 98  
G   "C1'" "H1'"  sing N N 99  
G   N9    C8     sing Y N 100 
G   N9    C4     sing Y N 101 
G   C8    N7     doub Y N 102 
G   C8    H8     sing N N 103 
G   N7    C5     sing Y N 104 
G   C5    C6     sing N N 105 
G   C5    C4     doub Y N 106 
G   C6    O6     doub N N 107 
G   C6    N1     sing N N 108 
G   N1    C2     sing N N 109 
G   N1    H1     sing N N 110 
G   C2    N2     sing N N 111 
G   C2    N3     doub N N 112 
G   N2    H21    sing N N 113 
G   N2    H22    sing N N 114 
G   N3    C4     sing N N 115 
QSA C23   C22    doub Y N 116 
QSA C23   C24    sing Y N 117 
QSA C22   C21    sing Y N 118 
QSA C24   C25    doub Y N 119 
QSA O04   C03    doub N N 120 
QSA C21   C26    doub Y N 121 
QSA C21   S20    sing Y N 122 
QSA C25   C26    sing Y N 123 
QSA C26   N06    sing Y N 124 
QSA S20   C07    sing Y N 125 
QSA C01   N02    sing N N 126 
QSA C03   N02    sing N N 127 
QSA C03   C05    sing N N 128 
QSA N06   C07    doub Y N 129 
QSA N06   C05    sing N N 130 
QSA C07   C08    sing N N 131 
QSA C10   C11    doub N N 132 
QSA C10   C09    sing N N 133 
QSA C11   N12    sing N N 134 
QSA C08   C09    doub N E 135 
QSA C09   C19    sing N N 136 
QSA N12   C13    sing N N 137 
QSA N12   C14    sing N N 138 
QSA C19   C14    doub Y N 139 
QSA C19   C18    sing Y N 140 
QSA C14   C15    sing Y N 141 
QSA C18   C17    doub Y N 142 
QSA C15   C16    doub Y N 143 
QSA C17   C16    sing Y N 144 
QSA C10   H1     sing N N 145 
QSA C11   H2     sing N N 146 
QSA C01   H3     sing N N 147 
QSA C01   H4     sing N N 148 
QSA C01   H5     sing N N 149 
QSA C05   H6     sing N N 150 
QSA C05   H7     sing N N 151 
QSA C08   H8     sing N N 152 
QSA C13   H10    sing N N 153 
QSA C13   H11    sing N N 154 
QSA C13   H12    sing N N 155 
QSA C15   H13    sing N N 156 
QSA C16   H14    sing N N 157 
QSA C17   H15    sing N N 158 
QSA C18   H16    sing N N 159 
QSA C22   H17    sing N N 160 
QSA C23   H18    sing N N 161 
QSA C24   H19    sing N N 162 
QSA C25   H20    sing N N 163 
QSA N02   H21    sing N N 164 
U   OP3   P      sing N N 165 
U   OP3   HOP3   sing N N 166 
U   P     OP1    doub N N 167 
U   P     OP2    sing N N 168 
U   P     "O5'"  sing N N 169 
U   OP2   HOP2   sing N N 170 
U   "O5'" "C5'"  sing N N 171 
U   "C5'" "C4'"  sing N N 172 
U   "C5'" "H5'"  sing N N 173 
U   "C5'" "H5''" sing N N 174 
U   "C4'" "O4'"  sing N N 175 
U   "C4'" "C3'"  sing N N 176 
U   "C4'" "H4'"  sing N N 177 
U   "O4'" "C1'"  sing N N 178 
U   "C3'" "O3'"  sing N N 179 
U   "C3'" "C2'"  sing N N 180 
U   "C3'" "H3'"  sing N N 181 
U   "O3'" "HO3'" sing N N 182 
U   "C2'" "O2'"  sing N N 183 
U   "C2'" "C1'"  sing N N 184 
U   "C2'" "H2'"  sing N N 185 
U   "O2'" "HO2'" sing N N 186 
U   "C1'" N1     sing N N 187 
U   "C1'" "H1'"  sing N N 188 
U   N1    C2     sing N N 189 
U   N1    C6     sing N N 190 
U   C2    O2     doub N N 191 
U   C2    N3     sing N N 192 
U   N3    C4     sing N N 193 
U   N3    H3     sing N N 194 
U   C4    O4     doub N N 195 
U   C4    C5     sing N N 196 
U   C5    C6     doub N N 197 
U   C5    H5     sing N N 198 
U   C6    H6     sing N N 199 
# 
loop_
_ndb_struct_conf_na.entry_id 
_ndb_struct_conf_na.feature 
6V9B 'double helix'    
6V9B 'quadruple helix' 
# 
loop_
_ndb_struct_na_base_pair.model_number 
_ndb_struct_na_base_pair.i_label_asym_id 
_ndb_struct_na_base_pair.i_label_comp_id 
_ndb_struct_na_base_pair.i_label_seq_id 
_ndb_struct_na_base_pair.i_symmetry 
_ndb_struct_na_base_pair.j_label_asym_id 
_ndb_struct_na_base_pair.j_label_comp_id 
_ndb_struct_na_base_pair.j_label_seq_id 
_ndb_struct_na_base_pair.j_symmetry 
_ndb_struct_na_base_pair.shear 
_ndb_struct_na_base_pair.stretch 
_ndb_struct_na_base_pair.stagger 
_ndb_struct_na_base_pair.buckle 
_ndb_struct_na_base_pair.propeller 
_ndb_struct_na_base_pair.opening 
_ndb_struct_na_base_pair.pair_number 
_ndb_struct_na_base_pair.pair_name 
_ndb_struct_na_base_pair.i_auth_asym_id 
_ndb_struct_na_base_pair.i_auth_seq_id 
_ndb_struct_na_base_pair.i_PDB_ins_code 
_ndb_struct_na_base_pair.j_auth_asym_id 
_ndb_struct_na_base_pair.j_auth_seq_id 
_ndb_struct_na_base_pair.j_PDB_ins_code 
_ndb_struct_na_base_pair.hbond_type_28 
_ndb_struct_na_base_pair.hbond_type_12 
1 A G 26 1_555 A G 10 1_555 -1.311 -3.593 0.363 -2.229 -10.450 90.975  1 B_G26:G10_B B 26 ? B 10 ? 6 3 
1 A G 18 1_555 A G 24 1_555 1.630  3.390  0.398 -6.986 -1.230  -88.850 2 B_G18:G24_B B 18 ? B 24 ? 6 3 
1 B G 26 1_555 B G 10 1_555 -1.432 -3.490 0.304 -2.632 -5.090  91.706  3 D_G26:G10_D D 26 ? D 10 ? 6 3 
1 B G 21 1_555 B G 15 1_555 1.537  3.162  0.139 3.951  3.863   -92.639 4 D_G21:G15_D D 21 ? D 15 ? 6 3 
1 B G 18 1_555 B G 24 1_555 1.483  3.370  0.119 -4.145 -0.467  -89.606 5 D_G18:G24_D D 18 ? D 24 ? 6 3 
# 
loop_
_ndb_struct_na_base_pair_step.model_number 
_ndb_struct_na_base_pair_step.i_label_asym_id_1 
_ndb_struct_na_base_pair_step.i_label_comp_id_1 
_ndb_struct_na_base_pair_step.i_label_seq_id_1 
_ndb_struct_na_base_pair_step.i_symmetry_1 
_ndb_struct_na_base_pair_step.j_label_asym_id_1 
_ndb_struct_na_base_pair_step.j_label_comp_id_1 
_ndb_struct_na_base_pair_step.j_label_seq_id_1 
_ndb_struct_na_base_pair_step.j_symmetry_1 
_ndb_struct_na_base_pair_step.i_label_asym_id_2 
_ndb_struct_na_base_pair_step.i_label_comp_id_2 
_ndb_struct_na_base_pair_step.i_label_seq_id_2 
_ndb_struct_na_base_pair_step.i_symmetry_2 
_ndb_struct_na_base_pair_step.j_label_asym_id_2 
_ndb_struct_na_base_pair_step.j_label_comp_id_2 
_ndb_struct_na_base_pair_step.j_label_seq_id_2 
_ndb_struct_na_base_pair_step.j_symmetry_2 
_ndb_struct_na_base_pair_step.shift 
_ndb_struct_na_base_pair_step.slide 
_ndb_struct_na_base_pair_step.rise 
_ndb_struct_na_base_pair_step.tilt 
_ndb_struct_na_base_pair_step.roll 
_ndb_struct_na_base_pair_step.twist 
_ndb_struct_na_base_pair_step.x_displacement 
_ndb_struct_na_base_pair_step.y_displacement 
_ndb_struct_na_base_pair_step.helical_rise 
_ndb_struct_na_base_pair_step.inclination 
_ndb_struct_na_base_pair_step.tip 
_ndb_struct_na_base_pair_step.helical_twist 
_ndb_struct_na_base_pair_step.step_number 
_ndb_struct_na_base_pair_step.step_name 
_ndb_struct_na_base_pair_step.i_auth_asym_id_1 
_ndb_struct_na_base_pair_step.i_auth_seq_id_1 
_ndb_struct_na_base_pair_step.i_PDB_ins_code_1 
_ndb_struct_na_base_pair_step.j_auth_asym_id_1 
_ndb_struct_na_base_pair_step.j_auth_seq_id_1 
_ndb_struct_na_base_pair_step.j_PDB_ins_code_1 
_ndb_struct_na_base_pair_step.i_auth_asym_id_2 
_ndb_struct_na_base_pair_step.i_auth_seq_id_2 
_ndb_struct_na_base_pair_step.i_PDB_ins_code_2 
_ndb_struct_na_base_pair_step.j_auth_asym_id_2 
_ndb_struct_na_base_pair_step.j_auth_seq_id_2 
_ndb_struct_na_base_pair_step.j_PDB_ins_code_2 
1 A G 26 1_555 A G 10 1_555 A G 18 1_555 A G 24 1_555 -0.466 3.257 2.003  173.886 16.442   27.744   1.544  1.143 0.329  8.412  
-88.963 174.817  1 BB_G26G18:G24G10_BB B 26 ? B 10 ? B 18 ? B 24 ? 
1 B G 26 1_555 B G 10 1_555 B G 21 1_555 B G 15 1_555 1.762  3.452 0.119  -3.279  -1.696   -178.416 -1.726 0.881 0.121  0.848  
-1.640  -178.417 2 DD_G26G21:G15G10_DD D 26 ? D 10 ? D 21 ? D 15 ? 
1 B G 21 1_555 B G 15 1_555 B G 18 1_555 B G 24 1_555 3.303  1.280 -2.978 11.877  -175.162 -41.824  -1.691 1.581 -0.080 89.004 
6.035   -175.856 3 DD_G21G18:G24G15_DD D 21 ? D 15 ? D 18 ? D 24 ? 
# 
_space_group.name_H-M_alt     'P 31 2 1' 
_space_group.name_Hall        
;P 31 2"
;
_space_group.IT_number        152 
_space_group.crystal_system   trigonal 
_space_group.id               1 
# 
_atom_sites.entry_id                    6V9B 
_atom_sites.Cartn_transf_matrix[1][1]   ? 
_atom_sites.Cartn_transf_matrix[1][2]   ? 
_atom_sites.Cartn_transf_matrix[1][3]   ? 
_atom_sites.Cartn_transf_matrix[2][1]   ? 
_atom_sites.Cartn_transf_matrix[2][2]   ? 
_atom_sites.Cartn_transf_matrix[2][3]   ? 
_atom_sites.Cartn_transf_matrix[3][1]   ? 
_atom_sites.Cartn_transf_matrix[3][2]   ? 
_atom_sites.Cartn_transf_matrix[3][3]   ? 
_atom_sites.Cartn_transf_vector[1]      ? 
_atom_sites.Cartn_transf_vector[2]      ? 
_atom_sites.Cartn_transf_vector[3]      ? 
_atom_sites.fract_transf_matrix[1][1]   0.01384357 
_atom_sites.fract_transf_matrix[1][2]   0.01909752 
_atom_sites.fract_transf_matrix[1][3]   0.00020398 
_atom_sites.fract_transf_matrix[2][1]   0.01876352 
_atom_sites.fract_transf_matrix[2][2]   0.00081328 
_atom_sites.fract_transf_matrix[2][3]   0.01427104 
_atom_sites.fract_transf_matrix[3][1]   0.00458259 
_atom_sites.fract_transf_matrix[3][2]   -0.00325950 
_atom_sites.fract_transf_matrix[3][3]   -0.00583943 
_atom_sites.fract_transf_vector[1]      0.354061 
_atom_sites.fract_transf_vector[2]      -0.189715 
_atom_sites.fract_transf_vector[3]      -0.150033 
_atom_sites.solution_primary            ? 
_atom_sites.solution_secondary          ? 
_atom_sites.solution_hydrogens          ? 
_atom_sites.special_details             ? 
# 
loop_
_atom_type.symbol 
_atom_type.scat_dispersion_real 
_atom_type.scat_dispersion_imag 
_atom_type.scat_Cromer_Mann_a1 
_atom_type.scat_Cromer_Mann_a2 
_atom_type.scat_Cromer_Mann_a3 
_atom_type.scat_Cromer_Mann_a4 
_atom_type.scat_Cromer_Mann_b1 
_atom_type.scat_Cromer_Mann_b2 
_atom_type.scat_Cromer_Mann_b3 
_atom_type.scat_Cromer_Mann_b4 
_atom_type.scat_Cromer_Mann_c 
_atom_type.scat_source 
_atom_type.scat_dispersion_source 
C ? ? 3.54356  2.42580 ? ? 25.62398 1.50364  ? ? 0.0 
;2-Gaussian fit: Grosse-Kunstleve RW, Sauter NK, Adams PD: Newsletter of the IUCr Commission on Crystallographic Computing 2004, 3, 22-31.
;
? 
K ? ? 16.37977 2.54835 ? ? 4.54127  84.28225 ? ? 0.0 
;2-Gaussian fit: Grosse-Kunstleve RW, Sauter NK, Adams PD: Newsletter of the IUCr Commission on Crystallographic Computing 2004, 3, 22-31.
;
? 
N ? ? 4.01032  2.96436 ? ? 19.97189 1.75589  ? ? 0.0 
;2-Gaussian fit: Grosse-Kunstleve RW, Sauter NK, Adams PD: Newsletter of the IUCr Commission on Crystallographic Computing 2004, 3, 22-31.
;
? 
O ? ? 4.49882  3.47563 ? ? 15.80542 1.70748  ? ? 0.0 
;2-Gaussian fit: Grosse-Kunstleve RW, Sauter NK, Adams PD: Newsletter of the IUCr Commission on Crystallographic Computing 2004, 3, 22-31.
;
? 
P ? ? 9.51135  5.44231 ? ? 1.42069  35.72801 ? ? 0.0 
;2-Gaussian fit: Grosse-Kunstleve RW, Sauter NK, Adams PD: Newsletter of the IUCr Commission on Crystallographic Computing 2004, 3, 22-31.
;
? 
S ? ? 9.55732  6.39887 ? ? 1.23737  29.19336 ? ? 0.0 
;2-Gaussian fit: Grosse-Kunstleve RW, Sauter NK, Adams PD: Newsletter of the IUCr Commission on Crystallographic Computing 2004, 3, 22-31.
;
? 
# 
loop_
_atom_site.group_PDB 
_atom_site.id 
_atom_site.type_symbol 
_atom_site.label_atom_id 
_atom_site.label_alt_id 
_atom_site.label_comp_id 
_atom_site.label_asym_id 
_atom_site.label_entity_id 
_atom_site.label_seq_id 
_atom_site.pdbx_PDB_ins_code 
_atom_site.Cartn_x 
_atom_site.Cartn_y 
_atom_site.Cartn_z 
_atom_site.occupancy 
_atom_site.B_iso_or_equiv 
_atom_site.pdbx_formal_charge 
_atom_site.auth_seq_id 
_atom_site.auth_comp_id 
_atom_site.auth_asym_id 
_atom_site.auth_atom_id 
_atom_site.pdbx_PDB_model_num 
ATOM   1    O "O5'" . A   A 1 1  ? 5.67288   4.80399   2.02670   1.000 70.15108  ? 1   A   B "O5'" 1 
ATOM   2    C "C5'" . A   A 1 1  ? 5.44800   6.16910   2.33887   1.000 50.38751  ? 1   A   B "C5'" 1 
ATOM   3    C "C4'" . A   A 1 1  ? 5.38074   7.01728   1.09105   1.000 46.40125  ? 1   A   B "C4'" 1 
ATOM   4    O "O4'" . A   A 1 1  ? 6.31428   6.52946   0.08398   1.000 50.91216  ? 1   A   B "O4'" 1 
ATOM   5    C "C3'" . A   A 1 1  ? 4.05317   7.03234   0.37150   1.000 49.22754  ? 1   A   B "C3'" 1 
ATOM   6    O "O3'" . A   A 1 1  ? 3.11952   7.88632   1.00036   1.000 55.80541  ? 1   A   B "O3'" 1 
ATOM   7    C "C2'" . A   A 1 1  ? 4.45844   7.47809   -1.03301  1.000 52.23664  ? 1   A   B "C2'" 1 
ATOM   8    O "O2'" . A   A 1 1  ? 4.73146   8.87323   -1.05643  1.000 41.74882  ? 1   A   B "O2'" 1 
ATOM   9    C "C1'" . A   A 1 1  ? 5.78613   6.74634   -1.20341  1.000 41.27397  ? 1   A   B "C1'" 1 
ATOM   10   N N9    . A   A 1 1  ? 5.65111   5.43759   -1.86905  1.000 48.42710  ? 1   A   B N9    1 
ATOM   11   C C8    . A   A 1 1  ? 5.72327   4.21193   -1.26382  1.000 37.61268  ? 1   A   B C8    1 
ATOM   12   N N7    . A   A 1 1  ? 5.60842   3.20163   -2.09274  1.000 40.10408  ? 1   A   B N7    1 
ATOM   13   C C5    . A   A 1 1  ? 5.43625   3.79325   -3.32568  1.000 41.66631  ? 1   A   B C5    1 
ATOM   14   C C6    . A   A 1 1  ? 5.25368   3.25886   -4.60401  1.000 44.34232  ? 1   A   B C6    1 
ATOM   15   N N6    . A   A 1 1  ? 5.21291   1.94613   -4.83615  1.000 42.84203  ? 1   A   B N6    1 
ATOM   16   N N1    . A   A 1 1  ? 5.12326   4.11743   -5.64840  1.000 40.51909  ? 1   A   B N1    1 
ATOM   17   C C2    . A   A 1 1  ? 5.16580   5.42207   -5.39440  1.000 42.09920  ? 1   A   B C2    1 
ATOM   18   N N3    . A   A 1 1  ? 5.33711   6.04167   -4.23430  1.000 53.07352  ? 1   A   B N3    1 
ATOM   19   C C4    . A   A 1 1  ? 5.46723   5.16978   -3.21628  1.000 51.15071  ? 1   A   B C4    1 
ATOM   20   P P     . U   A 1 2  ? 1.54550   7.55562   0.97270   1.000 51.31515  ? 2   U   B P     1 
ATOM   21   O OP1   . U   A 1 2  ? 0.89108   8.65324   1.74320   1.000 50.74750  ? 2   U   B OP1   1 
ATOM   22   O OP2   . U   A 1 2  ? 1.28718   6.16048   1.40027   1.000 45.47475  ? 2   U   B OP2   1 
ATOM   23   O "O5'" . U   A 1 2  ? 1.17472   7.71248   -0.56903  1.000 61.10479  ? 2   U   B "O5'" 1 
ATOM   24   C "C5'" . U   A 1 2  ? 1.29357   8.96461   -1.22525  1.000 46.77365  ? 2   U   B "C5'" 1 
ATOM   25   C "C4'" . U   A 1 2  ? 1.19706   8.79018   -2.71122  1.000 51.03039  ? 2   U   B "C4'" 1 
ATOM   26   O "O4'" . U   A 1 2  ? 2.22657   7.87281   -3.14062  1.000 43.54615  ? 2   U   B "O4'" 1 
ATOM   27   C "C3'" . U   A 1 2  ? -0.09018  8.16062   -3.23242  1.000 55.41498  ? 2   U   B "C3'" 1 
ATOM   28   O "O3'" . U   A 1 2  ? -1.16062  9.08184   -3.34070  1.000 54.98918  ? 2   U   B "O3'" 1 
ATOM   29   C "C2'" . U   A 1 2  ? 0.35090   7.57874   -4.56772  1.000 55.46201  ? 2   U   B "C2'" 1 
ATOM   30   O "O2'" . U   A 1 2  ? 0.49042   8.60935   -5.53432  1.000 49.48455  ? 2   U   B "O2'" 1 
ATOM   31   C "C1'" . U   A 1 2  ? 1.75784   7.09930   -4.22552  1.000 56.75502  ? 2   U   B "C1'" 1 
ATOM   32   N N1    . U   A 1 2  ? 1.82906   5.66861   -3.86265  1.000 46.07860  ? 2   U   B N1    1 
ATOM   33   C C2    . U   A 1 2  ? 1.95099   4.82157   -4.93110  1.000 50.33852  ? 2   U   B C2    1 
ATOM   34   O O2    . U   A 1 2  ? 1.97030   5.22268   -6.07809  1.000 49.17456  ? 2   U   B O2    1 
ATOM   35   N N3    . U   A 1 2  ? 2.05620   3.49679   -4.61480  1.000 43.22659  ? 2   U   B N3    1 
ATOM   36   C C4    . U   A 1 2  ? 2.07246   2.96388   -3.35843  1.000 38.58947  ? 2   U   B C4    1 
ATOM   37   O O4    . U   A 1 2  ? 2.18001   1.74649   -3.26709  1.000 50.29186  ? 2   U   B O4    1 
ATOM   38   C C5    . U   A 1 2  ? 1.92813   3.90195   -2.29323  1.000 30.53836  ? 2   U   B C5    1 
ATOM   39   C C6    . U   A 1 2  ? 1.81008   5.20292   -2.57106  1.000 36.82741  ? 2   U   B C6    1 
ATOM   40   P P     . C   A 1 3  ? -2.63405  8.68982   -2.82219  1.000 58.83866  ? 3   C   B P     1 
ATOM   41   O OP1   . C   A 1 3  ? -3.33376  9.96191   -2.52611  1.000 63.78900  ? 3   C   B OP1   1 
ATOM   42   O OP2   . C   A 1 3  ? -2.49959  7.63578   -1.79328  1.000 54.67386  ? 3   C   B OP2   1 
ATOM   43   O "O5'" . C   A 1 3  ? -3.34516  8.00851   -4.07929  1.000 66.68697  ? 3   C   B "O5'" 1 
ATOM   44   C "C5'" . C   A 1 3  ? -3.15420  8.50553   -5.39703  1.000 52.47761  ? 3   C   B "C5'" 1 
ATOM   45   C "C4'" . C   A 1 3  ? -3.53935  7.48075   -6.43416  1.000 58.04245  ? 3   C   B "C4'" 1 
ATOM   46   O "O4'" . C   A 1 3  ? -2.41432  6.61999   -6.73385  1.000 54.92742  ? 3   C   B "O4'" 1 
ATOM   47   C "C3'" . C   A 1 3  ? -4.64363  6.51020   -6.04690  1.000 56.22229  ? 3   C   B "C3'" 1 
ATOM   48   O "O3'" . C   A 1 3  ? -5.93784  7.06554   -6.16043  1.000 62.97664  ? 3   C   B "O3'" 1 
ATOM   49   C "C2'" . C   A 1 3  ? -4.39761  5.34775   -6.99227  1.000 58.74216  ? 3   C   B "C2'" 1 
ATOM   50   O "O2'" . C   A 1 3  ? -4.86280  5.64779   -8.29828  1.000 61.24380  ? 3   C   B "O2'" 1 
ATOM   51   C "C1'" . C   A 1 3  ? -2.87447  5.31767   -7.02932  1.000 54.98210  ? 3   C   B "C1'" 1 
ATOM   52   N N1    . C   A 1 3  ? -2.33427  4.36508   -6.03863  1.000 42.63552  ? 3   C   B N1    1 
ATOM   53   C C2    . C   A 1 3  ? -2.16657  3.06219   -6.48979  1.000 49.76562  ? 3   C   B C2    1 
ATOM   54   O O2    . C   A 1 3  ? -2.47835  2.82346   -7.66760  1.000 50.97842  ? 3   C   B O2    1 
ATOM   55   N N3    . C   A 1 3  ? -1.67944  2.11077   -5.65555  1.000 45.19710  ? 3   C   B N3    1 
ATOM   56   C C4    . C   A 1 3  ? -1.37135  2.44943   -4.40530  1.000 48.17214  ? 3   C   B C4    1 
ATOM   57   N N4    . C   A 1 3  ? -0.89653  1.48484   -3.62367  1.000 41.36533  ? 3   C   B N4    1 
ATOM   58   C C5    . C   A 1 3  ? -1.53070  3.78172   -3.90223  1.000 46.61450  ? 3   C   B C5    1 
ATOM   59   C C6    . C   A 1 3  ? -2.02097  4.70851   -4.74707  1.000 47.20738  ? 3   C   B C6    1 
ATOM   60   P P     . G   A 1 4  ? -7.15185  6.49355   -5.27793  1.000 72.48177  ? 4   G   B P     1 
ATOM   61   O OP1   . G   A 1 4  ? -8.29837  7.33205   -5.70063  1.000 76.35307  ? 4   G   B OP1   1 
ATOM   62   O OP2   . G   A 1 4  ? -6.81490  6.34520   -3.83687  1.000 70.52964  ? 4   G   B OP2   1 
ATOM   63   O "O5'" . G   A 1 4  ? -7.36174  5.01689   -5.81690  1.000 64.86274  ? 4   G   B "O5'" 1 
ATOM   64   C "C5'" . G   A 1 4  ? -7.88575  4.81035   -7.10990  1.000 64.73189  ? 4   G   B "C5'" 1 
ATOM   65   C "C4'" . G   A 1 4  ? -7.82166  3.36487   -7.49725  1.000 58.65617  ? 4   G   B "C4'" 1 
ATOM   66   O "O4'" . G   A 1 4  ? -6.46115  2.87879   -7.41609  1.000 63.70805  ? 4   G   B "O4'" 1 
ATOM   67   C "C3'" . G   A 1 4  ? -8.57859  2.40365   -6.61259  1.000 63.83213  ? 4   G   B "C3'" 1 
ATOM   68   O "O3'" . G   A 1 4  ? -9.97341  2.44858   -6.81098  1.000 64.61766  ? 4   G   B "O3'" 1 
ATOM   69   C "C2'" . G   A 1 4  ? -7.93570  1.07501   -6.98319  1.000 66.74479  ? 4   G   B "C2'" 1 
ATOM   70   O "O2'" . G   A 1 4  ? -8.37556  0.64070   -8.26129  1.000 59.39400  ? 4   G   B "O2'" 1 
ATOM   71   C "C1'" . G   A 1 4  ? -6.47829  1.49585   -7.11623  1.000 60.73118  ? 4   G   B "C1'" 1 
ATOM   72   N N9    . G   A 1 4  ? -5.74676  1.26798   -5.86916  1.000 55.59105  ? 4   G   B N9    1 
ATOM   73   C C8    . G   A 1 4  ? -5.36611  2.18156   -4.92308  1.000 45.95859  ? 4   G   B C8    1 
ATOM   74   N N7    . G   A 1 4  ? -4.72292  1.61850   -3.94759  1.000 57.38465  ? 4   G   B N7    1 
ATOM   75   C C5    . G   A 1 4  ? -4.69763  0.26940   -4.27728  1.000 48.94479  ? 4   G   B C5    1 
ATOM   76   C C6    . G   A 1 4  ? -4.13054  -0.83034  -3.61135  1.000 41.70359  ? 4   G   B C6    1 
ATOM   77   O O6    . G   A 1 4  ? -3.51611  -0.84011  -2.54171  1.000 65.89793  ? 4   G   B O6    1 
ATOM   78   N N1    . G   A 1 4  ? -4.32113  -2.00920  -4.30543  1.000 49.39165  ? 4   G   B N1    1 
ATOM   79   C C2    . G   A 1 4  ? -4.97768  -2.12634  -5.49960  1.000 53.72483  ? 4   G   B C2    1 
ATOM   80   N N2    . G   A 1 4  ? -5.06138  -3.36361  -6.00869  1.000 48.27975  ? 4   G   B N2    1 
ATOM   81   N N3    . G   A 1 4  ? -5.50493  -1.09976  -6.14390  1.000 54.73441  ? 4   G   B N3    1 
ATOM   82   C C4    . G   A 1 4  ? -5.32529  0.04534   -5.46876  1.000 51.28466  ? 4   G   B C4    1 
ATOM   83   P P     . A   A 1 5  ? -10.96405 2.15069   -5.58819  1.000 74.38723  ? 5   A   B P     1 
ATOM   84   O OP1   . A   A 1 5  ? -12.33106 2.48268   -6.08995  1.000 75.62387  ? 5   A   B OP1   1 
ATOM   85   O OP2   . A   A 1 5  ? -10.48308 2.88009   -4.38400  1.000 70.29398  ? 5   A   B OP2   1 
ATOM   86   O "O5'" . A   A 1 5  ? -10.81324 0.57384   -5.37870  1.000 48.06476  ? 5   A   B "O5'" 1 
ATOM   87   C "C5'" . A   A 1 5  ? -11.01927 -0.29884  -6.47597  1.000 55.14878  ? 5   A   B "C5'" 1 
ATOM   88   C "C4'" . A   A 1 5  ? -10.61631 -1.71366  -6.16755  1.000 62.69980  ? 5   A   B "C4'" 1 
ATOM   89   O "O4'" . A   A 1 5  ? -9.19207  -1.78443  -5.92752  1.000 65.24228  ? 5   A   B "O4'" 1 
ATOM   90   C "C3'" . A   A 1 5  ? -11.24470 -2.33425  -4.93165  1.000 68.85186  ? 5   A   B "C3'" 1 
ATOM   91   O "O3'" . A   A 1 5  ? -12.53011 -2.85893  -5.22222  1.000 79.28134  ? 5   A   B "O3'" 1 
ATOM   92   C "C2'" . A   A 1 5  ? -10.23524 -3.41368  -4.54653  1.000 70.43012  ? 5   A   B "C2'" 1 
ATOM   93   O "O2'" . A   A 1 5  ? -10.42152 -4.58376  -5.32649  1.000 68.65151  ? 5   A   B "O2'" 1 
ATOM   94   C "C1'" . A   A 1 5  ? -8.91434  -2.77944  -4.97357  1.000 58.03287  ? 5   A   B "C1'" 1 
ATOM   95   N N9    . A   A 1 5  ? -8.17737  -2.17182  -3.85861  1.000 63.21916  ? 5   A   B N9    1 
ATOM   96   C C8    . A   A 1 5  ? -8.09458  -0.84126  -3.49387  1.000 70.45540  ? 5   A   B C8    1 
ATOM   97   N N7    . A   A 1 5  ? -7.31033  -0.63397  -2.45648  1.000 58.46608  ? 5   A   B N7    1 
ATOM   98   C C5    . A   A 1 5  ? -6.85834  -1.91452  -2.14757  1.000 57.34898  ? 5   A   B C5    1 
ATOM   99   C C6    . A   A 1 5  ? -5.98935  -2.37529  -1.15562  1.000 55.72621  ? 5   A   B C6    1 
ATOM   100  N N6    . A   A 1 5  ? -5.43092  -1.53620  -0.27794  1.000 56.57575  ? 5   A   B N6    1 
ATOM   101  N N1    . A   A 1 5  ? -5.73620  -3.70774  -1.09530  1.000 53.49250  ? 5   A   B N1    1 
ATOM   102  C C2    . A   A 1 5  ? -6.31727  -4.50776  -2.00124  1.000 58.84516  ? 5   A   B C2    1 
ATOM   103  N N3    . A   A 1 5  ? -7.15469  -4.18764  -2.99023  1.000 59.62397  ? 5   A   B N3    1 
ATOM   104  C C4    . A   A 1 5  ? -7.38345  -2.86734  -2.99461  1.000 50.69594  ? 5   A   B C4    1 
ATOM   105  P P     . G   A 1 6  ? -13.76257 -2.75830  -4.18976  1.000 78.23533  ? 6   G   B P     1 
ATOM   106  O OP1   . G   A 1 6  ? -14.97381 -3.01552  -5.01781  1.000 85.16410  ? 6   G   B OP1   1 
ATOM   107  O OP2   . G   A 1 6  ? -13.73142 -1.53032  -3.36142  1.000 71.21486  ? 6   G   B OP2   1 
ATOM   108  O "O5'" . G   A 1 6  ? -13.52504 -3.99710  -3.22640  1.000 62.55188  ? 6   G   B "O5'" 1 
ATOM   109  C "C5'" . G   A 1 6  ? -13.09795 -5.24468  -3.75110  1.000 60.24548  ? 6   G   B "C5'" 1 
ATOM   110  C "C4'" . G   A 1 6  ? -12.68209 -6.15894  -2.63748  1.000 76.72933  ? 6   G   B "C4'" 1 
ATOM   111  O "O4'" . G   A 1 6  ? -11.37801 -5.73507  -2.13230  1.000 81.92084  ? 6   G   B "O4'" 1 
ATOM   112  C "C3'" . G   A 1 6  ? -13.63575 -6.12427  -1.44119  1.000 75.78987  ? 6   G   B "C3'" 1 
ATOM   113  O "O3'" . G   A 1 6  ? -13.74880 -7.41492  -0.84239  1.000 82.03777  ? 6   G   B "O3'" 1 
ATOM   114  C "C2'" . G   A 1 6  ? -12.93386 -5.17584  -0.48138  1.000 76.48242  ? 6   G   B "C2'" 1 
ATOM   115  O "O2'" . G   A 1 6  ? -13.28341 -5.33012  0.87752   1.000 76.70185  ? 6   G   B "O2'" 1 
ATOM   116  C "C1'" . G   A 1 6  ? -11.47220 -5.51375  -0.74224  1.000 62.82767  ? 6   G   B "C1'" 1 
ATOM   117  N N9    . G   A 1 6  ? -10.57573 -4.44739  -0.30013  1.000 60.31767  ? 6   G   B N9    1 
ATOM   118  C C8    . G   A 1 6  ? -10.81454 -3.09846  -0.34065  1.000 61.31036  ? 6   G   B C8    1 
ATOM   119  N N7    . G   A 1 6  ? -9.86982  -2.38985  0.21095   1.000 54.61680  ? 6   G   B N7    1 
ATOM   120  C C5    . G   A 1 6  ? -8.97334  -3.33463  0.68258   1.000 59.30207  ? 6   G   B C5    1 
ATOM   121  C C6    . G   A 1 6  ? -7.75573  -3.17440  1.38926   1.000 54.74477  ? 6   G   B C6    1 
ATOM   122  O O6    . G   A 1 6  ? -7.21272  -2.12238  1.73589   1.000 58.07818  ? 6   G   B O6    1 
ATOM   123  N N1    . G   A 1 6  ? -7.16050  -4.39726  1.67000   1.000 48.98638  ? 6   G   B N1    1 
ATOM   124  C C2    . G   A 1 6  ? -7.67673  -5.62165  1.32918   1.000 52.52522  ? 6   G   B C2    1 
ATOM   125  N N2    . G   A 1 6  ? -6.96350  -6.70349  1.69386   1.000 39.78595  ? 6   G   B N2    1 
ATOM   126  N N3    . G   A 1 6  ? -8.81646  -5.78571  0.67429   1.000 53.39814  ? 6   G   B N3    1 
ATOM   127  C C4    . G   A 1 6  ? -9.40272  -4.60932  0.38935   1.000 58.58354  ? 6   G   B C4    1 
ATOM   128  P P     . G   A 1 7  ? -15.15672 -7.84556  -0.20189  1.000 83.53355  ? 7   G   B P     1 
ATOM   129  O OP1   . G   A 1 7  ? -16.12562 -7.99313  -1.31963  1.000 84.46397  ? 7   G   B OP1   1 
ATOM   130  O OP2   . G   A 1 7  ? -15.44957 -6.84957  0.86663   1.000 58.83360  ? 7   G   B OP2   1 
ATOM   131  O "O5'" . G   A 1 7  ? -14.89812 -9.30411  0.38857   1.000 62.38088  ? 7   G   B "O5'" 1 
ATOM   132  C "C5'" . G   A 1 7  ? -14.97587 -10.43548 -0.45973  1.000 62.41230  ? 7   G   B "C5'" 1 
ATOM   133  C "C4'" . G   A 1 7  ? -13.92654 -11.46289 -0.12617  1.000 71.68442  ? 7   G   B "C4'" 1 
ATOM   134  O "O4'" . G   A 1 7  ? -12.61126 -10.86082 -0.19063  1.000 76.02905  ? 7   G   B "O4'" 1 
ATOM   135  C "C3'" . G   A 1 7  ? -13.98829 -12.06576 1.26816   1.000 66.93712  ? 7   G   B "C3'" 1 
ATOM   136  O "O3'" . G   A 1 7  ? -14.93168 -13.11076 1.37251   1.000 74.95421  ? 7   G   B "O3'" 1 
ATOM   137  C "C2'" . G   A 1 7  ? -12.55954 -12.53812 1.49460   1.000 69.51809  ? 7   G   B "C2'" 1 
ATOM   138  O "O2'" . G   A 1 7  ? -12.32850 -13.78233 0.85184   1.000 79.78512  ? 7   G   B "O2'" 1 
ATOM   139  C "C1'" . G   A 1 7  ? -11.76245 -11.45833 0.76940   1.000 71.59229  ? 7   G   B "C1'" 1 
ATOM   140  N N9    . G   A 1 7  ? -11.28225 -10.41404 1.69303   1.000 64.87415  ? 7   G   B N9    1 
ATOM   141  C C8    . G   A 1 7  ? -11.71512 -9.11556  1.79300   1.000 65.27868  ? 7   G   B C8    1 
ATOM   142  N N7    . G   A 1 7  ? -11.08393 -8.43440  2.70739   1.000 52.18739  ? 7   G   B N7    1 
ATOM   143  C C5    . G   A 1 7  ? -10.18326 -9.34883  3.22818   1.000 57.93020  ? 7   G   B C5    1 
ATOM   144  C C6    . G   A 1 7  ? -9.21778  -9.18673  4.24558   1.000 55.46987  ? 7   G   B C6    1 
ATOM   145  O O6    . G   A 1 7  ? -8.99294  -8.16201  4.89196   1.000 56.16991  ? 7   G   B O6    1 
ATOM   146  N N1    . G   A 1 7  ? -8.51640  -10.36068 4.47506   1.000 57.67606  ? 7   G   B N1    1 
ATOM   147  C C2    . G   A 1 7  ? -8.71143  -11.54733 3.80188   1.000 59.01694  ? 7   G   B C2    1 
ATOM   148  N N2    . G   A 1 7  ? -7.94080  -12.59171 4.14127   1.000 54.93584  ? 7   G   B N2    1 
ATOM   149  N N3    . G   A 1 7  ? -9.60091  -11.69961 2.84877   1.000 62.96074  ? 7   G   B N3    1 
ATOM   150  C C4    . G   A 1 7  ? -10.29449 -10.56928 2.62200   1.000 54.58698  ? 7   G   B C4    1 
ATOM   151  P P     . G   A 1 8  ? -15.73892 -13.33138 2.74053   1.000 92.77117  ? 8   G   B P     1 
ATOM   152  O OP1   . G   A 1 8  ? -16.78660 -14.37219 2.48112   1.000 82.49386  ? 8   G   B OP1   1 
ATOM   153  O OP2   . G   A 1 8  ? -16.12489 -11.97906 3.21384   1.000 71.09940  ? 8   G   B OP2   1 
ATOM   154  O "O5'" . G   A 1 8  ? -14.67716 -13.96610 3.75100   1.000 68.40764  ? 8   G   B "O5'" 1 
ATOM   155  C "C5'" . G   A 1 8  ? -14.29366 -15.32630 3.61758   1.000 80.95818  ? 8   G   B "C5'" 1 
ATOM   156  C "C4'" . G   A 1 8  ? -13.33069 -15.77135 4.68998   1.000 82.92045  ? 8   G   B "C4'" 1 
ATOM   157  O "O4'" . G   A 1 8  ? -12.02221 -15.16375 4.48433   1.000 76.64013  ? 8   G   B "O4'" 1 
ATOM   158  C "C3'" . G   A 1 8  ? -13.66932 -15.40138 6.12344   1.000 74.94954  ? 8   G   B "C3'" 1 
ATOM   159  O "O3'" . G   A 1 8  ? -14.70360 -16.17745 6.70367   1.000 84.00876  ? 8   G   B "O3'" 1 
ATOM   160  C "C2'" . G   A 1 8  ? -12.31682 -15.54863 6.80153   1.000 75.62772  ? 8   G   B "C2'" 1 
ATOM   161  O "O2'" . G   A 1 8  ? -11.96955 -16.91867 6.95589   1.000 81.74951  ? 8   G   B "O2'" 1 
ATOM   162  C "C1'" . G   A 1 8  ? -11.40554 -14.93548 5.73490   1.000 74.82440  ? 8   G   B "C1'" 1 
ATOM   163  N N9    . G   A 1 8  ? -11.29271 -13.47939 5.95930   1.000 71.24117  ? 8   G   B N9    1 
ATOM   164  C C8    . G   A 1 8  ? -12.09658 -12.47375 5.47188   1.000 71.43981  ? 8   G   B C8    1 
ATOM   165  N N7    . G   A 1 8  ? -11.78571 -11.28236 5.89921   1.000 57.97795  ? 8   G   B N7    1 
ATOM   166  C C5    . G   A 1 8  ? -10.70668 -11.52329 6.73630   1.000 69.24566  ? 8   G   B C5    1 
ATOM   167  C C6    . G   A 1 8  ? -9.92368  -10.61055 7.48700   1.000 59.55799  ? 8   G   B C6    1 
ATOM   168  O O6    . G   A 1 8  ? -10.05722 -9.38462  7.56066   1.000 50.44916  ? 8   G   B O6    1 
ATOM   169  N N1    . G   A 1 8  ? -8.94110  -11.27813 8.21258   1.000 53.30146  ? 8   G   B N1    1 
ATOM   170  C C2    . G   A 1 8  ? -8.71913  -12.62557 8.19617   1.000 49.17335  ? 8   G   B C2    1 
ATOM   171  N N2    . G   A 1 8  ? -7.72077  -13.06165 8.94805   1.000 56.73446  ? 8   G   B N2    1 
ATOM   172  N N3    . G   A 1 8  ? -9.42784  -13.49164 7.50259   1.000 63.37942  ? 8   G   B N3    1 
ATOM   173  C C4    . G   A 1 8  ? -10.40234 -12.86954 6.80167   1.000 64.80108  ? 8   G   B C4    1 
ATOM   174  P P     . A   A 1 9  ? -15.89399 -15.44407 7.50229   1.000 78.53337  ? 9   A   B P     1 
ATOM   175  O OP1   . A   A 1 9  ? -17.13595 -16.20772 7.27234   1.000 101.81666 ? 9   A   B OP1   1 
ATOM   176  O OP2   . A   A 1 9  ? -15.85993 -13.99137 7.17795   1.000 82.02437  ? 9   A   B OP2   1 
ATOM   177  O "O5'" . A   A 1 9  ? -15.51485 -15.62356 9.03653   1.000 80.59214  ? 9   A   B "O5'" 1 
ATOM   178  C "C5'" . A   A 1 9  ? -15.48259 -16.91477 9.62319   1.000 86.16126  ? 9   A   B "C5'" 1 
ATOM   179  C "C4'" . A   A 1 9  ? -15.56579 -16.85014 11.12709  1.000 102.23013 ? 9   A   B "C4'" 1 
ATOM   180  O "O4'" . A   A 1 9  ? -16.27453 -15.64427 11.54180  1.000 92.48640  ? 9   A   B "O4'" 1 
ATOM   181  C "C3'" . A   A 1 9  ? -16.30479 -18.02018 11.78357  1.000 98.18118  ? 9   A   B "C3'" 1 
ATOM   182  O "O3'" . A   A 1 9  ? -15.68320 -18.32094 13.03116  1.000 83.07208  ? 9   A   B "O3'" 1 
ATOM   183  C "C2'" . A   A 1 9  ? -17.68426 -17.42853 12.04235  1.000 90.56112  ? 9   A   B "C2'" 1 
ATOM   184  O "O2'" . A   A 1 9  ? -18.42827 -18.06999 13.05299  1.000 107.93283 ? 9   A   B "O2'" 1 
ATOM   185  C "C1'" . A   A 1 9  ? -17.30928 -16.01128 12.43380  1.000 99.58236  ? 9   A   B "C1'" 1 
ATOM   186  N N9    . A   A 1 9  ? -18.40645 -15.04854 12.36395  1.000 99.99334  ? 9   A   B N9    1 
ATOM   187  C C8    . A   A 1 9  ? -19.17418 -14.61258 13.41962  1.000 91.29938  ? 9   A   B C8    1 
ATOM   188  N N7    . A   A 1 9  ? -20.10105 -13.75330 13.07518  1.000 93.12974  ? 9   A   B N7    1 
ATOM   189  C C5    . A   A 1 9  ? -19.93548 -13.62344 11.70060  1.000 91.34529  ? 9   A   B C5    1 
ATOM   190  C C6    . A   A 1 9  ? -20.61411 -12.85726 10.73700  1.000 84.03150  ? 9   A   B C6    1 
ATOM   191  N N6    . A   A 1 9  ? -21.63230 -12.03842 11.01374  1.000 79.97216  ? 9   A   B N6    1 
ATOM   192  N N1    . A   A 1 9  ? -20.19593 -12.96103 9.45663   1.000 95.84431  ? 9   A   B N1    1 
ATOM   193  C C2    . A   A 1 9  ? -19.16801 -13.77924 9.17396   1.000 100.70425 ? 9   A   B C2    1 
ATOM   194  N N3    . A   A 1 9  ? -18.44753 -14.55180 9.98757   1.000 96.30427  ? 9   A   B N3    1 
ATOM   195  C C4    . A   A 1 9  ? -18.89531 -14.42447 11.24866  1.000 96.64820  ? 9   A   B C4    1 
ATOM   196  P P     . G   A 1 10 ? -14.33094 -19.18815 13.05586  1.000 115.05491 ? 10  G   B P     1 
ATOM   197  O OP1   . G   A 1 10 ? -14.28696 -19.96175 11.79014  1.000 107.46971 ? 10  G   B OP1   1 
ATOM   198  O OP2   . G   A 1 10 ? -14.23409 -19.90748 14.35334  1.000 116.12095 ? 10  G   B OP2   1 
ATOM   199  O "O5'" . G   A 1 10 ? -13.17174 -18.09429 13.02357  1.000 105.53587 ? 10  G   B "O5'" 1 
ATOM   200  C "C5'" . G   A 1 10 ? -11.83966 -18.44347 12.65835  1.000 93.20341  ? 10  G   B "C5'" 1 
ATOM   201  C "C4'" . G   A 1 10 ? -11.57781 -18.12754 11.20821  1.000 94.39667  ? 10  G   B "C4'" 1 
ATOM   202  O "O4'" . G   A 1 10 ? -11.78910 -16.70488 10.97550  1.000 87.93060  ? 10  G   B "O4'" 1 
ATOM   203  C "C3'" . G   A 1 10 ? -10.17044 -18.43865 10.70063  1.000 94.10234  ? 10  G   B "C3'" 1 
ATOM   204  O "O3'" . G   A 1 10 ? -10.25545 -18.86716 9.34390   1.000 113.21413 ? 10  G   B "O3'" 1 
ATOM   205  C "C2'" . G   A 1 10 ? -9.49647  -17.07336 10.74170  1.000 81.37138  ? 10  G   B "C2'" 1 
ATOM   206  O "O2'" . G   A 1 10 ? -8.39052  -16.92196 9.87605   1.000 82.84019  ? 10  G   B "O2'" 1 
ATOM   207  C "C1'" . G   A 1 10 ? -10.64942 -16.16228 10.34529  1.000 77.74322  ? 10  G   B "C1'" 1 
ATOM   208  N N9    . G   A 1 10 ? -10.46612 -14.77729 10.77817  1.000 77.14077  ? 10  G   B N9    1 
ATOM   209  C C8    . G   A 1 10 ? -9.51729  -14.37194 11.68566  1.000 62.99832  ? 10  G   B C8    1 
ATOM   210  N N7    . G   A 1 10 ? -9.52963  -13.09370 11.89703  1.000 62.20764  ? 10  G   B N7    1 
ATOM   211  C C5    . G   A 1 10 ? -10.53649 -12.62111 11.07626  1.000 63.69628  ? 10  G   B C5    1 
ATOM   212  C C6    . G   A 1 10 ? -10.99092 -11.29909 10.88697  1.000 62.83136  ? 10  G   B C6    1 
ATOM   213  O O6    . G   A 1 10 ? -10.57976 -10.27428 11.42867  1.000 51.88667  ? 10  G   B O6    1 
ATOM   214  N N1    . G   A 1 10 ? -12.02840 -11.23382 9.96951   1.000 64.75505  ? 10  G   B N1    1 
ATOM   215  C C2    . G   A 1 10 ? -12.55024 -12.31430 9.31333   1.000 61.30494  ? 10  G   B C2    1 
ATOM   216  N N2    . G   A 1 10 ? -13.54747 -12.03360 8.46631   1.000 69.89651  ? 10  G   B N2    1 
ATOM   217  N N3    . G   A 1 10 ? -12.13276 -13.55998 9.47376   1.000 67.51246  ? 10  G   B N3    1 
ATOM   218  C C4    . G   A 1 10 ? -11.12894 -13.64303 10.36782  1.000 71.00788  ? 10  G   B C4    1 
ATOM   219  P P     . U   A 1 11 ? -10.38013 -20.42732 8.99279   1.000 117.85375 ? 11  U   B P     1 
ATOM   220  O OP1   . U   A 1 11 ? -11.77416 -20.67130 8.54667   1.000 107.88315 ? 11  U   B OP1   1 
ATOM   221  O OP2   . U   A 1 11 ? -9.83301  -21.20441 10.13714  1.000 120.57770 ? 11  U   B OP2   1 
ATOM   222  O "O5'" . U   A 1 11 ? -9.42783  -20.60874 7.72834   1.000 118.50111 ? 11  U   B "O5'" 1 
ATOM   223  C "C5'" . U   A 1 11 ? -9.97673  -20.67089 6.42267   1.000 135.38199 ? 11  U   B "C5'" 1 
ATOM   224  C "C4'" . U   A 1 11 ? -8.90678  -20.67288 5.36388   1.000 143.32878 ? 11  U   B "C4'" 1 
ATOM   225  O "O4'" . U   A 1 11 ? -9.50630  -20.97364 4.07623   1.000 163.71186 ? 11  U   B "O4'" 1 
ATOM   226  C "C3'" . U   A 1 11 ? -8.20486  -19.34816 5.13391   1.000 146.06673 ? 11  U   B "C3'" 1 
ATOM   227  O "O3'" . U   A 1 11 ? -7.17940  -19.06894 6.06467   1.000 129.78153 ? 11  U   B "O3'" 1 
ATOM   228  C "C2'" . U   A 1 11 ? -7.70300  -19.48076 3.70460   1.000 162.15172 ? 11  U   B "C2'" 1 
ATOM   229  O "O2'" . U   A 1 11 ? -6.53841  -20.29311 3.65862   1.000 160.89525 ? 11  U   B "O2'" 1 
ATOM   230  C "C1'" . U   A 1 11 ? -8.85493  -20.24406 3.05719   1.000 167.23779 ? 11  U   B "C1'" 1 
ATOM   231  N N1    . U   A 1 11 ? -9.83851  -19.33469 2.42232   1.000 177.22939 ? 11  U   B N1    1 
ATOM   232  C C2    . U   A 1 11 ? -9.50288  -18.75955 1.20826   1.000 187.89925 ? 11  U   B C2    1 
ATOM   233  O O2    . U   A 1 11 ? -8.43971  -18.96160 0.64370   1.000 191.01497 ? 11  U   B O2    1 
ATOM   234  N N3    . U   A 1 11 ? -10.46100 -17.93136 0.67380   1.000 191.62132 ? 11  U   B N3    1 
ATOM   235  C C4    . U   A 1 11 ? -11.69427 -17.62503 1.21287   1.000 183.78627 ? 11  U   B C4    1 
ATOM   236  O O4    . U   A 1 11 ? -12.44779 -16.85946 0.60778   1.000 178.83671 ? 11  U   B O4    1 
ATOM   237  C C5    . U   A 1 11 ? -11.96683 -18.25899 2.46685   1.000 169.30469 ? 11  U   B C5    1 
ATOM   238  C C6    . U   A 1 11 ? -11.05418 -19.07043 3.01294   1.000 168.59470 ? 11  U   B C6    1 
ATOM   239  P P     . G   A 1 12 ? -6.59187  -17.57726 6.11402   1.000 131.44915 ? 12  G   B P     1 
ATOM   240  O OP1   . G   A 1 12 ? -7.76667  -16.69091 6.36733   1.000 95.02505  ? 12  G   B OP1   1 
ATOM   241  O OP2   . G   A 1 12 ? -5.74357  -17.36707 4.90269   1.000 103.24818 ? 12  G   B OP2   1 
ATOM   242  O "O5'" . G   A 1 12 ? -5.64303  -17.56258 7.39553   1.000 103.03039 ? 12  G   B "O5'" 1 
ATOM   243  C "C5'" . G   A 1 12 ? -4.30494  -18.02432 7.31781   1.000 84.45573  ? 12  G   B "C5'" 1 
ATOM   244  C "C4'" . G   A 1 12 ? -3.35174  -17.00611 7.88183   1.000 71.79796  ? 12  G   B "C4'" 1 
ATOM   245  O "O4'" . G   A 1 12 ? -3.13982  -15.94434 6.91710   1.000 67.58182  ? 12  G   B "O4'" 1 
ATOM   246  C "C3'" . G   A 1 12 ? -3.82420  -16.28636 9.13579   1.000 67.79307  ? 12  G   B "C3'" 1 
ATOM   247  O "O3'" . G   A 1 12 ? -3.57725  -17.03359 10.30995  1.000 58.71082  ? 12  G   B "O3'" 1 
ATOM   248  C "C2'" . G   A 1 12 ? -3.04014  -14.98774 9.08975   1.000 70.62798  ? 12  G   B "C2'" 1 
ATOM   249  O "O2'" . G   A 1 12 ? -1.71816  -15.18640 9.56902   1.000 75.32171  ? 12  G   B "O2'" 1 
ATOM   250  C "C1'" . G   A 1 12 ? -2.98081  -14.71462 7.58469   1.000 66.68659  ? 12  G   B "C1'" 1 
ATOM   251  N N9    . G   A 1 12 ? -4.03855  -13.78418 7.15027   1.000 55.84188  ? 12  G   B N9    1 
ATOM   252  C C8    . G   A 1 12 ? -5.18491  -14.08208 6.47188   1.000 61.05478  ? 12  G   B C8    1 
ATOM   253  N N7    . G   A 1 12 ? -5.91928  -13.03045 6.25416   1.000 67.70976  ? 12  G   B N7    1 
ATOM   254  C C5    . G   A 1 12 ? -5.21937  -11.97533 6.82205   1.000 54.83329  ? 12  G   B C5    1 
ATOM   255  C C6    . G   A 1 12 ? -5.53080  -10.58564 6.89135   1.000 60.99168  ? 12  G   B C6    1 
ATOM   256  O O6    . G   A 1 12 ? -6.51681  -9.97168  6.44240   1.000 51.43893  ? 12  G   B O6    1 
ATOM   257  N N1    . G   A 1 12 ? -4.53358  -9.88491  7.56608   1.000 56.12719  ? 12  G   B N1    1 
ATOM   258  C C2    . G   A 1 12 ? -3.39996  -10.44262 8.09514   1.000 50.18551  ? 12  G   B C2    1 
ATOM   259  N N2    . G   A 1 12 ? -2.57933  -9.58760  8.70475   1.000 49.25179  ? 12  G   B N2    1 
ATOM   260  N N3    . G   A 1 12 ? -3.10749  -11.73076 8.05214   1.000 49.84594  ? 12  G   B N3    1 
ATOM   261  C C4    . G   A 1 12 ? -4.05403  -12.43080 7.38633   1.000 56.01438  ? 12  G   B C4    1 
ATOM   262  P P     . G   A 1 13 ? -4.42117  -16.78490 11.64810  1.000 66.76067  ? 13  G   B P     1 
ATOM   263  O OP1   . G   A 1 13 ? -3.92870  -17.79793 12.62204  1.000 71.91116  ? 13  G   B OP1   1 
ATOM   264  O OP2   . G   A 1 13 ? -5.86404  -16.68886 11.33093  1.000 62.22959  ? 13  G   B OP2   1 
ATOM   265  O "O5'" . G   A 1 13 ? -3.91736  -15.36733 12.17990  1.000 78.12634  ? 13  G   B "O5'" 1 
ATOM   266  C "C5'" . G   A 1 13 ? -2.68694  -15.24441 12.88994  1.000 53.28326  ? 13  G   B "C5'" 1 
ATOM   267  C "C4'" . G   A 1 13 ? -2.50524  -13.85679 13.45917  1.000 64.89687  ? 13  G   B "C4'" 1 
ATOM   268  O "O4'" . G   A 1 13 ? -2.37135  -12.88731 12.38132  1.000 51.56999  ? 13  G   B "O4'" 1 
ATOM   269  C "C3'" . G   A 1 13 ? -3.65400  -13.31896 14.29972  1.000 63.18952  ? 13  G   B "C3'" 1 
ATOM   270  O "O3'" . G   A 1 13 ? -3.63415  -13.78780 15.63833  1.000 63.49868  ? 13  G   B "O3'" 1 
ATOM   271  C "C2'" . G   A 1 13 ? -3.46068  -11.81567 14.18885  1.000 53.27556  ? 13  G   B "C2'" 1 
ATOM   272  O "O2'" . G   A 1 13 ? -2.40006  -11.38607 15.02728  1.000 58.86370  ? 13  G   B "O2'" 1 
ATOM   273  C "C1'" . G   A 1 13 ? -2.99565  -11.67917 12.74185  1.000 55.12801  ? 13  G   B "C1'" 1 
ATOM   274  N N9    . G   A 1 13 ? -4.12066  -11.42547 11.82314  1.000 58.72933  ? 13  G   B N9    1 
ATOM   275  C C8    . G   A 1 13 ? -4.84714  -12.33892 11.10455  1.000 55.40043  ? 13  G   B C8    1 
ATOM   276  N N7    . G   A 1 13 ? -5.79016  -11.78817 10.38632  1.000 55.26514  ? 13  G   B N7    1 
ATOM   277  C C5    . G   A 1 13 ? -5.69506  -10.43611 10.64377  1.000 51.94236  ? 13  G   B C5    1 
ATOM   278  C C6    . G   A 1 13 ? -6.44566  -9.33653  10.13671  1.000 54.51929  ? 13  G   B C6    1 
ATOM   279  O O6    . G   A 1 13 ? -7.39586  -9.33408  9.34996   1.000 56.85212  ? 13  G   B O6    1 
ATOM   280  N N1    . G   A 1 13 ? -5.99585  -8.12569  10.65915  1.000 51.65164  ? 13  G   B N1    1 
ATOM   281  C C2    . G   A 1 13 ? -4.94958  -8.00408  11.55639  1.000 58.98046  ? 13  G   B C2    1 
ATOM   282  N N2    . G   A 1 13 ? -4.66833  -6.75944  11.95823  1.000 42.98635  ? 13  G   B N2    1 
ATOM   283  N N3    . G   A 1 13 ? -4.23416  -9.02370  12.03210  1.000 53.40121  ? 13  G   B N3    1 
ATOM   284  C C4    . G   A 1 13 ? -4.66010  -10.19948 11.53581  1.000 55.27514  ? 13  G   B C4    1 
ATOM   285  P P     . U   A 1 14 ? -4.92165  -14.50391 16.28283  1.000 67.90338  ? 14  U   B P     1 
ATOM   286  O OP1   . U   A 1 14 ? -4.45112  -15.81563 16.81897  1.000 73.36912  ? 14  U   B OP1   1 
ATOM   287  O OP2   . U   A 1 14 ? -6.06704  -14.40914 15.34423  1.000 58.22426  ? 14  U   B OP2   1 
ATOM   288  O "O5'" . U   A 1 14 ? -5.28007  -13.60361 17.53365  1.000 55.47264  ? 14  U   B "O5'" 1 
ATOM   289  C "C5'" . U   A 1 14 ? -5.50473  -12.21862 17.36320  1.000 70.90839  ? 14  U   B "C5'" 1 
ATOM   290  C "C4'" . U   A 1 14 ? -6.17697  -11.60849 18.56010  1.000 64.96507  ? 14  U   B "C4'" 1 
ATOM   291  O "O4'" . U   A 1 14 ? -7.52371  -12.13048 18.68017  1.000 68.83838  ? 14  U   B "O4'" 1 
ATOM   292  C "C3'" . U   A 1 14 ? -5.50389  -11.84592 19.90005  1.000 66.55185  ? 14  U   B "C3'" 1 
ATOM   293  O "O3'" . U   A 1 14 ? -5.74023  -10.67319 20.68392  1.000 71.99321  ? 14  U   B "O3'" 1 
ATOM   294  C "C2'" . U   A 1 14 ? -6.27866  -13.05395 20.44709  1.000 74.88098  ? 14  U   B "C2'" 1 
ATOM   295  O "O2'" . U   A 1 14 ? -6.25461  -13.20799 21.85182  1.000 74.91450  ? 14  U   B "O2'" 1 
ATOM   296  C "C1'" . U   A 1 14 ? -7.68966  -12.78483 19.92096  1.000 65.59118  ? 14  U   B "C1'" 1 
ATOM   297  N N1    . U   A 1 14 ? -8.47746  -13.98398 19.61013  1.000 74.43140  ? 14  U   B N1    1 
ATOM   298  C C2    . U   A 1 14 ? -9.74788  -14.10621 20.13960  1.000 78.62943  ? 14  U   B C2    1 
ATOM   299  O O2    . U   A 1 14 ? -10.23326 -13.29957 20.91651  1.000 78.86479  ? 14  U   B O2    1 
ATOM   300  N N3    . U   A 1 14 ? -10.42740 -15.23175 19.74490  1.000 75.74975  ? 14  U   B N3    1 
ATOM   301  C C4    . U   A 1 14 ? -9.98560  -16.21079 18.88263  1.000 81.64232  ? 14  U   B C4    1 
ATOM   302  O O4    . U   A 1 14 ? -10.71989 -17.17244 18.63905  1.000 85.39555  ? 14  U   B O4    1 
ATOM   303  C C5    . U   A 1 14 ? -8.66851  -15.99627 18.35849  1.000 76.13544  ? 14  U   B C5    1 
ATOM   304  C C6    . U   A 1 14 ? -7.98494  -14.91162 18.72236  1.000 70.58919  ? 14  U   B C6    1 
ATOM   305  P P     . G   A 1 15 ? -4.65816  -10.12922 21.72848  1.000 66.93229  ? 15  G   B P     1 
ATOM   306  O OP1   . G   A 1 15 ? -3.65397  -11.20343 21.92811  1.000 86.84753  ? 15  G   B OP1   1 
ATOM   307  O OP2   . G   A 1 15 ? -5.44131  -9.57802  22.85770  1.000 72.93967  ? 15  G   B OP2   1 
ATOM   308  O "O5'" . G   A 1 15 ? -3.86288  -8.93100  21.02384  1.000 81.45179  ? 15  G   B "O5'" 1 
ATOM   309  C "C5'" . G   A 1 15 ? -4.28379  -8.30324  19.81266  1.000 70.00191  ? 15  G   B "C5'" 1 
ATOM   310  C "C4'" . G   A 1 15 ? -3.76989  -9.03851  18.59762  1.000 67.54464  ? 15  G   B "C4'" 1 
ATOM   311  O "O4'" . G   A 1 15 ? -4.81314  -9.02400  17.59837  1.000 63.12567  ? 15  G   B "O4'" 1 
ATOM   312  C "C3'" . G   A 1 15 ? -2.48542  -8.53338  17.91402  1.000 60.50687  ? 15  G   B "C3'" 1 
ATOM   313  O "O3'" . G   A 1 15 ? -1.54317  -9.60830  17.74391  1.000 71.14964  ? 15  G   B "O3'" 1 
ATOM   314  C "C2'" . G   A 1 15 ? -2.96900  -8.05841  16.52830  1.000 59.72766  ? 15  G   B "C2'" 1 
ATOM   315  O "O2'" . G   A 1 15 ? -2.07703  -8.36635  15.48346  1.000 56.25201  ? 15  G   B "O2'" 1 
ATOM   316  C "C1'" . G   A 1 15 ? -4.25678  -8.84464  16.32772  1.000 55.18202  ? 15  G   B "C1'" 1 
ATOM   317  N N9    . G   A 1 15 ? -5.27593  -8.18896  15.50518  1.000 62.16867  ? 15  G   B N9    1 
ATOM   318  C C8    . G   A 1 15 ? -5.55334  -6.85240  15.38412  1.000 64.99023  ? 15  G   B C8    1 
ATOM   319  N N7    . G   A 1 15 ? -6.55644  -6.61067  14.58468  1.000 49.87105  ? 15  G   B N7    1 
ATOM   320  C C5    . G   A 1 15 ? -6.96835  -7.86642  14.16260  1.000 56.31193  ? 15  G   B C5    1 
ATOM   321  C C6    . G   A 1 15 ? -8.01690  -8.25111  13.28604  1.000 52.15957  ? 15  G   B C6    1 
ATOM   322  O O6    . G   A 1 15 ? -8.81255  -7.51501  12.70981  1.000 41.93234  ? 15  G   B O6    1 
ATOM   323  N N1    . G   A 1 15 ? -8.10076  -9.62868  13.13541  1.000 46.67834  ? 15  G   B N1    1 
ATOM   324  C C2    . G   A 1 15 ? -7.27255  -10.52664 13.75311  1.000 60.52024  ? 15  G   B C2    1 
ATOM   325  N N2    . G   A 1 15 ? -7.48947  -11.83613 13.50238  1.000 57.33635  ? 15  G   B N2    1 
ATOM   326  N N3    . G   A 1 15 ? -6.29743  -10.16988 14.57245  1.000 51.36744  ? 15  G   B N3    1 
ATOM   327  C C4    . G   A 1 15 ? -6.20302  -8.84356  14.73023  1.000 49.85392  ? 15  G   B C4    1 
ATOM   328  P P     . A   A 1 16 ? -0.03872  -9.55363  18.36786  1.000 68.43115  ? 16  A   B P     1 
ATOM   329  O OP1   . A   A 1 16 ? 0.40590   -10.93366 18.66076  1.000 71.44312  ? 16  A   B OP1   1 
ATOM   330  O OP2   . A   A 1 16 ? 0.06468   -8.50777  19.40866  1.000 66.96401  ? 16  A   B OP2   1 
ATOM   331  O "O5'" . A   A 1 16 ? 0.89062   -9.10944  17.15997  1.000 65.72595  ? 16  A   B "O5'" 1 
ATOM   332  C "C5'" . A   A 1 16 ? 0.86599   -7.78228  16.65524  1.000 52.63034  ? 16  A   B "C5'" 1 
ATOM   333  C "C4'" . A   A 1 16 ? 1.89785   -7.62029  15.58082  1.000 50.69765  ? 16  A   B "C4'" 1 
ATOM   334  O "O4'" . A   A 1 16 ? 3.20621   -7.78515  16.17371  1.000 68.72944  ? 16  A   B "O4'" 1 
ATOM   335  C "C3'" . A   A 1 16 ? 1.82612   -8.62762  14.43576  1.000 64.97960  ? 16  A   B "C3'" 1 
ATOM   336  O "O3'" . A   A 1 16 ? 2.21182   -7.97211  13.23672  1.000 65.50977  ? 16  A   B "O3'" 1 
ATOM   337  C "C2'" . A   A 1 16 ? 2.90869   -9.64392  14.79197  1.000 62.65014  ? 16  A   B "C2'" 1 
ATOM   338  O "O2'" . A   A 1 16 ? 3.46660   -10.28254 13.66310  1.000 59.96232  ? 16  A   B "O2'" 1 
ATOM   339  C "C1'" . A   A 1 16 ? 3.93761   -8.74804  15.44875  1.000 65.00612  ? 16  A   B "C1'" 1 
ATOM   340  N N9    . A   A 1 16 ? 4.88661   -9.37572  16.36524  1.000 67.43045  ? 16  A   B N9    1 
ATOM   341  C C8    . A   A 1 16 ? 4.71899   -10.14878 17.48634  1.000 55.29574  ? 16  A   B C8    1 
ATOM   342  N N7    . A   A 1 16 ? 5.86264   -10.43216 18.06761  1.000 65.53927  ? 16  A   B N7    1 
ATOM   343  C C5    . A   A 1 16 ? 6.82771   -9.79152  17.29113  1.000 57.03274  ? 16  A   B C5    1 
ATOM   344  C C6    . A   A 1 16 ? 8.22811   -9.67078  17.34441  1.000 48.99872  ? 16  A   B C6    1 
ATOM   345  N N6    . A   A 1 16 ? 9.01465   -10.22721 18.25433  1.000 64.37821  ? 16  A   B N6    1 
ATOM   346  N N1    . A   A 1 16 ? 8.84468   -8.94099  16.39624  1.000 71.03639  ? 16  A   B N1    1 
ATOM   347  C C2    . A   A 1 16 ? 8.12203   -8.36118  15.44712  1.000 53.79764  ? 16  A   B C2    1 
ATOM   348  N N3    . A   A 1 16 ? 6.80992   -8.40083  15.30521  1.000 60.76332  ? 16  A   B N3    1 
ATOM   349  C C4    . A   A 1 16 ? 6.22564   -9.13258  16.25514  1.000 54.38929  ? 16  A   B C4    1 
ATOM   350  P P     . G   A 1 17 ? 1.09033   -7.56613  12.17764  1.000 48.05907  ? 17  G   B P     1 
ATOM   351  O OP1   . G   A 1 17 ? -0.09212  -8.38219  12.54670  1.000 58.97234  ? 17  G   B OP1   1 
ATOM   352  O OP2   . G   A 1 17 ? 1.67910   -7.55335  10.81823  1.000 53.11996  ? 17  G   B OP2   1 
ATOM   353  O "O5'" . G   A 1 17 ? 0.70675   -6.07217  12.55559  1.000 57.41844  ? 17  G   B "O5'" 1 
ATOM   354  C "C5'" . G   A 1 17 ? 1.60793   -5.00422  12.32979  1.000 45.63576  ? 17  G   B "C5'" 1 
ATOM   355  C "C4'" . G   A 1 17 ? 0.93075   -3.86655  11.61764  1.000 46.56021  ? 17  G   B "C4'" 1 
ATOM   356  O "O4'" . G   A 1 17 ? 0.67762   -4.24221  10.24417  1.000 48.32041  ? 17  G   B "O4'" 1 
ATOM   357  C "C3'" . G   A 1 17 ? -0.43376  -3.47075  12.15068  1.000 49.35457  ? 17  G   B "C3'" 1 
ATOM   358  O "O3'" . G   A 1 17 ? -0.34493  -2.58408  13.24344  1.000 43.94335  ? 17  G   B "O3'" 1 
ATOM   359  C "C2'" . G   A 1 17 ? -1.10119  -2.84274  10.93792  1.000 51.56373  ? 17  G   B "C2'" 1 
ATOM   360  O "O2'" . G   A 1 17 ? -0.62972  -1.52967  10.74979  1.000 41.54439  ? 17  G   B "O2'" 1 
ATOM   361  C "C1'" . G   A 1 17 ? -0.53704  -3.68105  9.80528   1.000 48.71241  ? 17  G   B "C1'" 1 
ATOM   362  N N9    . G   A 1 17 ? -1.44006  -4.76630  9.37703   1.000 56.93355  ? 17  G   B N9    1 
ATOM   363  C C8    . G   A 1 17 ? -1.23914  -6.11469  9.56190   1.000 49.16686  ? 17  G   B C8    1 
ATOM   364  N N7    . G   A 1 17 ? -2.17502  -6.83493  9.03451   1.000 44.29700  ? 17  G   B N7    1 
ATOM   365  C C5    . G   A 1 17 ? -3.03890  -5.91087  8.47338   1.000 47.50950  ? 17  G   B C5    1 
ATOM   366  C C6    . G   A 1 17 ? -4.25085  -6.12491  7.77574   1.000 48.92230  ? 17  G   B C6    1 
ATOM   367  O O6    . G   A 1 17 ? -4.76171  -7.22206  7.52670   1.000 39.89732  ? 17  G   B O6    1 
ATOM   368  N N1    . G   A 1 17 ? -4.83231  -4.92098  7.36817   1.000 47.46105  ? 17  G   B N1    1 
ATOM   369  C C2    . G   A 1 17 ? -4.31600  -3.65462  7.60300   1.000 48.77470  ? 17  G   B C2    1 
ATOM   370  N N2    . G   A 1 17 ? -5.01299  -2.58395  7.12711   1.000 32.49014  ? 17  G   B N2    1 
ATOM   371  N N3    . G   A 1 17 ? -3.18098  -3.46958  8.26900   1.000 44.94945  ? 17  G   B N3    1 
ATOM   372  C C4    . G   A 1 17 ? -2.60543  -4.62647  8.66218   1.000 46.97621  ? 17  G   B C4    1 
ATOM   373  P P     . G   A 1 18 ? -1.51482  -2.51850  14.31990  1.000 46.80667  ? 18  G   B P     1 
ATOM   374  O OP1   . G   A 1 18 ? -1.10547  -1.62274  15.43024  1.000 54.65024  ? 18  G   B OP1   1 
ATOM   375  O OP2   . G   A 1 18 ? -1.88562  -3.92913  14.58933  1.000 44.68691  ? 18  G   B OP2   1 
ATOM   376  O "O5'" . G   A 1 18 ? -2.68659  -1.75457  13.57736  1.000 52.48989  ? 18  G   B "O5'" 1 
ATOM   377  C "C5'" . G   A 1 18 ? -2.54428  -0.39806  13.19884  1.000 45.32936  ? 18  G   B "C5'" 1 
ATOM   378  C "C4'" . G   A 1 18 ? -3.82824  0.12695   12.62406  1.000 52.58043  ? 18  G   B "C4'" 1 
ATOM   379  O "O4'" . G   A 1 18 ? -4.03705  -0.42381  11.29470  1.000 49.78232  ? 18  G   B "O4'" 1 
ATOM   380  C "C3'" . G   A 1 18 ? -5.08828  -0.26743  13.36820  1.000 54.40225  ? 18  G   B "C3'" 1 
ATOM   381  O "O3'" . G   A 1 18 ? -5.31407  0.48512   14.54255  1.000 59.45952  ? 18  G   B "O3'" 1 
ATOM   382  C "C2'" . G   A 1 18 ? -6.15657  -0.09693  12.29849  1.000 49.96711  ? 18  G   B "C2'" 1 
ATOM   383  O "O2'" . G   A 1 18 ? -6.47002  1.27315   12.09735  1.000 57.51933  ? 18  G   B "O2'" 1 
ATOM   384  C "C1'" . G   A 1 18 ? -5.41427  -0.61051  11.06955  1.000 44.80750  ? 18  G   B "C1'" 1 
ATOM   385  N N9    . G   A 1 18 ? -5.65288  -2.04286  10.90440  1.000 51.85798  ? 18  G   B N9    1 
ATOM   386  C C8    . G   A 1 18 ? -4.90796  -3.05675  11.43298  1.000 54.31012  ? 18  G   B C8    1 
ATOM   387  N N7    . G   A 1 18 ? -5.37691  -4.22675  11.14809  1.000 40.46163  ? 18  G   B N7    1 
ATOM   388  C C5    . G   A 1 18 ? -6.51514  -3.96229  10.39413  1.000 47.99715  ? 18  G   B C5    1 
ATOM   389  C C6    . G   A 1 18 ? -7.45680  -4.84667  9.80511   1.000 42.31919  ? 18  G   B C6    1 
ATOM   390  O O6    . G   A 1 18 ? -7.42295  -6.06073  9.84480   1.000 41.80170  ? 18  G   B O6    1 
ATOM   391  N N1    . G   A 1 18 ? -8.46638  -4.17934  9.11752   1.000 46.29346  ? 18  G   B N1    1 
ATOM   392  C C2    . G   A 1 18 ? -8.54009  -2.80316  9.03952   1.000 46.89743  ? 18  G   B C2    1 
ATOM   393  N N2    . G   A 1 18 ? -9.55639  -2.27675  8.36017   1.000 47.67835  ? 18  G   B N2    1 
ATOM   394  N N3    . G   A 1 18 ? -7.68725  -1.96615  9.60537   1.000 47.05800  ? 18  G   B N3    1 
ATOM   395  C C4    . G   A 1 18 ? -6.70392  -2.61325  10.25031  1.000 46.00355  ? 18  G   B C4    1 
ATOM   396  P P     . A   A 1 19 ? -5.84565  -0.25143  15.86697  1.000 61.55535  ? 19  A   B P     1 
ATOM   397  O OP1   . A   A 1 19 ? -5.77165  0.74903   16.95735  1.000 70.09316  ? 19  A   B OP1   1 
ATOM   398  O OP2   . A   A 1 19 ? -5.19068  -1.57220  15.98094  1.000 73.90565  ? 19  A   B OP2   1 
ATOM   399  O "O5'" . A   A 1 19 ? -7.37263  -0.59420  15.56647  1.000 75.41056  ? 19  A   B "O5'" 1 
ATOM   400  C "C5'" . A   A 1 19 ? -8.38687  0.40834   15.58114  1.000 67.09895  ? 19  A   B "C5'" 1 
ATOM   401  C "C4'" . A   A 1 19 ? -9.40802  0.16294   16.66945  1.000 82.56718  ? 19  A   B "C4'" 1 
ATOM   402  O "O4'" . A   A 1 19 ? -9.53418  -1.26793  16.91960  1.000 73.40548  ? 19  A   B "O4'" 1 
ATOM   403  C "C3'" . A   A 1 19 ? -9.08588  0.79358   18.01978  1.000 92.18643  ? 19  A   B "C3'" 1 
ATOM   404  O "O3'" . A   A 1 19 ? -10.31614 1.12590   18.65541  1.000 97.20936  ? 19  A   B "O3'" 1 
ATOM   405  C "C2'" . A   A 1 19 ? -8.42353  -0.36420  18.76832  1.000 93.60860  ? 19  A   B "C2'" 1 
ATOM   406  O "O2'" . A   A 1 19 ? -8.43754  -0.25847  20.17365  1.000 96.07786  ? 19  A   B "O2'" 1 
ATOM   407  C "C1'" . A   A 1 19 ? -9.25817  -1.54218  18.28231  1.000 93.04283  ? 19  A   B "C1'" 1 
ATOM   408  N N9    . A   A 1 19 ? -8.58371  -2.84295  18.35309  1.000 94.62559  ? 19  A   B N9    1 
ATOM   409  C C8    . A   A 1 19 ? -7.25841  -3.13322  18.13704  1.000 93.71619  ? 19  A   B C8    1 
ATOM   410  N N7    . A   A 1 19 ? -6.96720  -4.41063  18.25512  1.000 88.89518  ? 19  A   B N7    1 
ATOM   411  C C5    . A   A 1 19 ? -8.18280  -5.00496  18.56303  1.000 95.60692  ? 19  A   B C5    1 
ATOM   412  C C6    . A   A 1 19 ? -8.55672  -6.34247  18.81214  1.000 97.83515  ? 19  A   B C6    1 
ATOM   413  N N6    . A   A 1 19 ? -7.70887  -7.37427  18.78969  1.000 91.59646  ? 19  A   B N6    1 
ATOM   414  N N1    . A   A 1 19 ? -9.85806  -6.59214  19.09000  1.000 103.32892 ? 19  A   B N1    1 
ATOM   415  C C2    . A   A 1 19 ? -10.72189 -5.56634  19.11333  1.000 100.96379 ? 19  A   B C2    1 
ATOM   416  N N3    . A   A 1 19 ? -10.49314 -4.27094  18.89859  1.000 102.68580 ? 19  A   B N3    1 
ATOM   417  C C4    . A   A 1 19 ? -9.18847  -4.05092  18.62606  1.000 104.28618 ? 19  A   B C4    1 
ATOM   418  P P     . U   A 1 20 ? -10.95447 2.59534   18.51406  1.000 111.54791 ? 20  U   B P     1 
ATOM   419  O OP1   . U   A 1 20 ? -9.93012  3.54640   19.02601  1.000 102.03055 ? 20  U   B OP1   1 
ATOM   420  O OP2   . U   A 1 20 ? -12.25995 2.46852   19.21342  1.000 106.01374 ? 20  U   B OP2   1 
ATOM   421  O "O5'" . U   A 1 20 ? -11.17697 2.79219   16.94744  1.000 92.56605  ? 20  U   B "O5'" 1 
ATOM   422  C "C5'" . U   A 1 20 ? -12.01786 3.78571   16.34011  1.000 95.10483  ? 20  U   B "C5'" 1 
ATOM   423  C "C4'" . U   A 1 20 ? -13.47795 3.67502   16.72562  1.000 109.64475 ? 20  U   B "C4'" 1 
ATOM   424  O "O4'" . U   A 1 20 ? -13.66261 4.37714   17.98295  1.000 112.00771 ? 20  U   B "O4'" 1 
ATOM   425  C "C3'" . U   A 1 20 ? -14.49979 4.34038   15.80921  1.000 108.88937 ? 20  U   B "C3'" 1 
ATOM   426  O "O3'" . U   A 1 20 ? -14.87211 3.50851   14.72162  1.000 100.07639 ? 20  U   B "O3'" 1 
ATOM   427  C "C2'" . U   A 1 20 ? -15.66354 4.65200   16.74547  1.000 105.25555 ? 20  U   B "C2'" 1 
ATOM   428  C "C1'" . U   A 1 20 ? -14.91737 5.02321   18.02577  1.000 113.67892 ? 20  U   B "C1'" 1 
ATOM   429  P P     . G   A 1 21 ? -14.42967 3.88625   13.22174  1.000 116.57005 ? 21  G   B P     1 
ATOM   430  O OP1   . G   A 1 21 ? -14.47366 5.36470   13.08208  1.000 96.21572  ? 21  G   B OP1   1 
ATOM   431  O OP2   . G   A 1 21 ? -15.19299 3.00998   12.27830  1.000 74.25509  ? 21  G   B OP2   1 
ATOM   432  O "O5'" . G   A 1 21 ? -12.89178 3.47744   13.17178  1.000 93.27570  ? 21  G   B "O5'" 1 
ATOM   433  C "C5'" . G   A 1 21 ? -12.51473 2.12439   13.36367  1.000 73.68061  ? 21  G   B "C5'" 1 
ATOM   434  C "C4'" . G   A 1 21 ? -11.06112 1.89334   13.07364  1.000 69.27433  ? 21  G   B "C4'" 1 
ATOM   435  O "O4'" . G   A 1 21 ? -10.83435 0.45804   13.07883  1.000 58.40481  ? 21  G   B "O4'" 1 
ATOM   436  C "C3'" . G   A 1 21 ? -10.58891 2.39166   11.70680  1.000 67.32899  ? 21  G   B "C3'" 1 
ATOM   437  O "O3'" . G   A 1 21 ? -9.19335  2.70214   11.75630  1.000 68.77303  ? 21  G   B "O3'" 1 
ATOM   438  C "C2'" . G   A 1 21 ? -10.74193 1.15142   10.85184  1.000 60.90572  ? 21  G   B "C2'" 1 
ATOM   439  O "O2'" . G   A 1 21 ? -9.94086  1.16689   9.69205   1.000 74.31890  ? 21  G   B "O2'" 1 
ATOM   440  C "C1'" . G   A 1 21 ? -10.30080 0.07152   11.83928  1.000 47.78842  ? 21  G   B "C1'" 1 
ATOM   441  N N9    . G   A 1 21 ? -10.72762 -1.29246  11.52226  1.000 52.57780  ? 21  G   B N9    1 
ATOM   442  C C8    . G   A 1 21 ? -11.75379 -1.70412  10.71489  1.000 52.40435  ? 21  G   B C8    1 
ATOM   443  N N7    . G   A 1 21 ? -11.83277 -3.00525  10.60586  1.000 47.08495  ? 21  G   B N7    1 
ATOM   444  C C5    . G   A 1 21 ? -10.81030 -3.50018  11.37134  1.000 46.28187  ? 21  G   B C5    1 
ATOM   445  C C6    . G   A 1 21 ? -10.40970 -4.83510  11.63481  1.000 56.91265  ? 21  G   B C6    1 
ATOM   446  O O6    . G   A 1 21 ? -10.88182 -5.91110  11.22947  1.000 53.48226  ? 21  G   B O6    1 
ATOM   447  N N1    . G   A 1 21 ? -9.30063  -4.84771  12.47088  1.000 48.07813  ? 21  G   B N1    1 
ATOM   448  C C2    . G   A 1 21 ? -8.67826  -3.74897  12.98832  1.000 46.14959  ? 21  G   B C2    1 
ATOM   449  N N2    . G   A 1 21 ? -7.63397  -4.00419  13.77923  1.000 54.33283  ? 21  G   B N2    1 
ATOM   450  N N3    . G   A 1 21 ? -9.04178  -2.50594  12.76512  1.000 44.12731  ? 21  G   B N3    1 
ATOM   451  C C4    . G   A 1 21 ? -10.10923 -2.44982  11.94608  1.000 59.04814  ? 21  G   B C4    1 
ATOM   452  P P     . A   A 1 22 ? -8.63880  4.02594   12.47374  1.000 70.62437  ? 22  A   B P     1 
ATOM   453  O OP1   . A   A 1 22 ? -7.76112  3.62059   13.60307  1.000 72.38596  ? 22  A   B OP1   1 
ATOM   454  O OP2   . A   A 1 22 ? -9.76264  4.97022   12.68717  1.000 82.18155  ? 22  A   B OP2   1 
ATOM   455  O "O5'" . A   A 1 22 ? -7.69395  4.67372   11.37832  1.000 63.35908  ? 22  A   B "O5'" 1 
ATOM   456  C "C5'" . A   A 1 22 ? -8.24108  5.45420   10.32406  1.000 67.27697  ? 22  A   B "C5'" 1 
ATOM   457  C "C4'" . A   A 1 22 ? -7.40081  5.36214   9.07939   1.000 51.98282  ? 22  A   B "C4'" 1 
ATOM   458  O "O4'" . A   A 1 22 ? -5.99958  5.43263   9.45315   1.000 56.35879  ? 22  A   B "O4'" 1 
ATOM   459  C "C3'" . A   A 1 22 ? -7.55770  4.06066   8.30453   1.000 61.37750  ? 22  A   B "C3'" 1 
ATOM   460  O "O3'" . A   A 1 22 ? -7.25120  4.31555   6.93901   1.000 70.17637  ? 22  A   B "O3'" 1 
ATOM   461  C "C2'" . A   A 1 22 ? -6.45281  3.20065   8.89550   1.000 62.37956  ? 22  A   B "C2'" 1 
ATOM   462  O "O2'" . A   A 1 22 ? -6.05424  2.10908   8.09483   1.000 50.57589  ? 22  A   B "O2'" 1 
ATOM   463  C "C1'" . A   A 1 22 ? -5.34284  4.23782   9.06413   1.000 60.35095  ? 22  A   B "C1'" 1 
ATOM   464  N N9    . A   A 1 22 ? -4.37185  3.89746   10.10273  1.000 54.96446  ? 22  A   B N9    1 
ATOM   465  C C8    . A   A 1 22 ? -4.52464  4.08696   11.45004  1.000 43.58744  ? 22  A   B C8    1 
ATOM   466  N N7    . A   A 1 22 ? -3.48577  3.68017   12.13264  1.000 55.05782  ? 22  A   B N7    1 
ATOM   467  C C5    . A   A 1 22 ? -2.60732  3.18251   11.17712  1.000 45.00421  ? 22  A   B C5    1 
ATOM   468  C C6    . A   A 1 22 ? -1.31827  2.61924   11.27090  1.000 49.59959  ? 22  A   B C6    1 
ATOM   469  N N6    . A   A 1 22 ? -0.66743  2.43992   12.43374  1.000 38.69638  ? 22  A   B N6    1 
ATOM   470  N N1    . A   A 1 22 ? -0.71905  2.24697   10.10874  1.000 51.20027  ? 22  A   B N1    1 
ATOM   471  C C2    . A   A 1 22 ? -1.36086  2.44292   8.94651   1.000 44.93171  ? 22  A   B C2    1 
ATOM   472  N N3    . A   A 1 22 ? -2.57006  2.97415   8.75058   1.000 46.30107  ? 22  A   B N3    1 
ATOM   473  C C4    . A   A 1 22 ? -3.14266  3.31991   9.91455   1.000 41.79551  ? 22  A   B C4    1 
ATOM   474  P P     . G   A 1 23 ? -8.40648  4.76297   5.92040   1.000 82.22357  ? 23  G   B P     1 
ATOM   475  O OP1   . G   A 1 23 ? -7.75437  4.84373   4.58579   1.000 69.74141  ? 23  G   B OP1   1 
ATOM   476  O OP2   . G   A 1 23 ? -9.17204  5.89995   6.49388   1.000 71.53997  ? 23  G   B OP2   1 
ATOM   477  O "O5'" . G   A 1 23 ? -9.39699  3.51728   5.89493   1.000 72.90774  ? 23  G   B "O5'" 1 
ATOM   478  C "C5'" . G   A 1 23 ? -8.94243  2.29562   5.36557   1.000 55.28852  ? 23  G   B "C5'" 1 
ATOM   479  C "C4'" . G   A 1 23 ? -9.95560  1.64191   4.47916   1.000 52.31701  ? 23  G   B "C4'" 1 
ATOM   480  O "O4'" . G   A 1 23 ? -9.25531  0.67901   3.66212   1.000 61.01407  ? 23  G   B "O4'" 1 
ATOM   481  C "C3'" . G   A 1 23 ? -11.02937 0.83967   5.20304   1.000 56.77662  ? 23  G   B "C3'" 1 
ATOM   482  O "O3'" . G   A 1 23 ? -12.17460 1.62999   5.47652   1.000 57.73043  ? 23  G   B "O3'" 1 
ATOM   483  C "C2'" . G   A 1 23 ? -11.31720 -0.29528  4.23955   1.000 59.07464  ? 23  G   B "C2'" 1 
ATOM   484  O "O2'" . G   A 1 23 ? -12.15805 0.16275   3.19793   1.000 60.52402  ? 23  G   B "O2'" 1 
ATOM   485  C "C1'" . G   A 1 23 ? -9.94905  -0.53384  3.62854   1.000 47.02591  ? 23  G   B "C1'" 1 
ATOM   486  N N9    . G   A 1 23 ? -9.13828  -1.53262  4.34610   1.000 50.75533  ? 23  G   B N9    1 
ATOM   487  C C8    . G   A 1 23 ? -8.09288  -1.25825  5.20421   1.000 50.64412  ? 23  G   B C8    1 
ATOM   488  N N7    . G   A 1 23 ? -7.51719  -2.33115  5.66708   1.000 46.13739  ? 23  G   B N7    1 
ATOM   489  C C5    . G   A 1 23 ? -8.21477  -3.37191  5.07151   1.000 45.67531  ? 23  G   B C5    1 
ATOM   490  C C6    . G   A 1 23 ? -8.04818  -4.76564  5.19872   1.000 47.08465  ? 23  G   B C6    1 
ATOM   491  O O6    . G   A 1 23 ? -7.22033  -5.35201  5.88984   1.000 43.58501  ? 23  G   B O6    1 
ATOM   492  N N1    . G   A 1 23 ? -8.96272  -5.48013  4.42306   1.000 50.08081  ? 23  G   B N1    1 
ATOM   493  C C2    . G   A 1 23 ? -9.93772  -4.91582  3.62809   1.000 52.20780  ? 23  G   B C2    1 
ATOM   494  N N2    . G   A 1 23 ? -10.73627 -5.75242  2.93326   1.000 48.01876  ? 23  G   B N2    1 
ATOM   495  N N3    . G   A 1 23 ? -10.10325 -3.61395  3.51437   1.000 52.80634  ? 23  G   B N3    1 
ATOM   496  C C4    . G   A 1 23 ? -9.21367  -2.90502  4.24612   1.000 53.23747  ? 23  G   B C4    1 
ATOM   497  P P     . G   A 1 24 ? -13.12308 1.36463   6.74965   1.000 78.93997  ? 24  G   B P     1 
ATOM   498  O OP1   . G   A 1 24 ? -13.96243 2.59522   6.74792   1.000 76.64075  ? 24  G   B OP1   1 
ATOM   499  O OP2   . G   A 1 24 ? -12.35089 0.99252   7.97503   1.000 55.14519  ? 24  G   B OP2   1 
ATOM   500  O "O5'" . G   A 1 24 ? -13.99424 0.07270   6.36548   1.000 65.60690  ? 24  G   B "O5'" 1 
ATOM   501  C "C5'" . G   A 1 24 ? -14.86195 0.05726   5.23568   1.000 58.13660  ? 24  G   B "C5'" 1 
ATOM   502  C "C4'" . G   A 1 24 ? -15.42842 -1.32200  4.98314   1.000 46.33079  ? 24  G   B "C4'" 1 
ATOM   503  O "O4'" . G   A 1 24 ? -14.40743 -2.17976  4.41083   1.000 57.49454  ? 24  G   B "O4'" 1 
ATOM   504  C "C3'" . G   A 1 24 ? -15.88657 -2.08970  6.21129   1.000 60.06310  ? 24  G   B "C3'" 1 
ATOM   505  O "O3'" . G   A 1 24 ? -17.14751 -1.69243  6.71585   1.000 60.91591  ? 24  G   B "O3'" 1 
ATOM   506  C "C2'" . G   A 1 24 ? -15.83634 -3.53175  5.73380   1.000 65.08986  ? 24  G   B "C2'" 1 
ATOM   507  O "O2'" . G   A 1 24 ? -16.93137 -3.81292  4.88639   1.000 58.44787  ? 24  G   B "O2'" 1 
ATOM   508  C "C1'" . G   A 1 24 ? -14.57677 -3.51004  4.87568   1.000 57.90692  ? 24  G   B "C1'" 1 
ATOM   509  N N9    . G   A 1 24 ? -13.38094 -3.91756  5.64867   1.000 46.25336  ? 24  G   B N9    1 
ATOM   510  C C8    . G   A 1 24 ? -12.56043 -3.05456  6.32915   1.000 50.17377  ? 24  G   B C8    1 
ATOM   511  N N7    . G   A 1 24 ? -11.57527 -3.65780  6.93395   1.000 44.65880  ? 24  G   B N7    1 
ATOM   512  C C5    . G   A 1 24 ? -11.73972 -5.00207  6.65053   1.000 47.50455  ? 24  G   B C5    1 
ATOM   513  C C6    . G   A 1 24 ? -10.95850 -6.12318  7.05467   1.000 45.76514  ? 24  G   B C6    1 
ATOM   514  O O6    . G   A 1 24 ? -9.92762  -6.17940  7.73727   1.000 52.70411  ? 24  G   B O6    1 
ATOM   515  N N1    . G   A 1 24 ? -11.45632 -7.29422  6.54189   1.000 55.72044  ? 24  G   B N1    1 
ATOM   516  C C2    . G   A 1 24 ? -12.58497 -7.40494  5.76377   1.000 59.72783  ? 24  G   B C2    1 
ATOM   517  N N2    . G   A 1 24 ? -12.89233 -8.66836  5.40025   1.000 42.67854  ? 24  G   B N2    1 
ATOM   518  N N3    . G   A 1 24 ? -13.32754 -6.36629  5.39156   1.000 50.72504  ? 24  G   B N3    1 
ATOM   519  C C4    . G   A 1 24 ? -12.85564 -5.18754  5.85559   1.000 46.16469  ? 24  G   B C4    1 
ATOM   520  P P     . C   A 1 25 ? -17.35426 -1.55305  8.30174   1.000 69.62150  ? 25  C   B P     1 
ATOM   521  O OP1   . C   A 1 25 ? -17.81287 -0.17036  8.58622   1.000 62.70620  ? 25  C   B OP1   1 
ATOM   522  O OP2   . C   A 1 25 ? -16.12837 -2.07969  8.96887   1.000 65.32284  ? 25  C   B OP2   1 
ATOM   523  O "O5'" . C   A 1 25 ? -18.50328 -2.59231  8.63797   1.000 58.74486  ? 25  C   B "O5'" 1 
ATOM   524  C "C5'" . C   A 1 25 ? -18.19955 -3.96572  8.83573   1.000 67.12225  ? 25  C   B "C5'" 1 
ATOM   525  C "C4'" . C   A 1 25 ? -19.04629 -4.55722  9.93560   1.000 75.01755  ? 25  C   B "C4'" 1 
ATOM   526  O "O4'" . C   A 1 25 ? -18.69269 -3.94697  11.20906  1.000 73.85604  ? 25  C   B "O4'" 1 
ATOM   527  C "C3'" . C   A 1 25 ? -20.54631 -4.34172  9.76945   1.000 81.05446  ? 25  C   B "C3'" 1 
ATOM   528  O "O3'" . C   A 1 25 ? -21.23438 -5.47305  10.29028  1.000 76.60578  ? 25  C   B "O3'" 1 
ATOM   529  C "C2'" . C   A 1 25 ? -20.81039 -3.12105  10.64464  1.000 81.11228  ? 25  C   B "C2'" 1 
ATOM   530  O "O2'" . C   A 1 25 ? -22.13644 -2.99253  11.10657  1.000 76.55111  ? 25  C   B "O2'" 1 
ATOM   531  C "C1'" . C   A 1 25 ? -19.84240 -3.36123  11.79150  1.000 78.60234  ? 25  C   B "C1'" 1 
ATOM   532  N N1    . C   A 1 25 ? -19.43854 -2.13421  12.48125  1.000 85.86531  ? 25  C   B N1    1 
ATOM   533  C C2    . C   A 1 25 ? -19.46736 -2.13177  13.87760  1.000 94.19275  ? 25  C   B C2    1 
ATOM   534  O O2    . C   A 1 25 ? -19.83015 -3.16152  14.47315  1.000 94.29440  ? 25  C   B O2    1 
ATOM   535  N N3    . C   A 1 25 ? -19.09392 -1.01482  14.54245  1.000 100.07822 ? 25  C   B N3    1 
ATOM   536  C C4    . C   A 1 25 ? -18.72041 0.06975   13.86265  1.000 98.30293  ? 25  C   B C4    1 
ATOM   537  N N4    . C   A 1 25 ? -18.36314 1.14376   14.57358  1.000 98.78200  ? 25  C   B N4    1 
ATOM   538  C C5    . C   A 1 25 ? -18.69100 0.09302   12.43268  1.000 93.81947  ? 25  C   B C5    1 
ATOM   539  C C6    . C   A 1 25 ? -19.06031 -1.02307  11.78127  1.000 84.44719  ? 25  C   B C6    1 
ATOM   540  P P     . G   A 1 26 ? -22.23650 -6.27758  9.33615   1.000 87.48404  ? 26  G   B P     1 
ATOM   541  O OP1   . G   A 1 26 ? -22.29731 -5.52225  8.05261   1.000 79.94776  ? 26  G   B OP1   1 
ATOM   542  O OP2   . G   A 1 26 ? -23.46888 -6.53135  10.12696  1.000 92.13601  ? 26  G   B OP2   1 
ATOM   543  O "O5'" . G   A 1 26 ? -21.53821 -7.68961  9.07702   1.000 67.28676  ? 26  G   B "O5'" 1 
ATOM   544  C "C5'" . G   A 1 26 ? -20.13455 -7.80833  8.87063   1.000 87.10260  ? 26  G   B "C5'" 1 
ATOM   545  C "C4'" . G   A 1 26 ? -19.71054 -7.40560  7.47710   1.000 83.99009  ? 26  G   B "C4'" 1 
ATOM   546  O "O4'" . G   A 1 26 ? -18.32947 -6.94439  7.53619   1.000 81.66694  ? 26  G   B "O4'" 1 
ATOM   547  C "C3'" . G   A 1 26 ? -19.75054 -8.52105  6.43075   1.000 90.38108  ? 26  G   B "C3'" 1 
ATOM   548  O "O3'" . G   A 1 26 ? -20.10797 -7.99345  5.15100   1.000 102.37281 ? 26  G   B "O3'" 1 
ATOM   549  C "C2'" . G   A 1 26 ? -18.30646 -9.01812  6.40560   1.000 95.25287  ? 26  G   B "C2'" 1 
ATOM   550  O "O2'" . G   A 1 26 ? -17.90136 -9.61205  5.18884   1.000 93.66485  ? 26  G   B "O2'" 1 
ATOM   551  C "C1'" . G   A 1 26 ? -17.50805 -7.74593  6.70701   1.000 80.56418  ? 26  G   B "C1'" 1 
ATOM   552  N N9    . G   A 1 26 ? -16.26288 -8.04769  7.42916   1.000 74.65016  ? 26  G   B N9    1 
ATOM   553  C C8    . G   A 1 26 ? -15.79001 -9.33290  7.52123   1.000 73.03316  ? 26  G   B C8    1 
ATOM   554  N N7    . G   A 1 26 ? -14.68270 -9.45889  8.18032   1.000 59.81427  ? 26  G   B N7    1 
ATOM   555  C C5    . G   A 1 26 ? -14.38773 -8.15347  8.54543   1.000 63.33605  ? 26  G   B C5    1 
ATOM   556  C C6    . G   A 1 26 ? -13.27839 -7.69676  9.28075   1.000 54.92936  ? 26  G   B C6    1 
ATOM   557  O O6    . G   A 1 26 ? -12.37371 -8.39801  9.71874   1.000 51.99156  ? 26  G   B O6    1 
ATOM   558  N N1    . G   A 1 26 ? -13.29514 -6.32842  9.46323   1.000 46.59597  ? 26  G   B N1    1 
ATOM   559  C C2    . G   A 1 26 ? -14.28026 -5.51038  8.98425   1.000 58.78524  ? 26  G   B C2    1 
ATOM   560  N N2    . G   A 1 26 ? -14.12738 -4.20705  9.26356   1.000 47.27416  ? 26  G   B N2    1 
ATOM   561  N N3    . G   A 1 26 ? -15.33411 -5.92574  8.28727   1.000 53.12694  ? 26  G   B N3    1 
ATOM   562  C C4    . G   A 1 26 ? -15.33044 -7.25866  8.09612   1.000 61.93857  ? 26  G   B C4    1 
ATOM   563  P P     . A   A 1 27 ? -20.68211 -8.95978  3.99313   1.000 107.03883 ? 27  A   B P     1 
ATOM   564  O OP1   . A   A 1 27 ? -21.87980 -8.27662  3.42465   1.000 96.33314  ? 27  A   B OP1   1 
ATOM   565  O OP2   . A   A 1 27 ? -20.80678 -10.34347 4.52827   1.000 77.58748  ? 27  A   B OP2   1 
ATOM   566  O "O5'" . A   A 1 27 ? -19.53682 -8.92115  2.87518   1.000 104.49900 ? 27  A   B "O5'" 1 
ATOM   567  C "C5'" . A   A 1 27 ? -19.38713 -9.97131  1.93133   1.000 88.76968  ? 27  A   B "C5'" 1 
ATOM   568  C "C4'" . A   A 1 27 ? -18.95406 -9.46822  0.57362   1.000 80.39950  ? 27  A   B "C4'" 1 
ATOM   569  O "O4'" . A   A 1 27 ? -19.23495 -10.50124 -0.41021  1.000 78.66308  ? 27  A   B "O4'" 1 
ATOM   570  C "C3'" . A   A 1 27 ? -19.68165 -8.23354  0.04450   1.000 82.18609  ? 27  A   B "C3'" 1 
ATOM   571  O "O3'" . A   A 1 27 ? -19.11417 -7.01470  0.50499   1.000 74.40169  ? 27  A   B "O3'" 1 
ATOM   572  C "C2'" . A   A 1 27 ? -19.58226 -8.40128  -1.46684  1.000 86.42836  ? 27  A   B "C2'" 1 
ATOM   573  O "O2'" . A   A 1 27 ? -18.31651 -7.96515  -1.93604  1.000 87.36624  ? 27  A   B "O2'" 1 
ATOM   574  C "C1'" . A   A 1 27 ? -19.65857 -9.91870  -1.62425  1.000 88.90788  ? 27  A   B "C1'" 1 
ATOM   575  N N9    . A   A 1 27 ? -21.01943 -10.40297 -1.99277  1.000 77.82564  ? 27  A   B N9    1 
ATOM   576  C C8    . A   A 1 27 ? -21.54603 -10.46969 -3.27302  1.000 85.77320  ? 27  A   B C8    1 
ATOM   577  N N7    . A   A 1 27 ? -22.77824 -10.91838 -3.38236  1.000 68.99330  ? 27  A   B N7    1 
ATOM   578  C C5    . A   A 1 27 ? -23.08953 -11.16858 -2.05854  1.000 77.02002  ? 27  A   B C5    1 
ATOM   579  C C6    . A   A 1 27 ? -24.25442 -11.67104 -1.48429  1.000 70.63024  ? 27  A   B C6    1 
ATOM   580  N N6    . A   A 1 27 ? -25.31185 -12.00372 -2.20131  1.000 56.06182  ? 27  A   B N6    1 
ATOM   581  N N1    . A   A 1 27 ? -24.29244 -11.81297 -0.13990  1.000 87.90269  ? 27  A   B N1    1 
ATOM   582  C C2    . A   A 1 27 ? -23.20286 -11.47217 0.56737   1.000 81.29508  ? 27  A   B C2    1 
ATOM   583  N N3    . A   A 1 27 ? -22.04086 -10.99329 0.13958   1.000 71.21641  ? 27  A   B N3    1 
ATOM   584  C C4    . A   A 1 27 ? -22.04311 -10.85561 -1.19376  1.000 67.09782  ? 27  A   B C4    1 
ATOM   585  P P     . U   A 1 28 ? -19.98382 -5.65838  0.62044   1.000 80.32029  ? 28  U   B P     1 
ATOM   586  O OP1   . U   A 1 28 ? -19.06565 -4.49439  0.70554   1.000 82.92272  ? 28  U   B OP1   1 
ATOM   587  O OP2   . U   A 1 28 ? -21.00001 -5.86338  1.68152   1.000 91.67166  ? 28  U   B OP2   1 
ATOM   588  O "O5'" . U   A 1 28 ? -20.71534 -5.50415  -0.78538  1.000 88.94761  ? 28  U   B "O5'" 1 
ATOM   589  C "C5'" . U   A 1 28 ? -20.01813 -5.07010  -1.94308  1.000 89.01036  ? 28  U   B "C5'" 1 
ATOM   590  C "C4'" . U   A 1 28 ? -20.86983 -5.18000  -3.18592  1.000 90.84050  ? 28  U   B "C4'" 1 
ATOM   591  O "O4'" . U   A 1 28 ? -21.37133 -6.53479  -3.34920  1.000 93.39636  ? 28  U   B "O4'" 1 
ATOM   592  C "C3'" . U   A 1 28 ? -22.12552 -4.32472  -3.22161  1.000 92.33634  ? 28  U   B "C3'" 1 
ATOM   593  O "O3'" . U   A 1 28 ? -21.85841 -2.96970  -3.53013  1.000 93.23433  ? 28  U   B "O3'" 1 
ATOM   594  C "C2'" . U   A 1 28 ? -22.97861 -5.03038  -4.27002  1.000 82.15876  ? 28  U   B "C2'" 1 
ATOM   595  O "O2'" . U   A 1 28 ? -22.55546 -4.67694  -5.57590  1.000 92.44789  ? 28  U   B "O2'" 1 
ATOM   596  C "C1'" . U   A 1 28 ? -22.61367 -6.50107  -4.03025  1.000 97.00005  ? 28  U   B "C1'" 1 
ATOM   597  N N1    . U   A 1 28 ? -23.66678 -7.22708  -3.26933  1.000 85.39244  ? 28  U   B N1    1 
ATOM   598  C C2    . U   A 1 28 ? -23.58617 -7.42918  -1.89577  1.000 90.94379  ? 28  U   B C2    1 
ATOM   599  O O2    . U   A 1 28 ? -22.67966 -7.06593  -1.18410  1.000 124.98379 ? 28  U   B O2    1 
ATOM   600  N N3    . U   A 1 28 ? -24.63363 -8.10403  -1.33300  1.000 78.71519  ? 28  U   B N3    1 
ATOM   601  C C4    . U   A 1 28 ? -25.74125 -8.58474  -1.97733  1.000 59.63348  ? 28  U   B C4    1 
ATOM   602  O O4    . U   A 1 28 ? -26.58823 -9.15818  -1.30578  1.000 65.24730  ? 28  U   B O4    1 
ATOM   603  C C5    . U   A 1 28 ? -25.76416 -8.34762  -3.38440  1.000 57.44094  ? 28  U   B C5    1 
ATOM   604  C C6    . U   A 1 28 ? -24.76234 -7.69371  -3.96856  1.000 58.80797  ? 28  U   B C6    1 
ATOM   605  O "O5'" . A   B 1 1  ? 1.20119   -8.25701  8.13554   1.000 74.38379  ? 1   A   D "O5'" 1 
ATOM   606  C "C5'" . A   B 1 1  ? 0.45053   -8.65584  6.98874   1.000 78.95202  ? 1   A   D "C5'" 1 
ATOM   607  C "C4'" . A   B 1 1  ? 0.52349   -7.65967  5.85030   1.000 57.60015  ? 1   A   D "C4'" 1 
ATOM   608  O "O4'" . A   B 1 1  ? -0.63616  -6.80260  5.83200   1.000 60.06276  ? 1   A   D "O4'" 1 
ATOM   609  C "C3'" . A   B 1 1  ? 1.74483   -6.69925  5.83931   1.000 59.15939  ? 1   A   D "C3'" 1 
ATOM   610  O "O3'" . A   B 1 1  ? 2.72645   -7.04485  4.84408   1.000 68.30725  ? 1   A   D "O3'" 1 
ATOM   611  C "C2'" . A   B 1 1  ? 1.15288   -5.28803  5.72215   1.000 60.68249  ? 1   A   D "C2'" 1 
ATOM   612  O "O2'" . A   B 1 1  ? 1.83799   -4.50075  4.76162   1.000 86.93249  ? 1   A   D "O2'" 1 
ATOM   613  C "C1'" . A   B 1 1  ? -0.24174  -5.61716  5.23196   1.000 69.70121  ? 1   A   D "C1'" 1 
ATOM   614  N N9    . A   B 1 1  ? -1.24622  -4.56032  5.03168   1.000 59.83974  ? 1   A   D N9    1 
ATOM   615  C C8    . A   B 1 1  ? -1.10804  -3.19193  4.94587   1.000 59.79161  ? 1   A   D C8    1 
ATOM   616  N N7    . A   B 1 1  ? -2.21265  -2.57182  4.55979   1.000 61.99305  ? 1   A   D N7    1 
ATOM   617  C C5    . A   B 1 1  ? -3.09442  -3.61427  4.31316   1.000 49.87601  ? 1   A   D C5    1 
ATOM   618  C C6    . A   B 1 1  ? -4.42595  -3.63909  3.87649   1.000 59.70980  ? 1   A   D C6    1 
ATOM   619  N N6    . A   B 1 1  ? -5.10044  -2.51171  3.60338   1.000 57.71274  ? 1   A   D N6    1 
ATOM   620  N N1    . A   B 1 1  ? -5.01932  -4.85989  3.73519   1.000 42.90111  ? 1   A   D N1    1 
ATOM   621  C C2    . A   B 1 1  ? -4.29828  -5.96186  4.01613   1.000 58.09394  ? 1   A   D C2    1 
ATOM   622  N N3    . A   B 1 1  ? -3.03126  -6.07239  4.44618   1.000 50.63376  ? 1   A   D N3    1 
ATOM   623  C C4    . A   B 1 1  ? -2.49659  -4.84396  4.56904   1.000 56.30994  ? 1   A   D C4    1 
ATOM   624  P P     . U   B 1 2  ? 2.56199   -6.89794  3.22273   1.000 56.74950  ? 2   U   D P     1 
ATOM   625  O OP1   . U   B 1 2  ? 3.59859   -7.75477  2.60805   1.000 54.55209  ? 2   U   D OP1   1 
ATOM   626  O OP2   . U   B 1 2  ? 2.63286   -5.48662  2.80877   1.000 54.37884  ? 2   U   D OP2   1 
ATOM   627  O "O5'" . U   B 1 2  ? 1.16400   -7.56062  2.84296   1.000 66.89212  ? 2   U   D "O5'" 1 
ATOM   628  C "C5'" . U   B 1 2  ? 1.06071   -8.95275  2.56162   1.000 59.49593  ? 2   U   D "C5'" 1 
ATOM   629  C "C4'" . U   B 1 2  ? -0.26575  -9.28894  1.91801   1.000 51.63794  ? 2   U   D "C4'" 1 
ATOM   630  O "O4'" . U   B 1 2  ? -1.29485  -8.41475  2.43486   1.000 52.97463  ? 2   U   D "O4'" 1 
ATOM   631  C "C3'" . U   B 1 2  ? -0.35363  -9.08414  0.41313   1.000 56.84890  ? 2   U   D "C3'" 1 
ATOM   632  O "O3'" . U   B 1 2  ? 0.21412   -10.14866 -0.31105  1.000 59.53670  ? 2   U   D "O3'" 1 
ATOM   633  C "C2'" . U   B 1 2  ? -1.84742  -8.94920  0.18732   1.000 59.73606  ? 2   U   D "C2'" 1 
ATOM   634  O "O2'" . U   B 1 2  ? -2.45893  -10.23082 0.24911   1.000 58.19189  ? 2   U   D "O2'" 1 
ATOM   635  C "C1'" . U   B 1 2  ? -2.26354  -8.17097  1.43157   1.000 60.51685  ? 2   U   D "C1'" 1 
ATOM   636  N N1    . U   B 1 2  ? -2.35041  -6.71182  1.20894   1.000 49.19585  ? 2   U   D N1    1 
ATOM   637  C C2    . U   B 1 2  ? -3.45498  -6.20215  0.57346   1.000 48.38808  ? 2   U   D C2    1 
ATOM   638  O O2    . U   B 1 2  ? -4.35271  -6.88235  0.13611   1.000 57.55389  ? 2   U   D O2    1 
ATOM   639  N N3    . U   B 1 2  ? -3.48287  -4.84189  0.45120   1.000 54.15860  ? 2   U   D N3    1 
ATOM   640  C C4    . U   B 1 2  ? -2.53346  -3.94007  0.88230   1.000 54.04223  ? 2   U   D C4    1 
ATOM   641  O O4    . U   B 1 2  ? -2.71354  -2.73135  0.66908   1.000 54.15989  ? 2   U   D O4    1 
ATOM   642  C C5    . U   B 1 2  ? -1.41542  -4.54235  1.54358   1.000 43.16199  ? 2   U   D C5    1 
ATOM   643  C C6    . U   B 1 2  ? -1.36932  -5.87073  1.68790   1.000 57.41331  ? 2   U   D C6    1 
ATOM   644  P P     . C   B 1 3  ? 1.16325   -9.85297  -1.56154  1.000 54.79696  ? 3   C   D P     1 
ATOM   645  O OP1   . C   B 1 3  ? 1.90852   -11.12419 -1.76160  1.000 54.40317  ? 3   C   D OP1   1 
ATOM   646  O OP2   . C   B 1 3  ? 1.85833   -8.54714  -1.37406  1.000 52.59429  ? 3   C   D OP2   1 
ATOM   647  O "O5'" . C   B 1 3  ? 0.13864   -9.65999  -2.76474  1.000 67.89416  ? 3   C   D "O5'" 1 
ATOM   648  C "C5'" . C   B 1 3  ? -0.80081  -10.67765 -3.07484  1.000 67.93230  ? 3   C   D "C5'" 1 
ATOM   649  C "C4'" . C   B 1 3  ? -1.93264  -10.14270 -3.90862  1.000 62.22098  ? 3   C   D "C4'" 1 
ATOM   650  O "O4'" . C   B 1 3  ? -2.77288  -9.27876  -3.09570  1.000 62.52460  ? 3   C   D "O4'" 1 
ATOM   651  C "C3'" . C   B 1 3  ? -1.53682  -9.24782  -5.06766  1.000 54.72820  ? 3   C   D "C3'" 1 
ATOM   652  O "O3'" . C   B 1 3  ? -1.03503  -9.93321  -6.19869  1.000 64.81768  ? 3   C   D "O3'" 1 
ATOM   653  C "C2'" . C   B 1 3  ? -2.82325  -8.48754  -5.32569  1.000 62.38444  ? 3   C   D "C2'" 1 
ATOM   654  O "O2'" . C   B 1 3  ? -3.77155  -9.33499  -5.94622  1.000 71.04644  ? 3   C   D "O2'" 1 
ATOM   655  C "C1'" . C   B 1 3  ? -3.29039  -8.23035  -3.89728  1.000 56.18057  ? 3   C   D "C1'" 1 
ATOM   656  N N1    . C   B 1 3  ? -2.79538  -6.92025  -3.40130  1.000 53.25493  ? 3   C   D N1    1 
ATOM   657  C C2    . C   B 1 3  ? -3.51179  -5.79902  -3.81551  1.000 53.62021  ? 3   C   D C2    1 
ATOM   658  O O2    . C   B 1 3  ? -4.49619  -5.96412  -4.53508  1.000 58.03186  ? 3   C   D O2    1 
ATOM   659  N N3    . C   B 1 3  ? -3.13930  -4.56816  -3.42750  1.000 52.55548  ? 3   C   D N3    1 
ATOM   660  C C4    . C   B 1 3  ? -2.05909  -4.43615  -2.66153  1.000 56.92840  ? 3   C   D C4    1 
ATOM   661  N N4    . C   B 1 3  ? -1.74912  -3.19248  -2.31670  1.000 48.09617  ? 3   C   D N4    1 
ATOM   662  C C5    . C   B 1 3  ? -1.27441  -5.55091  -2.21786  1.000 45.55328  ? 3   C   D C5    1 
ATOM   663  C C6    . C   B 1 3  ? -1.67520  -6.76825  -2.61637  1.000 57.16020  ? 3   C   D C6    1 
ATOM   664  P P     . G   B 1 4  ? 0.15782   -9.27977  -7.06231  1.000 69.59035  ? 4   G   D P     1 
ATOM   665  O OP1   . G   B 1 4  ? 0.59498   -10.36934 -7.97587  1.000 70.77608  ? 4   G   D OP1   1 
ATOM   666  O OP2   . G   B 1 4  ? 1.13579   -8.62320  -6.15660  1.000 67.18813  ? 4   G   D OP2   1 
ATOM   667  O "O5'" . G   B 1 4  ? -0.53652  -8.09137  -7.88166  1.000 65.57721  ? 4   G   D "O5'" 1 
ATOM   668  C "C5'" . G   B 1 4  ? -1.65675  -8.35146  -8.71607  1.000 59.47512  ? 4   G   D "C5'" 1 
ATOM   669  C "C4'" . G   B 1 4  ? -2.29224  -7.09203  -9.25458  1.000 54.67276  ? 4   G   D "C4'" 1 
ATOM   670  O "O4'" . G   B 1 4  ? -2.90982  -6.33107  -8.18116  1.000 60.44074  ? 4   G   D "O4'" 1 
ATOM   671  C "C3'" . G   B 1 4  ? -1.36982  -6.08329  -9.91873  1.000 62.40750  ? 4   G   D "C3'" 1 
ATOM   672  O "O3'" . G   B 1 4  ? -0.97645  -6.44784  -11.23210 1.000 61.70811  ? 4   G   D "O3'" 1 
ATOM   673  C "C2'" . G   B 1 4  ? -2.19823  -4.80431  -9.85197  1.000 56.39846  ? 4   G   D "C2'" 1 
ATOM   674  O "O2'" . G   B 1 4  ? -3.22887  -4.83006  -10.82489 1.000 64.48681  ? 4   G   D "O2'" 1 
ATOM   675  C "C1'" . G   B 1 4  ? -2.85094  -4.94535  -8.48421  1.000 56.25995  ? 4   G   D "C1'" 1 
ATOM   676  N N9    . G   B 1 4  ? -2.08877  -4.24447  -7.42940  1.000 58.77209  ? 4   G   D N9    1 
ATOM   677  C C8    . G   B 1 4  ? -1.30966  -4.82300  -6.44960  1.000 50.96570  ? 4   G   D C8    1 
ATOM   678  N N7    . G   B 1 4  ? -0.79288  -3.94340  -5.64826  1.000 56.97519  ? 4   G   D N7    1 
ATOM   679  C C5    . G   B 1 4  ? -1.23845  -2.72067  -6.12399  1.000 44.34378  ? 4   G   D C5    1 
ATOM   680  C C6    . G   B 1 4  ? -0.99299  -1.40496  -5.65522  1.000 48.55542  ? 4   G   D C6    1 
ATOM   681  O O6    . G   B 1 4  ? -0.31652  -1.04871  -4.69078  1.000 59.44608  ? 4   G   D O6    1 
ATOM   682  N N1    . G   B 1 4  ? -1.63087  -0.43220  -6.41142  1.000 50.46789  ? 4   G   D N1    1 
ATOM   683  C C2    . G   B 1 4  ? -2.42798  -0.72017  -7.49153  1.000 57.00011  ? 4   G   D C2    1 
ATOM   684  N N2    . G   B 1 4  ? -2.96749  0.33354   -8.11426  1.000 53.94645  ? 4   G   D N2    1 
ATOM   685  N N3    . G   B 1 4  ? -2.66496  -1.94498  -7.93719  1.000 53.17649  ? 4   G   D N3    1 
ATOM   686  C C4    . G   B 1 4  ? -2.04326  -2.89222  -7.21544  1.000 46.00154  ? 4   G   D C4    1 
ATOM   687  P P     . A   B 1 5  ? 0.40222   -5.88834  -11.85419 1.000 66.55508  ? 5   A   D P     1 
ATOM   688  O OP1   . A   B 1 5  ? 0.48626   -6.35726  -13.25678 1.000 77.80552  ? 5   A   D OP1   1 
ATOM   689  O OP2   . A   B 1 5  ? 1.53712   -6.21644  -10.95851 1.000 56.45478  ? 5   A   D OP2   1 
ATOM   690  O "O5'" . A   B 1 5  ? 0.19293   -4.30750  -11.88054 1.000 67.75007  ? 5   A   D "O5'" 1 
ATOM   691  C "C5'" . A   B 1 5  ? -0.82094  -3.72111  -12.67980 1.000 51.52578  ? 5   A   D "C5'" 1 
ATOM   692  C "C4'" . A   B 1 5  ? -0.85309  -2.22838  -12.51585 1.000 58.17733  ? 5   A   D "C4'" 1 
ATOM   693  O "O4'" . A   B 1 5  ? -1.07755  -1.88069  -11.13473 1.000 60.92749  ? 5   A   D "O4'" 1 
ATOM   694  C "C3'" . A   B 1 5  ? 0.42537   -1.50239  -12.88337 1.000 63.94792  ? 5   A   D "C3'" 1 
ATOM   695  O "O3'" . A   B 1 5  ? 0.50609   -1.28791  -14.27716 1.000 63.19849  ? 5   A   D "O3'" 1 
ATOM   696  C "C2'" . A   B 1 5  ? 0.33763   -0.20974  -12.07634 1.000 58.46595  ? 5   A   D "C2'" 1 
ATOM   697  O "O2'" . A   B 1 5  ? -0.45696  0.74930   -12.75668 1.000 56.50323  ? 5   A   D "O2'" 1 
ATOM   698  C "C1'" . A   B 1 5  ? -0.42974  -0.66331  -10.83374 1.000 55.96701  ? 5   A   D "C1'" 1 
ATOM   699  N N9    . A   B 1 5  ? 0.40407   -0.87396  -9.63268  1.000 62.79872  ? 5   A   D N9    1 
ATOM   700  C C8    . A   B 1 5  ? 0.87143   -2.07553  -9.14280  1.000 50.56492  ? 5   A   D C8    1 
ATOM   701  N N7    . A   B 1 5  ? 1.52592   -1.96983  -8.01958  1.000 55.93613  ? 5   A   D N7    1 
ATOM   702  C C5    . A   B 1 5  ? 1.47009   -0.60991  -7.74654  1.000 49.86407  ? 5   A   D C5    1 
ATOM   703  C C6    . A   B 1 5  ? 1.97818   0.15394   -6.69183  1.000 44.52487  ? 5   A   D C6    1 
ATOM   704  N N6    . A   B 1 5  ? 2.65261   -0.38423  -5.69418  1.000 47.07782  ? 5   A   D N6    1 
ATOM   705  N N1    . A   B 1 5  ? 1.75425   1.48626   -6.68925  1.000 54.25714  ? 5   A   D N1    1 
ATOM   706  C C2    . A   B 1 5  ? 1.05713   2.00245   -7.70303  1.000 49.07840  ? 5   A   D C2    1 
ATOM   707  N N3    . A   B 1 5  ? 0.52925   1.38550   -8.76080  1.000 50.48003  ? 5   A   D N3    1 
ATOM   708  C C4    . A   B 1 5  ? 0.77728   0.07285   -8.71960  1.000 49.96582  ? 5   A   D C4    1 
ATOM   709  P P     . G   B 1 6  ? 1.86527   -1.59480  -15.06204 1.000 72.75208  ? 6   G   D P     1 
ATOM   710  O OP1   . G   B 1 6  ? 1.48213   -1.98204  -16.44445 1.000 76.20497  ? 6   G   D OP1   1 
ATOM   711  O OP2   . G   B 1 6  ? 2.73541   -2.46956  -14.24647 1.000 61.34035  ? 6   G   D OP2   1 
ATOM   712  O "O5'" . G   B 1 6  ? 2.53785   -0.16061  -15.14896 1.000 70.98011  ? 6   G   D "O5'" 1 
ATOM   713  C "C5'" . G   B 1 6  ? 1.75132   0.95881   -15.53877 1.000 71.25437  ? 6   G   D "C5'" 1 
ATOM   714  C "C4'" . G   B 1 6  ? 2.31005   2.24687   -15.00369 1.000 57.93955  ? 6   G   D "C4'" 1 
ATOM   715  O "O4'" . G   B 1 6  ? 2.29701   2.21171   -13.54143 1.000 67.39763  ? 6   G   D "O4'" 1 
ATOM   716  C "C3'" . G   B 1 6  ? 3.75351   2.52745   -15.41650 1.000 61.25258  ? 6   G   D "C3'" 1 
ATOM   717  O "O3'" . G   B 1 6  ? 3.91946   3.92677   -15.64374 1.000 71.47052  ? 6   G   D "O3'" 1 
ATOM   718  C "C2'" . G   B 1 6  ? 4.54135   2.11366   -14.17438 1.000 60.65028  ? 6   G   D "C2'" 1 
ATOM   719  O "O2'" . G   B 1 6  ? 5.80857   2.72385   -14.04968 1.000 65.21150  ? 6   G   D "O2'" 1 
ATOM   720  C "C1'" . G   B 1 6  ? 3.58230   2.52605   -13.05797 1.000 51.95125  ? 6   G   D "C1'" 1 
ATOM   721  N N9    . G   B 1 6  ? 3.83819   1.86296   -11.76968 1.000 62.18922  ? 6   G   D N9    1 
ATOM   722  C C8    . G   B 1 6  ? 4.12175   0.54032   -11.55040 1.000 49.77401  ? 6   G   D C8    1 
ATOM   723  N N7    . G   B 1 6  ? 4.37833   0.26675   -10.29105 1.000 53.25472  ? 6   G   D N7    1 
ATOM   724  C C5    . G   B 1 6  ? 4.27152   1.47657   -9.62368  1.000 52.19537  ? 6   G   D C5    1 
ATOM   725  C C6    . G   B 1 6  ? 4.43741   1.81713   -8.24935  1.000 49.28001  ? 6   G   D C6    1 
ATOM   726  O O6    . G   B 1 6  ? 4.70383   1.09768   -7.28486  1.000 47.78990  ? 6   G   D O6    1 
ATOM   727  N N1    . G   B 1 6  ? 4.23666   3.16930   -8.01502  1.000 47.96342  ? 6   G   D N1    1 
ATOM   728  C C2    . G   B 1 6  ? 3.91206   4.08089   -8.98133  1.000 47.09318  ? 6   G   D C2    1 
ATOM   729  N N2    . G   B 1 6  ? 3.74597   5.34971   -8.57242  1.000 43.15211  ? 6   G   D N2    1 
ATOM   730  N N3    . G   B 1 6  ? 3.75713   3.77369   -10.25378 1.000 44.85923  ? 6   G   D N3    1 
ATOM   731  C C4    . G   B 1 6  ? 3.94282   2.47035   -10.52158 1.000 57.74402  ? 6   G   D C4    1 
ATOM   732  P P     . G   B 1 7  ? 4.34383   4.47996   -17.09107 1.000 81.06397  ? 7   G   D P     1 
ATOM   733  O OP1   . G   B 1 7  ? 3.16098   4.33678   -17.97961 1.000 76.58718  ? 7   G   D OP1   1 
ATOM   734  O OP2   . G   B 1 7  ? 5.64456   3.86719   -17.45244 1.000 82.73819  ? 7   G   D OP2   1 
ATOM   735  O "O5'" . G   B 1 7  ? 4.61100   6.03063   -16.84997 1.000 68.24485  ? 7   G   D "O5'" 1 
ATOM   736  C "C5'" . G   B 1 7  ? 3.80194   7.00363   -17.47285 1.000 57.36925  ? 7   G   D "C5'" 1 
ATOM   737  C "C4'" . G   B 1 7  ? 3.73836   8.27931   -16.67350 1.000 71.37194  ? 7   G   D "C4'" 1 
ATOM   738  O "O4'" . G   B 1 7  ? 3.29878   8.00807   -15.31954 1.000 62.14773  ? 7   G   D "O4'" 1 
ATOM   739  C "C3'" . G   B 1 7  ? 5.04004   9.04854   -16.49236 1.000 65.51365  ? 7   G   D "C3'" 1 
ATOM   740  O "O3'" . G   B 1 7  ? 5.36214   9.83454   -17.62346 1.000 68.77735  ? 7   G   D "O3'" 1 
ATOM   741  C "C2'" . G   B 1 7  ? 4.74675   9.89920   -15.26632 1.000 74.65243  ? 7   G   D "C2'" 1 
ATOM   742  O "O2'" . G   B 1 7  ? 3.96809   11.03141  -15.62829 1.000 74.33335  ? 7   G   D "O2'" 1 
ATOM   743  C "C1'" . G   B 1 7  ? 3.87168   8.95514   -14.43825 1.000 76.05039  ? 7   G   D "C1'" 1 
ATOM   744  N N9    . G   B 1 7  ? 4.63980   8.24031   -13.40034 1.000 68.73312  ? 7   G   D N9    1 
ATOM   745  C C8    . G   B 1 7  ? 5.02457   6.92791   -13.43368 1.000 55.13564  ? 7   G   D C8    1 
ATOM   746  N N7    . G   B 1 7  ? 5.66838   6.56596   -12.37361 1.000 51.11519  ? 7   G   D N7    1 
ATOM   747  C C5    . G   B 1 7  ? 5.71800   7.69816   -11.58623 1.000 59.42310  ? 7   G   D C5    1 
ATOM   748  C C6    . G   B 1 7  ? 6.30209   7.89601   -10.30384 1.000 54.03862  ? 7   G   D C6    1 
ATOM   749  O O6    . G   B 1 7  ? 6.89783   7.07349   -9.60553  1.000 65.05908  ? 7   G   D O6    1 
ATOM   750  N N1    . G   B 1 7  ? 6.13546   9.19193   -9.85335  1.000 51.73629  ? 7   G   D N1    1 
ATOM   751  C C2    . G   B 1 7  ? 5.48305   10.17786  -10.56579 1.000 62.36646  ? 7   G   D C2    1 
ATOM   752  N N2    . G   B 1 7  ? 5.40917   11.37759  -9.97542  1.000 53.00057  ? 7   G   D N2    1 
ATOM   753  N N3    . G   B 1 7  ? 4.92554   10.00623  -11.75877 1.000 59.01376  ? 7   G   D N3    1 
ATOM   754  C C4    . G   B 1 7  ? 5.08267   8.74729   -12.20718 1.000 59.70118  ? 7   G   D C4    1 
ATOM   755  P P     . G   B 1 8  ? 6.88618   10.21016  -17.99226 1.000 73.22117  ? 8   G   D P     1 
ATOM   756  O OP1   . G   B 1 8  ? 6.73581   10.83977  -19.33419 1.000 87.14320  ? 8   G   D OP1   1 
ATOM   757  O OP2   . G   B 1 8  ? 7.84359   9.08300   -17.81539 1.000 62.30108  ? 8   G   D OP2   1 
ATOM   758  O "O5'" . G   B 1 8  ? 7.25897   11.35129  -16.95463 1.000 73.17477  ? 8   G   D "O5'" 1 
ATOM   759  C "C5'" . G   B 1 8  ? 6.56584   12.58484  -16.99725 1.000 74.88474  ? 8   G   D "C5'" 1 
ATOM   760  C "C4'" . G   B 1 8  ? 7.00959   13.50545  -15.90007 1.000 55.97258  ? 8   G   D "C4'" 1 
ATOM   761  O "O4'" . G   B 1 8  ? 6.42921   13.08230  -14.63734 1.000 67.11690  ? 8   G   D "O4'" 1 
ATOM   762  C "C3'" . G   B 1 8  ? 8.49813   13.53117  -15.61102 1.000 69.64779  ? 8   G   D "C3'" 1 
ATOM   763  O "O3'" . G   B 1 8  ? 9.26948   14.25941  -16.55115 1.000 71.76457  ? 8   G   D "O3'" 1 
ATOM   764  C "C2'" . G   B 1 8  ? 8.52015   14.09484  -14.20488 1.000 73.19659  ? 8   G   D "C2'" 1 
ATOM   765  O "O2'" . G   B 1 8  ? 8.18598   15.47363  -14.22190 1.000 66.53446  ? 8   G   D "O2'" 1 
ATOM   766  C "C1'" . G   B 1 8  ? 7.34578   13.33441  -13.59188 1.000 68.63835  ? 8   G   D "C1'" 1 
ATOM   767  N N9    . G   B 1 8  ? 7.80629   12.04529  -13.03693 1.000 66.93418  ? 8   G   D N9    1 
ATOM   768  C C8    . G   B 1 8  ? 7.82479   10.80495  -13.63249 1.000 59.23739  ? 8   G   D C8    1 
ATOM   769  N N7    . G   B 1 8  ? 8.33651   9.88135   -12.86461 1.000 53.81087  ? 8   G   D N7    1 
ATOM   770  C C5    . G   B 1 8  ? 8.67739   10.54790  -11.69302 1.000 58.35863  ? 8   G   D C5    1 
ATOM   771  C C6    . G   B 1 8  ? 9.26172   10.09127  -10.47945 1.000 50.70801  ? 8   G   D C6    1 
ATOM   772  O O6    . G   B 1 8  ? 9.63582   8.96859   -10.15612 1.000 52.67213  ? 8   G   D O6    1 
ATOM   773  N N1    . G   B 1 8  ? 9.42433   11.11841  -9.56800  1.000 61.97103  ? 8   G   D N1    1 
ATOM   774  C C2    . G   B 1 8  ? 9.08200   12.43215  -9.77250  1.000 60.20404  ? 8   G   D C2    1 
ATOM   775  N N2    . G   B 1 8  ? 9.33314   13.28429  -8.77228  1.000 57.39718  ? 8   G   D N2    1 
ATOM   776  N N3    . G   B 1 8  ? 8.53725   12.87180  -10.88643 1.000 63.94852  ? 8   G   D N3    1 
ATOM   777  C C4    . G   B 1 8  ? 8.36561   11.88582  -11.79499 1.000 64.43762  ? 8   G   D C4    1 
ATOM   778  P P     . A   B 1 9  ? 10.69601  13.68280  -17.01536 1.000 76.41358  ? 9   A   D P     1 
ATOM   779  O OP1   . A   B 1 9  ? 10.95484  14.05793  -18.42071 1.000 77.91649  ? 9   A   D OP1   1 
ATOM   780  O OP2   . A   B 1 9  ? 10.74861  12.25318  -16.61536 1.000 79.98028  ? 9   A   D OP2   1 
ATOM   781  O "O5'" . A   B 1 9  ? 11.73337  14.46688  -16.11039 1.000 78.85590  ? 9   A   D "O5'" 1 
ATOM   782  C "C5'" . A   B 1 9  ? 11.91436  15.85903  -16.28103 1.000 83.41885  ? 9   A   D "C5'" 1 
ATOM   783  C "C4'" . A   B 1 9  ? 13.29577  16.27747  -15.86362 1.000 92.57903  ? 9   A   D "C4'" 1 
ATOM   784  O "O4'" . A   B 1 9  ? 14.23460  15.17900  -16.07277 1.000 77.42479  ? 9   A   D "O4'" 1 
ATOM   785  C "C3'" . A   B 1 9  ? 13.86586  17.47669  -16.63050 1.000 98.04990  ? 9   A   D "C3'" 1 
ATOM   786  O "O3'" . A   B 1 9  ? 14.64949  18.27211  -15.73690 1.000 82.91549  ? 9   A   D "O3'" 1 
ATOM   787  C "C2'" . A   B 1 9  ? 14.78487  16.80704  -17.64755 1.000 96.13452  ? 9   A   D "C2'" 1 
ATOM   788  O "O2'" . A   B 1 9  ? 15.80484  17.63719  -18.16170 1.000 102.47852 ? 9   A   D "O2'" 1 
ATOM   789  C "C1'" . A   B 1 9  ? 15.34323  15.67143  -16.80293 1.000 99.01352  ? 9   A   D "C1'" 1 
ATOM   790  N N9    . A   B 1 9  ? 16.02449  14.59672  -17.53685 1.000 99.19922  ? 9   A   D N9    1 
ATOM   791  C C8    . A   B 1 9  ? 17.38519  14.39374  -17.51794 1.000 93.85224  ? 9   A   D C8    1 
ATOM   792  N N7    . A   B 1 9  ? 17.80296  13.39318  -18.24416 1.000 82.21744  ? 9   A   D N7    1 
ATOM   793  C C5    . A   B 1 9  ? 16.63234  12.90229  -18.78075 1.000 80.84263  ? 9   A   D C5    1 
ATOM   794  C C6    . A   B 1 9  ? 16.42279  11.82859  -19.64275 1.000 94.28736  ? 9   A   D C6    1 
ATOM   795  N N6    . A   B 1 9  ? 17.42611  11.06812  -20.10197 1.000 86.59266  ? 9   A   D N6    1 
ATOM   796  N N1    . A   B 1 9  ? 15.14212  11.58449  -20.00579 1.000 97.63004  ? 9   A   D N1    1 
ATOM   797  C C2    . A   B 1 9  ? 14.16768  12.37415  -19.52345 1.000 93.54347  ? 9   A   D C2    1 
ATOM   798  N N3    . A   B 1 9  ? 14.24839  13.42018  -18.70276 1.000 88.04890  ? 9   A   D N3    1 
ATOM   799  C C4    . A   B 1 9  ? 15.52631  13.62971  -18.36869 1.000 78.51381  ? 9   A   D C4    1 
ATOM   800  P P     . G   B 1 10 ? 13.92826  19.32033  -14.75619 1.000 101.28251 ? 10  G   D P     1 
ATOM   801  O OP1   . G   B 1 10 ? 12.55470  19.58510  -15.28248 1.000 73.90923  ? 10  G   D OP1   1 
ATOM   802  O OP2   . G   B 1 10 ? 14.87138  20.44853  -14.57591 1.000 108.04378 ? 10  G   D OP2   1 
ATOM   803  O "O5'" . G   B 1 10 ? 13.85427  18.55870  -13.34869 1.000 98.85685  ? 10  G   D "O5'" 1 
ATOM   804  C "C5'" . G   B 1 10 ? 12.86446  18.89123  -12.37273 1.000 79.68224  ? 10  G   D "C5'" 1 
ATOM   805  C "C4'" . G   B 1 10 ? 11.61848  18.06448  -12.55920 1.000 85.02638  ? 10  G   D "C4'" 1 
ATOM   806  O "O4'" . G   B 1 10 ? 11.94604  16.65111  -12.41745 1.000 80.54371  ? 10  G   D "O4'" 1 
ATOM   807  C "C3'" . G   B 1 10 ? 10.46039  18.34168  -11.59007 1.000 93.35630  ? 10  G   D "C3'" 1 
ATOM   808  O "O3'" . G   B 1 10 ? 9.22069   18.29762  -12.30379 1.000 108.36968 ? 10  G   D "O3'" 1 
ATOM   809  C "C2'" . G   B 1 10 ? 10.52426  17.14945  -10.63310 1.000 88.70988  ? 10  G   D "C2'" 1 
ATOM   810  O "O2'" . G   B 1 10 ? 9.30014   16.81435  -10.00647 1.000 88.31489  ? 10  G   D "O2'" 1 
ATOM   811  C "C1'" . G   B 1 10 ? 10.99671  16.04202  -11.56699 1.000 83.63121  ? 10  G   D "C1'" 1 
ATOM   812  N N9    . G   B 1 10 ? 11.59880  14.89229  -10.88299 1.000 80.40151  ? 10  G   D N9    1 
ATOM   813  C C8    . G   B 1 10 ? 12.09530  14.89247  -9.60883  1.000 70.95962  ? 10  G   D C8    1 
ATOM   814  N N7    . G   B 1 10 ? 12.54526  13.73389  -9.24566  1.000 70.79658  ? 10  G   D N7    1 
ATOM   815  C C5    . G   B 1 10 ? 12.32569  12.91522  -10.33123 1.000 63.29187  ? 10  G   D C5    1 
ATOM   816  C C6    . G   B 1 10 ? 12.61760  11.54565  -10.49772 1.000 60.22941  ? 10  G   D C6    1 
ATOM   817  O O6    . G   B 1 10 ? 13.15106  10.78272  -9.69002  1.000 56.53589  ? 10  G   D O6    1 
ATOM   818  N N1    . G   B 1 10 ? 12.24633  11.09212  -11.75278 1.000 58.98492  ? 10  G   D N1    1 
ATOM   819  C C2    . G   B 1 10 ? 11.65487  11.87060  -12.71689 1.000 69.14077  ? 10  G   D C2    1 
ATOM   820  N N2    . G   B 1 10 ? 11.34980  11.26443  -13.87394 1.000 69.02607  ? 10  G   D N2    1 
ATOM   821  N N3    . G   B 1 10 ? 11.37309  13.14933  -12.56420 1.000 67.60102  ? 10  G   D N3    1 
ATOM   822  C C4    . G   B 1 10 ? 11.73823  13.60656  -11.35322 1.000 69.12624  ? 10  G   D C4    1 
ATOM   823  P P     . U   B 1 11 ? 8.35082   19.63597  -12.53260 1.000 112.90946 ? 11  U   D P     1 
ATOM   824  O OP1   . U   B 1 11 ? 7.57318   19.47260  -13.78559 1.000 108.95009 ? 11  U   D OP1   1 
ATOM   825  O OP2   . U   B 1 11 ? 9.26746   20.79326  -12.36868 1.000 115.39557 ? 11  U   D OP2   1 
ATOM   826  O "O5'" . U   B 1 11 ? 7.30027   19.64910  -11.33176 1.000 115.01167 ? 11  U   D "O5'" 1 
ATOM   827  C "C5'" . U   B 1 11 ? 6.13499   18.83395  -11.36109 1.000 118.62187 ? 11  U   D "C5'" 1 
ATOM   828  C "C4'" . U   B 1 11 ? 4.92379   19.58392  -10.86223 1.000 133.23046 ? 11  U   D "C4'" 1 
ATOM   829  O "O4'" . U   B 1 11 ? 4.44743   20.48690  -11.89083 1.000 150.72627 ? 11  U   D "O4'" 1 
ATOM   830  C "C3'" . U   B 1 11 ? 3.70709   18.74031  -10.51100 1.000 136.70952 ? 11  U   D "C3'" 1 
ATOM   831  O "O3'" . U   B 1 11 ? 3.78611   18.20671  -9.19958  1.000 125.42489 ? 11  U   D "O3'" 1 
ATOM   832  C "C2'" . U   B 1 11 ? 2.54658   19.72184  -10.66738 1.000 150.66589 ? 11  U   D "C2'" 1 
ATOM   833  O "O2'" . U   B 1 11 ? 2.37376   20.48386  -9.48015  1.000 146.12957 ? 11  U   D "O2'" 1 
ATOM   834  C "C1'" . U   B 1 11 ? 3.05053   20.65345  -11.77776 1.000 158.91883 ? 11  U   D "C1'" 1 
ATOM   835  N N1    . U   B 1 11 ? 2.41198   20.41545  -13.09849 1.000 167.66210 ? 11  U   D N1    1 
ATOM   836  C C2    . U   B 1 11 ? 1.08664   20.78900  -13.27317 1.000 166.93988 ? 11  U   D C2    1 
ATOM   837  O O2    . U   B 1 11 ? 0.40282   21.27658  -12.39068 1.000 161.73502 ? 11  U   D O2    1 
ATOM   838  N N3    . U   B 1 11 ? 0.56794   20.55523  -14.52414 1.000 173.84891 ? 11  U   D N3    1 
ATOM   839  C C4    . U   B 1 11 ? 1.21972   20.00681  -15.60837 1.000 176.15635 ? 11  U   D C4    1 
ATOM   840  O O4    . U   B 1 11 ? 0.61217   19.85982  -16.67114 1.000 171.04135 ? 11  U   D O4    1 
ATOM   841  C C5    . U   B 1 11 ? 2.58611   19.65958  -15.35807 1.000 177.79532 ? 11  U   D C5    1 
ATOM   842  C C6    . U   B 1 11 ? 3.12075   19.87520  -14.14822 1.000 171.03283 ? 11  U   D C6    1 
ATOM   843  P P     . G   B 1 12 ? 4.41328   16.75150  -8.91877  1.000 115.49316 ? 12  G   D P     1 
ATOM   844  O OP1   . G   B 1 12 ? 4.62185   16.03783  -10.20733 1.000 107.56625 ? 12  G   D OP1   1 
ATOM   845  O OP2   . G   B 1 12 ? 3.56162   16.10910  -7.88301  1.000 103.43789 ? 12  G   D OP2   1 
ATOM   846  O "O5'" . G   B 1 12 ? 5.84559   17.06890  -8.27880  1.000 108.35178 ? 12  G   D "O5'" 1 
ATOM   847  C "C5'" . G   B 1 12 ? 5.98720   18.01120  -7.22005  1.000 99.62164  ? 12  G   D "C5'" 1 
ATOM   848  C "C4'" . G   B 1 12 ? 6.30008   17.33494  -5.90740  1.000 78.89059  ? 12  G   D "C4'" 1 
ATOM   849  O "O4'" . G   B 1 12 ? 5.53682   16.10665  -5.80808  1.000 79.74169  ? 12  G   D "O4'" 1 
ATOM   850  C "C3'" . G   B 1 12 ? 7.74272   16.89903  -5.71379  1.000 76.02663  ? 12  G   D "C3'" 1 
ATOM   851  O "O3'" . G   B 1 12 ? 8.55626   17.95057  -5.22509  1.000 63.81624  ? 12  G   D "O3'" 1 
ATOM   852  C "C2'" . G   B 1 12 ? 7.62192   15.73919  -4.73300  1.000 79.75358  ? 12  G   D "C2'" 1 
ATOM   853  O "O2'" . G   B 1 12 ? 7.51152   16.21962  -3.40167  1.000 88.80426  ? 12  G   D "O2'" 1 
ATOM   854  C "C1'" . G   B 1 12 ? 6.27937   15.12679  -5.12801  1.000 65.04955  ? 12  G   D "C1'" 1 
ATOM   855  N N9    . G   B 1 12 ? 6.40816   13.92337  -5.97693  1.000 64.51806  ? 12  G   D N9    1 
ATOM   856  C C8    . G   B 1 12 ? 6.08523   13.77433  -7.29839  1.000 64.10088  ? 12  G   D C8    1 
ATOM   857  N N7    . G   B 1 12 ? 6.29422   12.56710  -7.75090  1.000 60.84062  ? 12  G   D N7    1 
ATOM   858  C C5    . G   B 1 12 ? 6.77688   11.86872  -6.65692  1.000 54.44886  ? 12  G   D C5    1 
ATOM   859  C C6    . G   B 1 12 ? 7.17832   10.51717  -6.52881  1.000 63.29274  ? 12  G   D C6    1 
ATOM   860  O O6    . G   B 1 12 ? 7.19274   9.63136   -7.39226  1.000 53.51612  ? 12  G   D O6    1 
ATOM   861  N N1    . G   B 1 12 ? 7.60046   10.23341  -5.23325  1.000 57.33171  ? 12  G   D N1    1 
ATOM   862  C C2    . G   B 1 12 ? 7.63443   11.12271  -4.18891  1.000 57.03325  ? 12  G   D C2    1 
ATOM   863  N N2    . G   B 1 12 ? 8.08656   10.66806  -3.00045  1.000 51.55678  ? 12  G   D N2    1 
ATOM   864  N N3    . G   B 1 12 ? 7.26048   12.37939  -4.30504  1.000 59.79074  ? 12  G   D N3    1 
ATOM   865  C C4    . G   B 1 12 ? 6.84690   12.68380  -5.55395  1.000 62.38908  ? 12  G   D C4    1 
ATOM   866  P P     . G   B 1 13 ? 10.10535  18.04831  -5.63915  1.000 80.55875  ? 13  G   D P     1 
ATOM   867  O OP1   . G   B 1 13 ? 10.59706  19.41213  -5.30135  1.000 82.24498  ? 13  G   D OP1   1 
ATOM   868  O OP2   . G   B 1 13 ? 10.22109  17.50931  -7.01677  1.000 78.86607  ? 13  G   D OP2   1 
ATOM   869  O "O5'" . G   B 1 13 ? 10.85618  17.01585  -4.68255  1.000 85.35988  ? 13  G   D "O5'" 1 
ATOM   870  C "C5'" . G   B 1 13 ? 10.90992  17.19848  -3.27554  1.000 65.76837  ? 13  G   D "C5'" 1 
ATOM   871  C "C4'" . G   B 1 13 ? 11.59290  16.03154  -2.60639  1.000 67.11963  ? 13  G   D "C4'" 1 
ATOM   872  O "O4'" . G   B 1 13 ? 10.72722  14.85903  -2.60276  1.000 58.68885  ? 13  G   D "O4'" 1 
ATOM   873  C "C3'" . G   B 1 13 ? 12.86157  15.54433  -3.28091  1.000 57.19057  ? 13  G   D "C3'" 1 
ATOM   874  O "O3'" . G   B 1 13 ? 13.98744  16.34161  -2.98006  1.000 73.27570  ? 13  G   D "O3'" 1 
ATOM   875  C "C2'" . G   B 1 13 ? 12.97910  14.11475  -2.77500  1.000 59.01604  ? 13  G   D "C2'" 1 
ATOM   876  O "O2'" . G   B 1 13 ? 13.49134  14.09418  -1.45271  1.000 63.04138  ? 13  G   D "O2'" 1 
ATOM   877  C "C1'" . G   B 1 13 ? 11.51049  13.68525  -2.73850  1.000 56.03067  ? 13  G   D "C1'" 1 
ATOM   878  N N9    . G   B 1 13 ? 11.12500  12.97933  -3.97989  1.000 60.90788  ? 13  G   D N9    1 
ATOM   879  C C8    . G   B 1 13 ? 10.60511  13.53331  -5.12508  1.000 61.61424  ? 13  G   D C8    1 
ATOM   880  N N7    . G   B 1 13 ? 10.37471  12.67380  -6.07149  1.000 51.09289  ? 13  G   D N7    1 
ATOM   881  C C5    . G   B 1 13 ? 10.76805  11.46673  -5.53659  1.000 56.24283  ? 13  G   D C5    1 
ATOM   882  C C6    . G   B 1 13 ? 10.74686  10.16909  -6.10504  1.000 51.12058  ? 13  G   D C6    1 
ATOM   883  O O6    . G   B 1 13 ? 10.38496  9.81486   -7.22982  1.000 49.73486  ? 13  G   D O6    1 
ATOM   884  N N1    . G   B 1 13 ? 11.24084  9.22550   -5.22038  1.000 57.21873  ? 13  G   D N1    1 
ATOM   885  C C2    . G   B 1 13 ? 11.69223  9.49552   -3.95421  1.000 53.24862  ? 13  G   D C2    1 
ATOM   886  N N2    . G   B 1 13 ? 12.13376  8.43779   -3.27115  1.000 40.45871  ? 13  G   D N2    1 
ATOM   887  N N3    . G   B 1 13 ? 11.71595  10.69930  -3.41275  1.000 50.12179  ? 13  G   D N3    1 
ATOM   888  C C4    . G   B 1 13 ? 11.24749  11.63538  -4.25220  1.000 61.41780  ? 13  G   D C4    1 
ATOM   889  P P     . U   B 1 14 ? 14.98254  16.79634  -4.15090  1.000 74.89509  ? 14  U   D P     1 
ATOM   890  O OP1   . U   B 1 14 ? 14.98384  18.27991  -4.12522  1.000 87.43635  ? 14  U   D OP1   1 
ATOM   891  O OP2   . U   B 1 14 ? 14.62540  16.06629  -5.39577  1.000 56.79872  ? 14  U   D OP2   1 
ATOM   892  O "O5'" . U   B 1 14 ? 16.42932  16.33326  -3.66024  1.000 68.52219  ? 14  U   D "O5'" 1 
ATOM   893  C "C5'" . U   B 1 14 ? 16.71651  14.97096  -3.36881  1.000 74.12901  ? 14  U   D "C5'" 1 
ATOM   894  C "C4'" . U   B 1 14 ? 18.15503  14.60599  -3.67079  1.000 73.29471  ? 14  U   D "C4'" 1 
ATOM   895  O "O4'" . U   B 1 14 ? 18.44628  14.88296  -5.06893  1.000 87.37536  ? 14  U   D "O4'" 1 
ATOM   896  C "C3'" . U   B 1 14 ? 19.22440  15.33764  -2.86382  1.000 74.61847  ? 14  U   D "C3'" 1 
ATOM   897  O "O3'" . U   B 1 14 ? 20.33088  14.45885  -2.68155  1.000 80.68157  ? 14  U   D "O3'" 1 
ATOM   898  C "C2'" . U   B 1 14 ? 19.64886  16.45370  -3.81232  1.000 74.52542  ? 14  U   D "C2'" 1 
ATOM   899  O "O2'" . U   B 1 14 ? 20.94311  16.95755  -3.58089  1.000 80.50181  ? 14  U   D "O2'" 1 
ATOM   900  C "C1'" . U   B 1 14 ? 19.56148  15.75162  -5.16207  1.000 82.67981  ? 14  U   D "C1'" 1 
ATOM   901  N N1    . U   B 1 14 ? 19.33403  16.66111  -6.29462  1.000 85.15000  ? 14  U   D N1    1 
ATOM   902  C C2    . U   B 1 14 ? 20.04409  16.43474  -7.45674  1.000 83.39098  ? 14  U   D C2    1 
ATOM   903  O O2    . U   B 1 14 ? 20.83563  15.51448  -7.55126  1.000 73.07305  ? 14  U   D O2    1 
ATOM   904  N N3    . U   B 1 14 ? 19.78374  17.31701  -8.48883  1.000 89.16511  ? 14  U   D N3    1 
ATOM   905  C C4    . U   B 1 14 ? 18.89295  18.38126  -8.46399  1.000 84.44881  ? 14  U   D C4    1 
ATOM   906  O O4    . U   B 1 14 ? 18.74314  19.10267  -9.45823  1.000 87.84660  ? 14  U   D O4    1 
ATOM   907  C C5    . U   B 1 14 ? 18.20253  18.53885  -7.21987  1.000 81.66313  ? 14  U   D C5    1 
ATOM   908  C C6    . U   B 1 14 ? 18.43909  17.70133  -6.20462  1.000 79.60661  ? 14  U   D C6    1 
ATOM   909  P P     . G   B 1 15 ? 20.63685  13.80507  -1.24884  1.000 84.71410  ? 15  G   D P     1 
ATOM   910  O OP1   . G   B 1 15 ? 19.88857  14.57804  -0.21946  1.000 79.12997  ? 15  G   D OP1   1 
ATOM   911  O OP2   . G   B 1 15 ? 22.11235  13.73553  -1.14001  1.000 90.59897  ? 15  G   D OP2   1 
ATOM   912  O "O5'" . G   B 1 15 ? 20.11853  12.29596  -1.39628  1.000 84.62251  ? 15  G   D "O5'" 1 
ATOM   913  C "C5'" . G   B 1 15 ? 19.09053  11.74319  -0.56560  1.000 80.35051  ? 15  G   D "C5'" 1 
ATOM   914  C "C4'" . G   B 1 15 ? 17.71488  12.29778  -0.88223  1.000 69.84462  ? 15  G   D "C4'" 1 
ATOM   915  O "O4'" . G   B 1 15 ? 17.28617  11.89700  -2.21782  1.000 76.84737  ? 15  G   D "O4'" 1 
ATOM   916  C "C3'" . G   B 1 15 ? 16.59234  11.89009  0.07716   1.000 69.62444  ? 15  G   D "C3'" 1 
ATOM   917  O "O3'" . G   B 1 15 ? 15.90134  13.04886  0.53352   1.000 73.41509  ? 15  G   D "O3'" 1 
ATOM   918  C "C2'" . G   B 1 15 ? 15.66286  11.00908  -0.78208  1.000 62.10809  ? 15  G   D "C2'" 1 
ATOM   919  O "O2'" . G   B 1 15 ? 14.28906  11.09929  -0.45421  1.000 67.75068  ? 15  G   D "O2'" 1 
ATOM   920  C "C1'" . G   B 1 15 ? 15.92140  11.52739  -2.18900  1.000 55.14159  ? 15  G   D "C1'" 1 
ATOM   921  N N9    . G   B 1 15 ? 15.66583  10.54795  -3.25878  1.000 55.49320  ? 15  G   D N9    1 
ATOM   922  C C8    . G   B 1 15 ? 15.94567  9.20226   -3.28709  1.000 58.90604  ? 15  G   D C8    1 
ATOM   923  N N7    . G   B 1 15 ? 15.59951  8.60792   -4.40530  1.000 50.67389  ? 15  G   D N7    1 
ATOM   924  C C5    . G   B 1 15 ? 15.04941  9.61694   -5.16626  1.000 47.00961  ? 15  G   D C5    1 
ATOM   925  C C6    . G   B 1 15 ? 14.48934  9.58548   -6.46706  1.000 49.88571  ? 15  G   D C6    1 
ATOM   926  O O6    . G   B 1 15 ? 14.38378  8.62012   -7.21876  1.000 46.65591  ? 15  G   D O6    1 
ATOM   927  N N1    . G   B 1 15 ? 14.02674  10.82763  -6.87701  1.000 50.59207  ? 15  G   D N1    1 
ATOM   928  C C2    . G   B 1 15 ? 14.11051  11.96828  -6.11725  1.000 61.42114  ? 15  G   D C2    1 
ATOM   929  N N2    . G   B 1 15 ? 13.63197  13.10036  -6.66167  1.000 55.48263  ? 15  G   D N2    1 
ATOM   930  N N3    . G   B 1 15 ? 14.63993  12.01034  -4.90689  1.000 58.44735  ? 15  G   D N3    1 
ATOM   931  C C4    . G   B 1 15 ? 15.08214  10.81141  -4.48491  1.000 59.63001  ? 15  G   D C4    1 
ATOM   932  P P     . A   B 1 16 ? 15.90782  13.41698  2.10159   1.000 64.95596  ? 16  A   D P     1 
ATOM   933  O OP1   . A   B 1 16 ? 15.64112  14.88052  2.21514   1.000 62.30830  ? 16  A   D OP1   1 
ATOM   934  O OP2   . A   B 1 16 ? 17.07079  12.72228  2.71983   1.000 67.93034  ? 16  A   D OP2   1 
ATOM   935  O "O5'" . A   B 1 16 ? 14.57480  12.75705  2.68802   1.000 79.97067  ? 16  A   D "O5'" 1 
ATOM   936  C "C5'" . A   B 1 16 ? 14.50447  11.39528  3.11393   1.000 59.27156  ? 16  A   D "C5'" 1 
ATOM   937  C "C4'" . A   B 1 16 ? 13.12979  11.07022  3.64919   1.000 57.29017  ? 16  A   D "C4'" 1 
ATOM   938  O "O4'" . A   B 1 16 ? 13.03421  11.53305  5.02546   1.000 58.40805  ? 16  A   D "O4'" 1 
ATOM   939  C "C3'" . A   B 1 16 ? 11.97280  11.74073  2.90956   1.000 54.15936  ? 16  A   D "C3'" 1 
ATOM   940  O "O3'" . A   B 1 16 ? 10.81472  10.90849  3.02287   1.000 53.27086  ? 16  A   D "O3'" 1 
ATOM   941  C "C2'" . A   B 1 16 ? 11.76733  13.01173  3.73409   1.000 45.24626  ? 16  A   D "C2'" 1 
ATOM   942  O "O2'" . A   B 1 16 ? 10.51591  13.63471  3.61489   1.000 46.78328  ? 16  A   D "O2'" 1 
ATOM   943  C "C1'" . A   B 1 16 ? 11.97788  12.47885  5.13615   1.000 52.52994  ? 16  A   D "C1'" 1 
ATOM   944  N N9    . A   B 1 16 ? 12.37786  13.49395  6.10583   1.000 70.59941  ? 16  A   D N9    1 
ATOM   945  C C8    . A   B 1 16 ? 13.23917  14.54607  5.91691   1.000 47.35412  ? 16  A   D C8    1 
ATOM   946  N N7    . A   B 1 16 ? 13.40126  15.25019  7.00318   1.000 56.07768  ? 16  A   D N7    1 
ATOM   947  C C5    . A   B 1 16 ? 12.61938  14.63064  7.97302   1.000 63.04873  ? 16  A   D C5    1 
ATOM   948  C C6    . A   B 1 16 ? 12.36814  14.88971  9.33765   1.000 60.26798  ? 16  A   D C6    1 
ATOM   949  N N6    . A   B 1 16 ? 12.88956  15.90078  10.02709  1.000 67.17316  ? 16  A   D N6    1 
ATOM   950  N N1    . A   B 1 16 ? 11.51256  14.08089  9.99097   1.000 59.21880  ? 16  A   D N1    1 
ATOM   951  C C2    . A   B 1 16 ? 10.96371  13.06716  9.32373   1.000 49.44623  ? 16  A   D C2    1 
ATOM   952  N N3    . A   B 1 16 ? 11.12617  12.71264  8.05241   1.000 58.90576  ? 16  A   D N3    1 
ATOM   953  C C4    . A   B 1 16 ? 11.97532  13.54093  7.42414   1.000 70.20368  ? 16  A   D C4    1 
ATOM   954  P P     . G   B 1 17 ? 10.40279  9.89611   1.84487   1.000 48.37157  ? 17  G   D P     1 
ATOM   955  O OP1   . G   B 1 17 ? 10.92663  10.37230  0.55043   1.000 52.99167  ? 17  G   D OP1   1 
ATOM   956  O OP2   . G   B 1 17 ? 8.98289   9.55571   2.02659   1.000 45.60040  ? 17  G   D OP2   1 
ATOM   957  O "O5'" . G   B 1 17 ? 11.22858  8.58188   2.16869   1.000 62.33679  ? 17  G   D "O5'" 1 
ATOM   958  C "C5'" . G   B 1 17 ? 10.74190  7.63399   3.10570   1.000 53.39711  ? 17  G   D "C5'" 1 
ATOM   959  C "C4'" . G   B 1 17 ? 10.51493  6.31183   2.43867   1.000 50.42428  ? 17  G   D "C4'" 1 
ATOM   960  O "O4'" . G   B 1 17 ? 9.29058   6.34887   1.65438   1.000 49.03215  ? 17  G   D "O4'" 1 
ATOM   961  C "C3'" . G   B 1 17 ? 11.57026  5.91052   1.42539   1.000 53.16786  ? 17  G   D "C3'" 1 
ATOM   962  O "O3'" . G   B 1 17 ? 12.75098  5.40397   2.02480   1.000 49.10867  ? 17  G   D "O3'" 1 
ATOM   963  C "C2'" . G   B 1 17 ? 10.82135  4.89059   0.58466   1.000 52.00867  ? 17  G   D "C2'" 1 
ATOM   964  O "O2'" . G   B 1 17 ? 10.68733  3.68546   1.31276   1.000 43.17952  ? 17  G   D "O2'" 1 
ATOM   965  C "C1'" . G   B 1 17 ? 9.43505   5.52199   0.51714   1.000 43.35221  ? 17  G   D "C1'" 1 
ATOM   966  N N9    . G   B 1 17 ? 9.21191   6.30979   -0.71636  1.000 53.53171  ? 17  G   D N9    1 
ATOM   967  C C8    . G   B 1 17 ? 9.08205   7.68529   -0.85114  1.000 49.33351  ? 17  G   D C8    1 
ATOM   968  N N7    . G   B 1 17 ? 8.85663   8.06221   -2.08508  1.000 43.04709  ? 17  G   D N7    1 
ATOM   969  C C5    . G   B 1 17 ? 8.82177   6.87403   -2.80318  1.000 50.85124  ? 17  G   D C5    1 
ATOM   970  C C6    . G   B 1 17 ? 8.60185   6.63795   -4.18811  1.000 46.18068  ? 17  G   D C6    1 
ATOM   971  O O6    . G   B 1 17 ? 8.42388   7.49407   -5.04476  1.000 51.19719  ? 17  G   D O6    1 
ATOM   972  N N1    . G   B 1 17 ? 8.63279   5.28195   -4.53289  1.000 36.37564  ? 17  G   D N1    1 
ATOM   973  C C2    . G   B 1 17 ? 8.86415   4.27864   -3.62133  1.000 39.38040  ? 17  G   D C2    1 
ATOM   974  N N2    . G   B 1 17 ? 8.89937   3.01656   -4.08521  1.000 37.37854  ? 17  G   D N2    1 
ATOM   975  N N3    . G   B 1 17 ? 9.06966   4.49209   -2.32680  1.000 47.00596  ? 17  G   D N3    1 
ATOM   976  C C4    . G   B 1 17 ? 9.04444   5.79069   -1.98004  1.000 41.15878  ? 17  G   D C4    1 
ATOM   977  P P     . G   B 1 18 ? 14.15104  5.43578   1.24876   1.000 48.17809  ? 18  G   D P     1 
ATOM   978  O OP1   . G   B 1 18 ? 15.17430  4.90601   2.18995   1.000 63.76660  ? 18  G   D OP1   1 
ATOM   979  O OP2   . G   B 1 18 ? 14.34687  6.77521   0.63698   1.000 55.27293  ? 18  G   D OP2   1 
ATOM   980  O "O5'" . G   B 1 18 ? 13.99124  4.35356   0.09374   1.000 46.82379  ? 18  G   D "O5'" 1 
ATOM   981  C "C5'" . G   B 1 18 ? 14.15263  2.96778   0.36141   1.000 51.05736  ? 18  G   D "C5'" 1 
ATOM   982  C "C4'" . G   B 1 18 ? 14.10399  2.15050   -0.90472  1.000 50.48576  ? 18  G   D "C4'" 1 
ATOM   983  O "O4'" . G   B 1 18 ? 12.82611  2.34110   -1.56480  1.000 51.08655  ? 18  G   D "O4'" 1 
ATOM   984  C "C3'" . G   B 1 18 ? 15.11335  2.51003   -1.97516  1.000 47.80451  ? 18  G   D "C3'" 1 
ATOM   985  O "O3'" . G   B 1 18 ? 16.38809  1.95795   -1.73253  1.000 68.87861  ? 18  G   D "O3'" 1 
ATOM   986  C "C2'" . G   B 1 18 ? 14.46588  1.96144   -3.23788  1.000 52.07535  ? 18  G   D "C2'" 1 
ATOM   987  O "O2'" . G   B 1 18 ? 14.64582  0.56038   -3.32418  1.000 61.02477  ? 18  G   D "O2'" 1 
ATOM   988  C "C1'" . G   B 1 18 ? 12.99098  2.23872   -2.96743  1.000 49.37835  ? 18  G   D "C1'" 1 
ATOM   989  N N9    . G   B 1 18 ? 12.55996  3.49896   -3.60235  1.000 47.86211  ? 18  G   D N9    1 
ATOM   990  C C8    . G   B 1 18 ? 12.51012  4.72399   -2.99551  1.000 48.89784  ? 18  G   D C8    1 
ATOM   991  N N7    . G   B 1 18 ? 12.12107  5.67245   -3.78950  1.000 45.95729  ? 18  G   D N7    1 
ATOM   992  C C5    . G   B 1 18 ? 11.91527  5.04417   -4.99547  1.000 40.18045  ? 18  G   D C5    1 
ATOM   993  C C6    . G   B 1 18 ? 11.47394  5.60117   -6.21588  1.000 43.18337  ? 18  G   D C6    1 
ATOM   994  O O6    . G   B 1 18 ? 11.17250  6.77547   -6.41271  1.000 43.93287  ? 18  G   D O6    1 
ATOM   995  N N1    . G   B 1 18 ? 11.37096  4.63269   -7.21375  1.000 49.91138  ? 18  G   D N1    1 
ATOM   996  C C2    . G   B 1 18 ? 11.66644  3.29093   -7.01568  1.000 47.29642  ? 18  G   D C2    1 
ATOM   997  N N2    . G   B 1 18 ? 11.53389  2.47553   -8.06705  1.000 43.05874  ? 18  G   D N2    1 
ATOM   998  N N3    . G   B 1 18 ? 12.07979  2.77406   -5.86913  1.000 45.80384  ? 18  G   D N3    1 
ATOM   999  C C4    . G   B 1 18 ? 12.18558  3.70302   -4.90515  1.000 37.11778  ? 18  G   D C4    1 
ATOM   1000 P P     . A   B 1 19 ? 17.70203  2.87469   -1.83861  1.000 59.24162  ? 19  A   D P     1 
ATOM   1001 O OP1   . A   B 1 19 ? 18.84816  1.95228   -1.65056  1.000 73.47592  ? 19  A   D OP1   1 
ATOM   1002 O OP2   . A   B 1 19 ? 17.55903  4.05269   -0.95515  1.000 59.10504  ? 19  A   D OP2   1 
ATOM   1003 O "O5'" . A   B 1 19 ? 17.71542  3.34857   -3.35312  1.000 61.25381  ? 19  A   D "O5'" 1 
ATOM   1004 C "C5'" . A   B 1 19 ? 18.16124  2.46416   -4.37418  1.000 65.09818  ? 19  A   D "C5'" 1 
ATOM   1005 C "C4'" . A   B 1 19 ? 19.48533  2.89687   -4.95919  1.000 78.99923  ? 19  A   D "C4'" 1 
ATOM   1006 O "O4'" . A   B 1 19 ? 19.41402  4.30267   -5.32191  1.000 76.80499  ? 19  A   D "O4'" 1 
ATOM   1007 C "C3'" . A   B 1 19 ? 20.70305  2.75723   -4.03979  1.000 76.73676  ? 19  A   D "C3'" 1 
ATOM   1008 O "O3'" . A   B 1 19 ? 21.83678  2.41169   -4.82588  1.000 75.59951  ? 19  A   D "O3'" 1 
ATOM   1009 C "C2'" . A   B 1 19 ? 20.87682  4.17254   -3.49748  1.000 77.00267  ? 19  A   D "C2'" 1 
ATOM   1010 O "O2'" . A   B 1 19 ? 22.17587  4.49540   -3.05052  1.000 86.05401  ? 19  A   D "O2'" 1 
ATOM   1011 C "C1'" . A   B 1 19 ? 20.47911  5.00488   -4.70595  1.000 84.34025  ? 19  A   D "C1'" 1 
ATOM   1012 N N9    . A   B 1 19 ? 20.01434  6.34649   -4.36498  1.000 75.21462  ? 19  A   D N9    1 
ATOM   1013 C C8    . A   B 1 19 ? 19.13493  6.71722   -3.38284  1.000 60.45092  ? 19  A   D C8    1 
ATOM   1014 N N7    . A   B 1 19 ? 18.92058  8.00564   -3.33232  1.000 62.47782  ? 19  A   D N7    1 
ATOM   1015 C C5    . A   B 1 19 ? 19.71864  8.51279   -4.35155  1.000 86.38075  ? 19  A   D C5    1 
ATOM   1016 C C6    . A   B 1 19 ? 19.94747  9.82061   -4.82286  1.000 86.35268  ? 19  A   D C6    1 
ATOM   1017 N N6    . A   B 1 19 ? 19.36031  10.90371  -4.30498  1.000 78.51445  ? 19  A   D N6    1 
ATOM   1018 N N1    . A   B 1 19 ? 20.80544  9.97259   -5.86028  1.000 82.43542  ? 19  A   D N1    1 
ATOM   1019 C C2    . A   B 1 19 ? 21.38793  8.88329   -6.38423  1.000 84.31443  ? 19  A   D C2    1 
ATOM   1020 N N3    . A   B 1 19 ? 21.25601  7.60448   -6.02885  1.000 87.57481  ? 19  A   D N3    1 
ATOM   1021 C C4    . A   B 1 19 ? 20.39864  7.49470   -4.99711  1.000 87.50532  ? 19  A   D C4    1 
ATOM   1022 P P     . U   B 1 20 ? 22.29686  0.87626   -4.96163  1.000 107.90294 ? 20  U   D P     1 
ATOM   1023 O OP1   . U   B 1 20 ? 21.18288  -0.01181  -4.53656  1.000 89.46213  ? 20  U   D OP1   1 
ATOM   1024 O OP2   . U   B 1 20 ? 23.56754  0.80917   -4.19574  1.000 101.32745 ? 20  U   D OP2   1 
ATOM   1025 O "O5'" . U   B 1 20 ? 22.56465  0.71862   -6.53074  1.000 104.72634 ? 20  U   D "O5'" 1 
ATOM   1026 C "C5'" . U   B 1 20 ? 21.93372  -0.27485  -7.34398  1.000 104.74699 ? 20  U   D "C5'" 1 
ATOM   1027 C "C4'" . U   B 1 20 ? 22.10144  0.05653   -8.80916  1.000 100.24331 ? 20  U   D "C4'" 1 
ATOM   1028 C "C3'" . U   B 1 20 ? 21.45051  -0.88238  -9.81541  1.000 98.22575  ? 20  U   D "C3'" 1 
ATOM   1029 O "O3'" . U   B 1 20 ? 20.06910  -0.60963  -9.99246  1.000 101.86395 ? 20  U   D "O3'" 1 
ATOM   1030 P P     . G   B 1 21 ? 18.98931  -1.81040  -9.98844  1.000 114.85689 ? 21  G   D P     1 
ATOM   1031 O OP1   . G   B 1 21 ? 19.68689  -3.10673  -9.77254  1.000 94.76932  ? 21  G   D OP1   1 
ATOM   1032 O OP2   . G   B 1 21 ? 18.10702  -1.62837  -11.16901 1.000 88.02597  ? 21  G   D OP2   1 
ATOM   1033 O "O5'" . G   B 1 21 ? 18.08230  -1.53143  -8.70658  1.000 97.49047  ? 21  G   D "O5'" 1 
ATOM   1034 C "C5'" . G   B 1 21 ? 18.54811  -0.72285  -7.63353  1.000 91.14558  ? 21  G   D "C5'" 1 
ATOM   1035 C "C4'" . G   B 1 21 ? 17.43485  -0.35502  -6.68711  1.000 73.75306  ? 21  G   D "C4'" 1 
ATOM   1036 O "O4'" . G   B 1 21 ? 17.00253  1.01589   -6.93360  1.000 71.40855  ? 21  G   D "O4'" 1 
ATOM   1037 C "C3'" . G   B 1 21 ? 16.17715  -1.22012  -6.78115  1.000 66.00995  ? 21  G   D "C3'" 1 
ATOM   1038 O "O3'" . G   B 1 21 ? 15.62445  -1.36677  -5.47751  1.000 68.13754  ? 21  G   D "O3'" 1 
ATOM   1039 C "C2'" . G   B 1 21 ? 15.23412  -0.34069  -7.59364  1.000 66.41764  ? 21  G   D "C2'" 1 
ATOM   1040 O "O2'" . G   B 1 21 ? 13.86661  -0.63314  -7.41374  1.000 64.67813  ? 21  G   D "O2'" 1 
ATOM   1041 C "C1'" . G   B 1 21 ? 15.59740  1.03425   -7.04924  1.000 61.40480  ? 21  G   D "C1'" 1 
ATOM   1042 N N9    . G   B 1 21 ? 15.15832  2.17591   -7.85973  1.000 49.01638  ? 21  G   D N9    1 
ATOM   1043 C C8    . G   B 1 21 ? 14.72632  2.16260   -9.15867  1.000 57.18667  ? 21  G   D C8    1 
ATOM   1044 N N7    . G   B 1 21 ? 14.37535  3.33127   -9.60860  1.000 51.70560  ? 21  G   D N7    1 
ATOM   1045 C C5    . G   B 1 21 ? 14.57357  4.17108   -8.52580  1.000 41.15948  ? 21  G   D C5    1 
ATOM   1046 C C6    . G   B 1 21 ? 14.34621  5.56203   -8.40913  1.000 48.05814  ? 21  G   D C6    1 
ATOM   1047 O O6    . G   B 1 21 ? 13.92335  6.34973   -9.26229  1.000 55.21568  ? 21  G   D O6    1 
ATOM   1048 N N1    . G   B 1 21 ? 14.68139  6.02023   -7.14735  1.000 44.47077  ? 21  G   D N1    1 
ATOM   1049 C C2    . G   B 1 21 ? 15.16102  5.23610   -6.12611  1.000 49.54552  ? 21  G   D C2    1 
ATOM   1050 N N2    . G   B 1 21 ? 15.41655  5.86965   -4.97528  1.000 49.62284  ? 21  G   D N2    1 
ATOM   1051 N N3    . G   B 1 21 ? 15.36349  3.93139   -6.21392  1.000 49.49452  ? 21  G   D N3    1 
ATOM   1052 C C4    . G   B 1 21 ? 15.05005  3.47195   -7.44140  1.000 42.55056  ? 21  G   D C4    1 
ATOM   1053 P P     . A   B 1 22 ? 16.36228  -2.26242  -4.37194  1.000 70.16053  ? 22  A   D P     1 
ATOM   1054 O OP1   . A   B 1 22 ? 17.03328  -1.33005  -3.42750  1.000 77.72331  ? 22  A   D OP1   1 
ATOM   1055 O OP2   . A   B 1 22 ? 17.13810  -3.30227  -5.10381  1.000 66.50514  ? 22  A   D OP2   1 
ATOM   1056 O "O5'" . A   B 1 22 ? 15.17037  -2.98913  -3.59151  1.000 65.26358  ? 22  A   D "O5'" 1 
ATOM   1057 C "C5'" . A   B 1 22 ? 14.60254  -4.20592  -4.08331  1.000 55.08992  ? 22  A   D "C5'" 1 
ATOM   1058 C "C4'" . A   B 1 22 ? 13.11949  -4.29786  -3.80382  1.000 65.42364  ? 22  A   D "C4'" 1 
ATOM   1059 O "O4'" . A   B 1 22 ? 12.88543  -4.05687  -2.38903  1.000 65.56657  ? 22  A   D "O4'" 1 
ATOM   1060 C "C3'" . A   B 1 22 ? 12.25487  -3.28811  -4.55850  1.000 71.58646  ? 22  A   D "C3'" 1 
ATOM   1061 O "O3'" . A   B 1 22 ? 10.98013  -3.85603  -4.85797  1.000 68.25315  ? 22  A   D "O3'" 1 
ATOM   1062 C "C2'" . A   B 1 22 ? 12.07916  -2.16213  -3.54780  1.000 62.42405  ? 22  A   D "C2'" 1 
ATOM   1063 O "O2'" . A   B 1 22 ? 10.90730  -1.40445  -3.73904  1.000 61.29310  ? 22  A   D "O2'" 1 
ATOM   1064 C "C1'" . A   B 1 22 ? 12.05011  -2.92134  -2.21828  1.000 53.34127  ? 22  A   D "C1'" 1 
ATOM   1065 N N9    . A   B 1 22 ? 12.59648  -2.14726  -1.09882  1.000 55.19308  ? 22  A   D N9    1 
ATOM   1066 C C8    . A   B 1 22 ? 13.93232  -1.93363  -0.82594  1.000 52.49790  ? 22  A   D C8    1 
ATOM   1067 N N7    . A   B 1 22 ? 14.16183  -1.20920  0.24950   1.000 51.65989  ? 22  A   D N7    1 
ATOM   1068 C C5    . A   B 1 22 ? 12.89862  -0.91616  0.70309   1.000 44.69185  ? 22  A   D C5    1 
ATOM   1069 C C6    . A   B 1 22 ? 12.47362  -0.18436  1.80027   1.000 46.41742  ? 22  A   D C6    1 
ATOM   1070 N N6    . A   B 1 22 ? 13.32176  0.40160   2.63354   1.000 46.86837  ? 22  A   D N6    1 
ATOM   1071 N N1    . A   B 1 22 ? 11.14141  -0.07024  1.99888   1.000 53.37663  ? 22  A   D N1    1 
ATOM   1072 C C2    . A   B 1 22 ? 10.31206  -0.67439  1.14100   1.000 48.51188  ? 22  A   D C2    1 
ATOM   1073 N N3    . A   B 1 22 ? 10.59804  -1.40270  0.06318   1.000 46.96583  ? 22  A   D N3    1 
ATOM   1074 C C4    . A   B 1 22 ? 11.92046  -1.48469  -0.10375  1.000 44.14969  ? 22  A   D C4    1 
ATOM   1075 P P     . G   B 1 23 ? 10.75333  -4.62946  -6.24576  1.000 75.00764  ? 23  G   D P     1 
ATOM   1076 O OP1   . G   B 1 23 ? 9.42884   -5.30058  -6.14594  1.000 61.75202  ? 23  G   D OP1   1 
ATOM   1077 O OP2   . G   B 1 23 ? 12.01900  -5.33349  -6.58321  1.000 63.58709  ? 23  G   D OP2   1 
ATOM   1078 O "O5'" . G   B 1 23 ? 10.62292  -3.47971  -7.34126  1.000 70.94529  ? 23  G   D "O5'" 1 
ATOM   1079 C "C5'" . G   B 1 23 ? 9.51164   -2.60515  -7.33140  1.000 61.13036  ? 23  G   D "C5'" 1 
ATOM   1080 C "C4'" . G   B 1 23 ? 8.95694   -2.36848  -8.70953  1.000 53.99193  ? 23  G   D "C4'" 1 
ATOM   1081 O "O4'" . G   B 1 23 ? 7.77182   -1.55639  -8.56262  1.000 60.07442  ? 23  G   D "O4'" 1 
ATOM   1082 C "C3'" . G   B 1 23 ? 9.85954   -1.57887  -9.65174  1.000 67.46352  ? 23  G   D "C3'" 1 
ATOM   1083 O "O3'" . G   B 1 23 ? 10.70678  -2.40207  -10.42637 1.000 61.61466  ? 23  G   D "O3'" 1 
ATOM   1084 C "C2'" . G   B 1 23 ? 8.88280   -0.78026  -10.50082 1.000 65.46180  ? 23  G   D "C2'" 1 
ATOM   1085 O "O2'" . G   B 1 23 ? 8.36545   -1.58344  -11.54640 1.000 71.63812  ? 23  G   D "O2'" 1 
ATOM   1086 C "C1'" . G   B 1 23 ? 7.76146   -0.51722  -9.51101  1.000 59.76429  ? 23  G   D "C1'" 1 
ATOM   1087 N N9    . G   B 1 23 ? 7.90352   0.75421   -8.76989  1.000 56.53693  ? 23  G   D N9    1 
ATOM   1088 C C8    . G   B 1 23 ? 8.26939   0.82148   -7.45000  1.000 44.92026  ? 23  G   D C8    1 
ATOM   1089 N N7    . G   B 1 23 ? 8.26895   2.02346   -6.97950  1.000 44.45039  ? 23  G   D N7    1 
ATOM   1090 C C5    . G   B 1 23 ? 7.87669   2.79703   -8.06255  1.000 45.53775  ? 23  G   D C5    1 
ATOM   1091 C C6    . G   B 1 23 ? 7.70268   4.18479   -8.12220  1.000 44.56250  ? 23  G   D C6    1 
ATOM   1092 O O6    . G   B 1 23 ? 7.86970   4.97404   -7.20053  1.000 43.43892  ? 23  G   D O6    1 
ATOM   1093 N N1    . G   B 1 23 ? 7.27609   4.60954   -9.38088  1.000 53.33097  ? 23  G   D N1    1 
ATOM   1094 C C2    . G   B 1 23 ? 7.04259   3.77750   -10.45306 1.000 56.97458  ? 23  G   D C2    1 
ATOM   1095 N N2    . G   B 1 23 ? 6.64370   4.38716   -11.57922 1.000 51.21538  ? 23  G   D N2    1 
ATOM   1096 N N3    . G   B 1 23 ? 7.19495   2.45862   -10.41490 1.000 46.41309  ? 23  G   D N3    1 
ATOM   1097 C C4    . G   B 1 23 ? 7.61911   2.04440   -9.18539  1.000 53.36980  ? 23  G   D C4    1 
ATOM   1098 P P     . G   B 1 24 ? 12.08743  -1.81132  -10.99248 1.000 76.79118  ? 24  G   D P     1 
ATOM   1099 O OP1   . G   B 1 24 ? 12.81116  -2.97067  -11.57444 1.000 68.61032  ? 24  G   D OP1   1 
ATOM   1100 O OP2   . G   B 1 24 ? 12.72636  -1.00216  -9.91295  1.000 65.21163  ? 24  G   D OP2   1 
ATOM   1101 O "O5'" . G   B 1 24 ? 11.66212  -0.77222  -12.13274 1.000 66.97269  ? 24  G   D "O5'" 1 
ATOM   1102 C "C5'" . G   B 1 24 ? 11.04040  -1.19396  -13.33787 1.000 66.36983  ? 24  G   D "C5'" 1 
ATOM   1103 C "C4'" . G   B 1 24 ? 10.73564  -0.02818  -14.25243 1.000 63.66789  ? 24  G   D "C4'" 1 
ATOM   1104 O "O4'" . G   B 1 24 ? 9.67250   0.79101   -13.69190 1.000 70.54049  ? 24  G   D "O4'" 1 
ATOM   1105 C "C3'" . G   B 1 24 ? 11.86817  0.96086   -14.48293 1.000 70.10575  ? 24  G   D "C3'" 1 
ATOM   1106 O "O3'" . G   B 1 24 ? 12.83173  0.51575   -15.41401 1.000 64.94505  ? 24  G   D "O3'" 1 
ATOM   1107 C "C2'" . G   B 1 24 ? 11.12514  2.22356   -14.90668 1.000 69.68978  ? 24  G   D "C2'" 1 
ATOM   1108 O "O2'" . G   B 1 24 ? 10.66703  2.12524   -16.25171 1.000 68.81488  ? 24  G   D "O2'" 1 
ATOM   1109 C "C1'" . G   B 1 24 ? 9.90971   2.16102   -13.98751 1.000 61.23518  ? 24  G   D "C1'" 1 
ATOM   1110 N N9    . G   B 1 24 ? 10.14185  2.87974   -12.71834 1.000 54.84754  ? 24  G   D N9    1 
ATOM   1111 C C8    . G   B 1 24 ? 10.64807  2.33380   -11.56392 1.000 51.01091  ? 24  G   D C8    1 
ATOM   1112 N N7    . G   B 1 24 ? 10.74512  3.19127   -10.58815 1.000 51.78580  ? 24  G   D N7    1 
ATOM   1113 C C5    . G   B 1 24 ? 10.28294  4.37524   -11.13163 1.000 50.47811  ? 24  G   D C5    1 
ATOM   1114 C C6    . G   B 1 24 ? 10.14812  5.64053   -10.53268 1.000 48.95982  ? 24  G   D C6    1 
ATOM   1115 O O6    . G   B 1 24 ? 10.41625  5.98572   -9.37987  1.000 53.24560  ? 24  G   D O6    1 
ATOM   1116 N N1    . G   B 1 24 ? 9.63006   6.55422   -11.41811 1.000 54.48874  ? 24  G   D N1    1 
ATOM   1117 C C2    . G   B 1 24 ? 9.29062   6.30526   -12.72310 1.000 55.67214  ? 24  G   D C2    1 
ATOM   1118 N N2    . G   B 1 24 ? 8.80403   7.35098   -13.41162 1.000 52.85246  ? 24  G   D N2    1 
ATOM   1119 N N3    . G   B 1 24 ? 9.41380   5.13123   -13.29777 1.000 52.61520  ? 24  G   D N3    1 
ATOM   1120 C C4    . G   B 1 24 ? 9.90442   4.20934   -12.44314 1.000 57.13802  ? 24  G   D C4    1 
ATOM   1121 P P     . C   B 1 25 ? 14.37195  0.52329   -14.98811 1.000 84.79369  ? 25  C   D P     1 
ATOM   1122 O OP1   . C   B 1 25 ? 14.89850  -0.86734  -15.02350 1.000 87.55169  ? 25  C   D OP1   1 
ATOM   1123 O OP2   . C   B 1 25 ? 14.46823  1.29449   -13.72097 1.000 74.32659  ? 25  C   D OP2   1 
ATOM   1124 O "O5'" . C   B 1 25 ? 15.06783  1.35877   -16.13765 1.000 78.37766  ? 25  C   D "O5'" 1 
ATOM   1125 C "C5'" . C   B 1 25 ? 14.52894  2.60218   -16.54911 1.000 75.52759  ? 25  C   D "C5'" 1 
ATOM   1126 C "C4'" . C   B 1 25 ? 15.62309  3.52816   -17.00041 1.000 87.44591  ? 25  C   D "C4'" 1 
ATOM   1127 O "O4'" . C   B 1 25 ? 16.73157  3.42131   -16.06874 1.000 87.40348  ? 25  C   D "O4'" 1 
ATOM   1128 C "C3'" . C   B 1 25 ? 16.19833  3.22904   -18.38265 1.000 97.49180  ? 25  C   D "C3'" 1 
ATOM   1129 O "O3'" . C   B 1 25 ? 16.59333  4.45570   -18.99583 1.000 100.21483 ? 25  C   D "O3'" 1 
ATOM   1130 C "C2'" . C   B 1 25 ? 17.43664  2.39973   -18.06163 1.000 97.27532  ? 25  C   D "C2'" 1 
ATOM   1131 O "O2'" . C   B 1 25 ? 18.43154  2.43705   -19.06198 1.000 97.44167  ? 25  C   D "O2'" 1 
ATOM   1132 C "C1'" . C   B 1 25 ? 17.90857  3.05277   -16.76501 1.000 99.65721  ? 25  C   D "C1'" 1 
ATOM   1133 N N1    . C   B 1 25 ? 18.70541  2.18155   -15.88378 1.000 100.59634 ? 25  C   D N1    1 
ATOM   1134 C C2    . C   B 1 25 ? 19.87631  2.71950   -15.34729 1.000 96.50350  ? 25  C   D C2    1 
ATOM   1135 O O2    . C   B 1 25 ? 20.17845  3.88168   -15.64889 1.000 100.29995 ? 25  C   D O2    1 
ATOM   1136 N N3    . C   B 1 25 ? 20.64073  1.97359   -14.51634 1.000 106.97033 ? 25  C   D N3    1 
ATOM   1137 C C4    . C   B 1 25 ? 20.27626  0.72551   -14.21470 1.000 102.45194 ? 25  C   D C4    1 
ATOM   1138 N N4    . C   B 1 25 ? 21.07543  0.03101   -13.39276 1.000 93.75194  ? 25  C   D N4    1 
ATOM   1139 C C5    . C   B 1 25 ? 19.08031  0.14811   -14.74784 1.000 88.31947  ? 25  C   D C5    1 
ATOM   1140 C C6    . C   B 1 25 ? 18.32741  0.90295   -15.56348 1.000 92.58361  ? 25  C   D C6    1 
ATOM   1141 P P     . G   B 1 26 ? 16.21819  4.74471   -20.52901 1.000 120.01365 ? 26  G   D P     1 
ATOM   1142 O OP1   . G   B 1 26 ? 16.56440  3.50712   -21.27340 1.000 120.17882 ? 26  G   D OP1   1 
ATOM   1143 O OP2   . G   B 1 26 ? 16.78803  6.05818   -20.92561 1.000 106.50035 ? 26  G   D OP2   1 
ATOM   1144 O "O5'" . G   B 1 26 ? 14.62947  4.88682   -20.54289 1.000 97.80328  ? 26  G   D "O5'" 1 
ATOM   1145 C "C5'" . G   B 1 26 ? 13.95930  5.80201   -19.68222 1.000 87.36373  ? 26  G   D "C5'" 1 
ATOM   1146 C "C4'" . G   B 1 26 ? 12.86753  5.10755   -18.90746 1.000 85.47385  ? 26  G   D "C4'" 1 
ATOM   1147 O "O4'" . G   B 1 26 ? 13.03645  5.36303   -17.48266 1.000 80.52613  ? 26  G   D "O4'" 1 
ATOM   1148 C "C3'" . G   B 1 26 ? 11.43207  5.52253   -19.25373 1.000 82.31864  ? 26  G   D "C3'" 1 
ATOM   1149 O "O3'" . G   B 1 26 ? 10.57676  4.37671   -19.20027 1.000 95.69071  ? 26  G   D "O3'" 1 
ATOM   1150 C "C2'" . G   B 1 26 ? 11.07070  6.45573   -18.10502 1.000 76.91233  ? 26  G   D "C2'" 1 
ATOM   1151 O "O2'" . G   B 1 26 ? 9.68835   6.55573   -17.84589 1.000 79.47786  ? 26  G   D "O2'" 1 
ATOM   1152 C "C1'" . G   B 1 26 ? 11.80695  5.79213   -16.94692 1.000 75.85870  ? 26  G   D "C1'" 1 
ATOM   1153 N N9    . G   B 1 26 ? 12.00005  6.64531   -15.76329 1.000 74.33849  ? 26  G   D N9    1 
ATOM   1154 C C8    . G   B 1 26 ? 11.65938  7.97744   -15.66747 1.000 66.96340  ? 26  G   D C8    1 
ATOM   1155 N N7    . G   B 1 26 ? 11.86814  8.48904   -14.48934 1.000 60.71240  ? 26  G   D N7    1 
ATOM   1156 C C5    . G   B 1 26 ? 12.35605  7.42539   -13.74185 1.000 59.70123  ? 26  G   D C5    1 
ATOM   1157 C C6    . G   B 1 26 ? 12.75080  7.37312   -12.38118 1.000 56.47392  ? 26  G   D C6    1 
ATOM   1158 O O6    . G   B 1 26 ? 12.74697  8.28390   -11.55597 1.000 62.64765  ? 26  G   D O6    1 
ATOM   1159 N N1    . G   B 1 26 ? 13.18686  6.10927   -12.00989 1.000 52.10792  ? 26  G   D N1    1 
ATOM   1160 C C2    . G   B 1 26 ? 13.21553  5.01506   -12.83935 1.000 56.81104  ? 26  G   D C2    1 
ATOM   1161 N N2    . G   B 1 26 ? 13.65518  3.86959   -12.29044 1.000 54.57284  ? 26  G   D N2    1 
ATOM   1162 N N3    . G   B 1 26 ? 12.84661  5.04447   -14.11152 1.000 58.50492  ? 26  G   D N3    1 
ATOM   1163 C C4    . G   B 1 26 ? 12.43099  6.27302   -14.50180 1.000 67.02555  ? 26  G   D C4    1 
ATOM   1164 P P     . A   B 1 27 ? 10.19105  3.57110   -20.54176 1.000 110.25813 ? 27  A   D P     1 
ATOM   1165 O OP1   . A   B 1 27 ? 10.09796  2.13920   -20.18157 1.000 80.92134  ? 27  A   D OP1   1 
ATOM   1166 O OP2   . A   B 1 27 ? 11.12144  3.99689   -21.61753 1.000 101.62582 ? 27  A   D OP2   1 
ATOM   1167 O "O5'" . A   B 1 27 ? 8.72304   4.10593   -20.90690 1.000 87.99398  ? 27  A   D "O5'" 1 
ATOM   1168 C "C5'" . A   B 1 27 ? 7.60075   3.68542   -20.14360 1.000 77.74784  ? 27  A   D "C5'" 1 
HETATM 1169 C C10   . QSA C 2 .  ? -18.41801 -6.68483  14.39789  1.000 71.41827  ? 101 QSA B C10   1 
HETATM 1170 C C11   . QSA C 2 .  ? -19.50132 -7.30173  13.77124  1.000 81.16578  ? 101 QSA B C11   1 
HETATM 1171 C C01   . QSA C 2 .  ? -14.35786 -8.73416  19.86124  1.000 79.98533  ? 101 QSA B C01   1 
HETATM 1172 C C03   . QSA C 2 .  ? -14.49829 -6.65932  18.42119  1.000 88.46602  ? 101 QSA B C03   1 
HETATM 1173 C C05   . QSA C 2 .  ? -14.05422 -5.89772  17.17489  1.000 87.75391  ? 101 QSA B C05   1 
HETATM 1174 C C07   . QSA C 2 .  ? -16.10998 -5.47782  15.92057  1.000 79.30148  ? 101 QSA B C07   1 
HETATM 1175 C C08   . QSA C 2 .  ? -16.33505 -6.94048  15.52689  1.000 80.13134  ? 101 QSA B C08   1 
HETATM 1176 C C09   . QSA C 2 .  ? -17.40699 -7.45230  14.93115  1.000 77.77889  ? 101 QSA B C09   1 
HETATM 1177 C C13   . QSA C 2 .  ? -20.70355 -9.25892  13.02783  1.000 78.61605  ? 101 QSA B C13   1 
HETATM 1178 C C14   . QSA C 2 .  ? -18.55280 -9.44162  14.21093  1.000 75.74174  ? 101 QSA B C14   1 
HETATM 1179 C C15   . QSA C 2 .  ? -18.62480 -10.86621 14.11786  1.000 84.08437  ? 101 QSA B C15   1 
HETATM 1180 C C16   . QSA C 2 .  ? -17.61043 -11.65794 14.64997  1.000 82.36024  ? 101 QSA B C16   1 
HETATM 1181 C C17   . QSA C 2 .  ? -16.51612 -11.06209 15.27706  1.000 79.24340  ? 101 QSA B C17   1 
HETATM 1182 C C18   . QSA C 2 .  ? -16.44336 -9.67712  15.36838  1.000 77.88513  ? 101 QSA B C18   1 
HETATM 1183 C C19   . QSA C 2 .  ? -17.48288 -8.86366  14.82499  1.000 75.11774  ? 101 QSA B C19   1 
HETATM 1184 C C21   . QSA C 2 .  ? -16.08168 -2.94505  16.38124  1.000 92.69295  ? 101 QSA B C21   1 
HETATM 1185 C C22   . QSA C 2 .  ? -16.11939 -1.56265  16.60815  1.000 83.80483  ? 101 QSA B C22   1 
HETATM 1186 C C23   . QSA C 2 .  ? -15.10488 -0.96633  17.37747  1.000 89.21715  ? 101 QSA B C23   1 
HETATM 1187 C C24   . QSA C 2 .  ? -14.06759 -1.73528  17.91442  1.000 83.05300  ? 101 QSA B C24   1 
HETATM 1188 C C25   . QSA C 2 .  ? -14.03553 -3.09813  17.69630  1.000 80.31155  ? 101 QSA B C25   1 
HETATM 1189 C C26   . QSA C 2 .  ? -15.05974 -3.70366  16.91141  1.000 84.41658  ? 101 QSA B C26   1 
HETATM 1190 N N02   . QSA C 2 .  ? -13.95461 -7.99513  18.68410  1.000 86.63841  ? 101 QSA B N02   1 
HETATM 1191 N N06   . QSA C 2 .  ? -15.09905 -5.02960  16.65505  1.000 86.91275  ? 101 QSA B N06   1 
HETATM 1192 N N12   . QSA C 2 .  ? -19.55855 -8.64446  13.68346  1.000 85.30853  ? 101 QSA B N12   1 
HETATM 1193 O O04   . QSA C 2 .  ? -15.28018 -6.15892  19.16178  1.000 91.53965  ? 101 QSA B O04   1 
HETATM 1194 S S20   . QSA C 2 .  ? -17.08979 -4.09952  15.53555  1.000 84.96150  ? 101 QSA B S20   1 
HETATM 1195 C C10   . QSA D 2 .  ? -15.13310 -4.13691  12.44843  1.000 60.96341  ? 102 QSA B C10   1 
HETATM 1196 C C11   . QSA D 2 .  ? -15.32098 -2.76221  12.62839  1.000 75.99674  ? 102 QSA B C11   1 
HETATM 1197 C C01   . QSA D 2 .  ? -11.12716 -9.00944  16.35319  1.000 81.69635  ? 102 QSA B C01   1 
HETATM 1198 C C03   . QSA D 2 .  ? -12.67958 -8.70656  14.36491  1.000 71.56415  ? 102 QSA B C03   1 
HETATM 1199 C C05   . QSA D 2 .  ? -12.88911 -8.76947  12.86593  1.000 68.32458  ? 102 QSA B C05   1 
HETATM 1200 C C07   . QSA D 2 .  ? -14.64356 -7.16768  12.44306  1.000 73.50585  ? 102 QSA B C07   1 
HETATM 1201 C C08   . QSA D 2 .  ? -13.78285 -6.03382  12.98686  1.000 67.58525  ? 102 QSA B C08   1 
HETATM 1202 C C09   . QSA D 2 .  ? -14.08434 -4.75209  13.07879  1.000 63.25788  ? 102 QSA B C09   1 
HETATM 1203 C C13   . QSA D 2 .  ? -14.67929 -0.61220  13.58307  1.000 76.02928  ? 102 QSA B C13   1 
HETATM 1204 C C14   . QSA D 2 .  ? -13.42660 -2.65842  14.03078  1.000 60.64586  ? 102 QSA B C14   1 
HETATM 1205 C C15   . QSA D 2 .  ? -12.54656 -1.90423  14.83705  1.000 63.77361  ? 102 QSA B C15   1 
HETATM 1206 C C16   . QSA D 2 .  ? -11.49522 -2.56811  15.46202  1.000 76.62925  ? 102 QSA B C16   1 
HETATM 1207 C C17   . QSA D 2 .  ? -11.26881 -3.93836  15.31617  1.000 69.40734  ? 102 QSA B C17   1 
HETATM 1208 C C18   . QSA D 2 .  ? -12.13384 -4.66589  14.51747  1.000 72.33356  ? 102 QSA B C18   1 
HETATM 1209 C C19   . QSA D 2 .  ? -13.22178 -3.99561  13.88016  1.000 66.88155  ? 102 QSA B C19   1 
HETATM 1210 C C21   . QSA D 2 .  ? -16.31433 -8.86004  11.47567  1.000 70.33698  ? 102 QSA B C21   1 
HETATM 1211 C C22   . QSA D 2 .  ? -17.26377 -9.73296  10.94068  1.000 73.74977  ? 102 QSA B C22   1 
HETATM 1212 C C23   . QSA D 2 .  ? -16.95485 -11.09871 10.84019  1.000 78.56482  ? 102 QSA B C23   1 
HETATM 1213 C C24   . QSA D 2 .  ? -15.71396 -11.57882 11.26723  1.000 77.84128  ? 102 QSA B C24   1 
HETATM 1214 C C25   . QSA D 2 .  ? -14.77721 -10.71763 11.79439  1.000 66.89466  ? 102 QSA B C25   1 
HETATM 1215 C C26   . QSA D 2 .  ? -15.09062 -9.33305  11.89772  1.000 70.92149  ? 102 QSA B C26   1 
HETATM 1216 N N02   . QSA D 2 .  ? -11.36708 -9.05135  14.91962  1.000 81.53649  ? 102 QSA B N02   1 
HETATM 1217 N N06   . QSA D 2 .  ? -14.22784 -8.41542  12.41085  1.000 82.83459  ? 102 QSA B N06   1 
HETATM 1218 N N12   . QSA D 2 .  ? -14.48213 -2.04475  13.40540  1.000 82.47673  ? 102 QSA B N12   1 
HETATM 1219 O O04   . QSA D 2 .  ? -13.58117 -8.38040  15.05694  1.000 83.01217  ? 102 QSA B O04   1 
HETATM 1220 S S20   . QSA D 2 .  ? -16.25850 -7.14175  11.78226  1.000 95.01379  ? 102 QSA B S20   1 
HETATM 1221 K K     . K   E 3 .  ? -9.68666  -7.91776  10.03377  1.000 46.12634  ? 103 K   B K     1 
HETATM 1222 K K     . K   F 3 .  ? -7.58373  -7.71062  7.04436   1.000 49.03357  ? 104 K   B K     1 
HETATM 1223 C C10   A QSA G 2 .  ? 17.06398  13.91511  -13.31579 0.500 82.53913  ? 101 QSA D C10   1 
HETATM 1224 C C10   B QSA G 2 .  ? 16.74926  10.46492  -10.17080 0.500 65.22118  ? 101 QSA D C10   1 
HETATM 1225 C C11   A QSA G 2 .  ? 18.19692  14.72942  -13.18885 0.500 85.04056  ? 101 QSA D C11   1 
HETATM 1226 C C11   B QSA G 2 .  ? 17.03081  9.22508   -9.70607  0.500 54.81552  ? 101 QSA D C11   1 
HETATM 1227 C C01   A QSA G 2 .  ? 16.61311  5.87541   -11.10941 0.500 54.88397  ? 101 QSA D C01   1 
HETATM 1228 C C01   B QSA G 2 .  ? 18.95169  15.35598  -14.63348 0.500 83.32137  ? 101 QSA D C01   1 
HETATM 1229 C C03   A QSA G 2 .  ? 16.23407  8.36743   -11.69225 0.500 72.16759  ? 101 QSA D C03   1 
HETATM 1230 C C03   B QSA G 2 .  ? 16.66864  15.33399  -13.57660 0.500 86.32957  ? 101 QSA D C03   1 
HETATM 1231 C C05   A QSA G 2 .  ? 16.71163  9.56872   -12.51796 0.500 71.73184  ? 101 QSA D C05   1 
HETATM 1232 C C05   B QSA G 2 .  ? 15.45585  14.57884  -13.00253 0.500 78.91968  ? 101 QSA D C05   1 
HETATM 1233 C C07   A QSA G 2 .  ? 15.38542  11.33719  -13.48343 0.500 65.02007  ? 101 QSA D C07   1 
HETATM 1234 C C07   B QSA G 2 .  ? 15.85219  13.13289  -11.07844 0.500 73.45814  ? 101 QSA D C07   1 
HETATM 1235 C C08   A QSA G 2 .  ? 15.61488  12.33442  -12.34368 0.500 70.68971  ? 101 QSA D C08   1 
HETATM 1236 C C08   B QSA G 2 .  ? 16.01513  11.82419  -11.88942 0.500 71.42540  ? 101 QSA D C08   1 
HETATM 1237 C C09   A QSA G 2 .  ? 16.68511  13.11423  -12.26510 0.500 75.48411  ? 101 QSA D C09   1 
HETATM 1238 C C09   B QSA G 2 .  ? 16.28289  10.56211  -11.44650 0.500 72.77920  ? 101 QSA D C09   1 
HETATM 1239 C C13   A QSA G 2 .  ? 20.08618  15.58113  -11.94488 0.500 78.70145  ? 101 QSA D C13   1 
HETATM 1240 C C13   B QSA G 2 .  ? 17.17083  6.93472   -9.92282  0.500 57.02946  ? 101 QSA D C13   1 
HETATM 1241 C C14   A QSA G 2 .  ? 18.55508  13.93178  -10.98471 0.500 78.00626  ? 101 QSA D C14   1 
HETATM 1242 C C14   B QSA G 2 .  ? 16.33408  8.31240   -11.91575 0.500 72.24300  ? 101 QSA D C14   1 
HETATM 1243 C C15   A QSA G 2 .  ? 19.32956  13.94199  -9.78612  0.500 80.41540  ? 101 QSA D C15   1 
HETATM 1244 C C15   B QSA G 2 .  ? 15.79395  9.18489   -13.20684 0.500 67.87163  ? 101 QSA D C15   1 
HETATM 1245 C C16   A QSA G 2 .  ? 18.96263  13.13682  -8.70858  0.500 81.92754  ? 101 QSA D C16   1 
HETATM 1246 C C16   B QSA G 2 .  ? 15.44199  8.51784   -14.38879 0.500 65.50131  ? 101 QSA D C16   1 
HETATM 1247 C C17   A QSA G 2 .  ? 17.83428  12.31625  -8.79405  0.500 72.98398  ? 101 QSA D C17   1 
HETATM 1248 C C17   B QSA G 2 .  ? 15.73732  7.29240   -13.89780 0.500 64.20318  ? 101 QSA D C17   1 
HETATM 1249 C C18   A QSA G 2 .  ? 17.07762  12.30487  -9.96477  0.500 73.05221  ? 101 QSA D C18   1 
HETATM 1250 C C18   B QSA G 2 .  ? 16.12933  7.78695   -12.64795 0.500 68.04991  ? 101 QSA D C18   1 
HETATM 1251 C C19   A QSA G 2 .  ? 17.45213  13.12910  -11.07235 0.500 78.51509  ? 101 QSA D C19   1 
HETATM 1252 C C19   B QSA G 2 .  ? 16.07867  9.40445   -12.34874 0.500 71.22189  ? 101 QSA D C19   1 
HETATM 1253 C C21   A QSA G 2 .  ? 14.69913  10.02638  -15.58521 0.500 63.99634  ? 101 QSA D C21   1 
HETATM 1254 C C21   B QSA G 2 .  ? 15.64815  15.07347  -9.36547  0.500 75.19707  ? 101 QSA D C21   1 
HETATM 1255 C C22   A QSA G 2 .  ? 14.29822  9.37337   -16.75042 0.500 68.58692  ? 101 QSA D C22   1 
HETATM 1256 C C22   B QSA G 2 .  ? 15.54735  16.06357  -8.38530  0.500 75.13224  ? 101 QSA D C22   1 
HETATM 1257 C C23   A QSA G 2 .  ? 14.71358  8.05874   -16.98630 0.500 72.71330  ? 101 QSA D C23   1 
HETATM 1258 C C23   B QSA G 2 .  ? 15.28402  17.38482  -8.75218  0.500 76.24441  ? 101 QSA D C23   1 
HETATM 1259 C C24   A QSA G 2 .  ? 15.52833  7.40512   -16.06971 0.500 67.71788  ? 101 QSA D C24   1 
HETATM 1260 C C24   B QSA G 2 .  ? 15.12579  17.70126  -10.09661 0.500 80.21407  ? 101 QSA D C24   1 
HETATM 1261 C C25   A QSA G 2 .  ? 15.92443  8.05414   -14.92048 0.500 67.01167  ? 101 QSA D C25   1 
HETATM 1262 C C25   B QSA G 2 .  ? 15.21743  16.71991  -11.05945 0.500 77.34980  ? 101 QSA D C25   1 
HETATM 1263 C C26   A QSA G 2 .  ? 15.50106  9.39041   -14.67072 0.500 66.19075  ? 101 QSA D C26   1 
HETATM 1264 C C26   B QSA G 2 .  ? 15.49020  15.37471  -10.69098 0.500 77.02455  ? 101 QSA D C26   1 
HETATM 1265 N N02   A QSA G 2 .  ? 16.94526  7.08385   -11.84161 0.500 71.61850  ? 101 QSA D N02   1 
HETATM 1266 N N02   B QSA G 2 .  ? 17.82747  14.60956  -14.10272 0.500 85.11323  ? 101 QSA D N02   1 
HETATM 1267 N N06   A QSA G 2 .  ? 15.83948  10.09868  -13.55856 0.500 66.32718  ? 101 QSA D N06   1 
HETATM 1268 N N06   B QSA G 2 .  ? 15.60281  14.34488  -11.57484 0.500 77.59595  ? 101 QSA D N06   1 
HETATM 1269 N N12   A QSA G 2 .  ? 18.91396  14.73145  -12.05071 0.500 77.53588  ? 101 QSA D N12   1 
HETATM 1270 N N12   B QSA G 2 .  ? 16.82727  8.22756   -10.55589 0.500 66.75739  ? 101 QSA D N12   1 
HETATM 1271 O O04   A QSA G 2 .  ? 15.33064  8.49919   -10.92993 0.500 67.40143  ? 101 QSA D O04   1 
HETATM 1272 O O04   B QSA G 2 .  ? 16.67834  16.52256  -13.60804 0.500 82.33834  ? 101 QSA D O04   1 
HETATM 1273 S S20   A QSA G 2 .  ? 14.42723  11.60846  -14.90566 0.500 71.22379  ? 101 QSA D S20   1 
HETATM 1274 S S20   B QSA G 2 .  ? 15.94902  13.35941  -9.35607  0.500 69.62541  ? 101 QSA D S20   1 
HETATM 1275 K K     . K   H 3 .  ? 8.75938   7.52839   -7.76683  1.000 48.62856  ? 102 K   D K     1 
HETATM 1276 K K     . K   I 3 .  ? 12.04131  8.26870   -8.80673  1.000 51.71341  ? 103 K   D K     1 
# 
